data_8UKH
#
_entry.id   8UKH
#
_cell.length_a   59.689
_cell.length_b   59.728
_cell.length_c   153.445
_cell.angle_alpha   82.070
_cell.angle_beta   82.200
_cell.angle_gamma   72.270
#
_symmetry.space_group_name_H-M   'P 1'
#
loop_
_entity.id
_entity.type
_entity.pdbx_description
1 polymer 'Cell traversal protein for ookinetes and sporozoites'
2 polymer '4h12 heavy chain'
3 polymer '4h12 light chain'
4 water water
#
loop_
_entity_poly.entity_id
_entity_poly.type
_entity_poly.pdbx_seq_one_letter_code
_entity_poly.pdbx_strand_id
1 'polypeptide(L)'
;MGFRGNNGHNSSSSLYNGSQFIEQLNNSFTSAFLESQSMNKIGDDLAETISNELVSVLQKNSPTFLESSFDIKSEVKKHA
KSMLKELIKVGLPSFENLVAENVKPPKVDPATYGIIVPVLTSLFNKVETAVGAKVSDEIWNYNSPDVSESEESLSDDFFD
LEHHHHHH
;
A,B,C,D
2 'polypeptide(L)'
;QVQLQQSGPELVKPGASVKISCKASGYALSSSWLNWVKQRPGQGLEWIGRIFPGDGDTNYNGKFKGKATLTADKSSSTAY
LQLSSLTSVDSAVYFCARGGTVVFDYWGQGTTLTVSSAKTTPPSVYPLAPGSAAQTNSMVTLGCLVKGYFPEPVTVTWNS
GSLSSGVHTFPAVLQSDLYTLSSSVTVPSSTWPSETVTCNVAHPASSTKVDKKIVPRD
;
H,I,J,K
3 'polypeptide(L)'
;DIVMTQSHKFMSTSVGDRVNITCKASQDVGIAVAWYQQRPGQSPKLLIYWASKRHTGVHDRFTGTGSGTDFTLTISTVQS
EDLADYFCQQYSNSLTFGAGTTLELSRADAAPTVSIFPPSSEQLTSGGASVVCFLNNFYPKDINVKWKIDGSERQNGVLN
SWTDQDSKDSTYSMSSTLTLTKDEYERHNSYACEATHKTSTSPIVKSFNR
;
L,M,N,O
#
# COMPACT_ATOMS: atom_id res chain seq x y z
N SER A 38 -24.82 5.04 46.54
CA SER A 38 -25.07 3.93 45.63
C SER A 38 -25.03 2.61 46.37
N MET A 39 -23.88 2.29 46.96
CA MET A 39 -23.75 1.07 47.73
C MET A 39 -24.61 1.11 48.99
N ASN A 40 -24.86 2.31 49.52
CA ASN A 40 -25.71 2.51 50.69
C ASN A 40 -27.13 2.89 50.31
N LYS A 41 -27.45 2.92 49.02
CA LYS A 41 -28.83 3.21 48.60
C LYS A 41 -29.80 2.20 49.20
N ILE A 42 -29.45 0.91 49.11
CA ILE A 42 -30.29 -0.16 49.62
C ILE A 42 -29.87 -0.62 51.01
N GLY A 43 -28.65 -0.31 51.44
CA GLY A 43 -28.27 -0.61 52.81
C GLY A 43 -29.15 0.10 53.81
N ASP A 44 -29.48 1.37 53.53
CA ASP A 44 -30.32 2.14 54.45
C ASP A 44 -31.76 1.65 54.44
N ASP A 45 -32.34 1.47 53.25
CA ASP A 45 -33.73 1.02 53.15
C ASP A 45 -33.93 -0.26 53.95
N LEU A 46 -32.98 -1.19 53.85
CA LEU A 46 -33.10 -2.46 54.55
C LEU A 46 -32.99 -2.26 56.06
N ALA A 47 -32.08 -1.39 56.51
CA ALA A 47 -31.99 -1.08 57.93
C ALA A 47 -33.28 -0.43 58.42
N GLU A 48 -33.88 0.44 57.60
CA GLU A 48 -35.14 1.07 57.98
C GLU A 48 -36.25 0.04 58.14
N THR A 49 -36.37 -0.87 57.18
CA THR A 49 -37.40 -1.90 57.25
C THR A 49 -37.19 -2.78 58.49
N ILE A 50 -35.93 -3.14 58.77
CA ILE A 50 -35.64 -3.97 59.93
C ILE A 50 -36.02 -3.24 61.21
N SER A 51 -35.61 -1.98 61.32
CA SER A 51 -35.83 -1.24 62.56
C SER A 51 -37.31 -1.07 62.85
N ASN A 52 -38.11 -0.80 61.81
CA ASN A 52 -39.54 -0.57 62.03
C ASN A 52 -40.25 -1.85 62.47
N GLU A 53 -39.98 -2.97 61.80
CA GLU A 53 -40.68 -4.21 62.13
C GLU A 53 -40.26 -4.77 63.48
N LEU A 54 -38.97 -4.67 63.81
CA LEU A 54 -38.52 -5.13 65.12
C LEU A 54 -39.19 -4.32 66.23
N VAL A 55 -39.31 -3.00 66.04
CA VAL A 55 -39.90 -2.15 67.08
C VAL A 55 -41.38 -2.47 67.25
N SER A 56 -42.12 -2.58 66.14
CA SER A 56 -43.54 -2.87 66.24
C SER A 56 -43.80 -4.20 66.95
N VAL A 57 -42.92 -5.18 66.76
CA VAL A 57 -43.08 -6.45 67.46
C VAL A 57 -42.74 -6.29 68.93
N LEU A 58 -41.64 -5.60 69.23
CA LEU A 58 -41.26 -5.38 70.62
C LEU A 58 -42.41 -4.73 71.39
N GLN A 59 -43.01 -3.68 70.81
CA GLN A 59 -44.09 -2.97 71.48
C GLN A 59 -45.28 -3.88 71.73
N LYS A 60 -45.66 -4.68 70.73
CA LYS A 60 -46.83 -5.53 70.84
C LYS A 60 -46.59 -6.77 71.70
N ASN A 61 -45.33 -7.10 72.00
CA ASN A 61 -44.99 -8.30 72.74
C ASN A 61 -44.16 -7.99 73.99
N SER A 62 -44.22 -6.74 74.48
CA SER A 62 -43.45 -6.35 75.65
C SER A 62 -44.37 -6.13 76.83
N PRO A 63 -44.10 -6.75 77.98
CA PRO A 63 -44.91 -6.46 79.19
C PRO A 63 -44.71 -5.04 79.70
N THR A 64 -43.67 -4.35 79.24
CA THR A 64 -43.35 -3.00 79.63
C THR A 64 -43.66 -2.07 78.48
N PHE A 65 -44.26 -0.92 78.75
CA PHE A 65 -44.38 0.07 77.69
C PHE A 65 -42.98 0.53 77.31
N LEU A 66 -42.65 0.47 76.03
CA LEU A 66 -41.32 0.82 75.56
C LEU A 66 -41.26 2.33 75.39
N GLU A 67 -40.52 2.99 76.26
CA GLU A 67 -40.44 4.44 76.27
C GLU A 67 -39.41 4.92 75.26
N SER A 68 -39.64 6.12 74.74
CA SER A 68 -38.74 6.76 73.77
C SER A 68 -38.35 5.78 72.66
N SER A 69 -39.37 5.25 71.98
CA SER A 69 -39.13 4.30 70.90
C SER A 69 -38.32 4.92 69.76
N PHE A 70 -38.33 6.25 69.63
CA PHE A 70 -37.46 6.89 68.65
C PHE A 70 -36.00 6.54 68.91
N ASP A 71 -35.58 6.61 70.18
CA ASP A 71 -34.21 6.24 70.52
C ASP A 71 -33.98 4.75 70.31
N ILE A 72 -34.96 3.91 70.63
CA ILE A 72 -34.81 2.47 70.44
C ILE A 72 -34.54 2.16 68.97
N LYS A 73 -35.37 2.71 68.08
CA LYS A 73 -35.20 2.45 66.65
C LYS A 73 -33.80 2.80 66.20
N SER A 74 -33.32 3.98 66.62
CA SER A 74 -32.05 4.49 66.13
C SER A 74 -30.91 3.56 66.50
N GLU A 75 -30.90 3.07 67.74
CA GLU A 75 -29.90 2.08 68.13
C GLU A 75 -30.03 0.83 67.27
N VAL A 76 -31.27 0.39 67.02
CA VAL A 76 -31.48 -0.77 66.16
C VAL A 76 -31.07 -0.45 64.73
N LYS A 77 -31.32 0.78 64.27
CA LYS A 77 -31.00 1.10 62.88
C LYS A 77 -29.50 1.25 62.68
N LYS A 78 -28.79 1.90 63.60
CA LYS A 78 -27.34 1.96 63.49
C LYS A 78 -26.74 0.56 63.58
N HIS A 79 -27.20 -0.22 64.56
CA HIS A 79 -26.71 -1.59 64.68
C HIS A 79 -27.09 -2.41 63.45
N ALA A 80 -28.29 -2.18 62.91
CA ALA A 80 -28.69 -2.85 61.68
C ALA A 80 -27.75 -2.50 60.54
N LYS A 81 -27.41 -1.21 60.39
CA LYS A 81 -26.56 -0.80 59.28
C LYS A 81 -25.19 -1.46 59.36
N SER A 82 -24.54 -1.35 60.52
CA SER A 82 -23.19 -1.90 60.65
C SER A 82 -23.17 -3.39 60.36
N MET A 83 -24.16 -4.13 60.86
CA MET A 83 -24.21 -5.57 60.65
C MET A 83 -24.73 -5.95 59.27
N LEU A 84 -25.50 -5.06 58.61
CA LEU A 84 -25.81 -5.28 57.20
C LEU A 84 -24.54 -5.21 56.36
N LYS A 85 -23.64 -4.28 56.68
CA LYS A 85 -22.37 -4.20 55.97
C LYS A 85 -21.48 -5.40 56.25
N GLU A 86 -21.68 -6.10 57.36
CA GLU A 86 -20.97 -7.36 57.59
C GLU A 86 -21.62 -8.51 56.83
N LEU A 87 -22.96 -8.56 56.83
CA LEU A 87 -23.64 -9.63 56.12
C LEU A 87 -23.30 -9.61 54.63
N ILE A 88 -23.26 -8.41 54.03
CA ILE A 88 -22.99 -8.31 52.61
C ILE A 88 -21.59 -8.81 52.26
N LYS A 89 -20.67 -8.82 53.22
CA LYS A 89 -19.28 -9.13 52.94
C LYS A 89 -18.98 -10.63 52.92
N VAL A 90 -19.95 -11.49 53.18
CA VAL A 90 -19.75 -12.94 53.04
C VAL A 90 -19.90 -13.33 51.57
N GLY A 91 -20.03 -12.34 50.70
CA GLY A 91 -20.16 -12.58 49.27
C GLY A 91 -18.92 -13.16 48.62
N LEU A 92 -17.85 -12.36 48.52
CA LEU A 92 -16.65 -12.81 47.81
C LEU A 92 -15.35 -12.39 48.49
N PRO A 93 -15.20 -12.57 49.80
CA PRO A 93 -13.92 -12.14 50.41
C PRO A 93 -12.84 -13.20 50.31
N SER A 94 -12.37 -13.45 49.08
CA SER A 94 -11.29 -14.39 48.85
C SER A 94 -9.96 -13.64 48.68
N SER B 38 -43.01 -18.18 68.14
CA SER B 38 -43.84 -16.98 68.15
C SER B 38 -42.96 -15.73 68.04
N MET B 39 -42.03 -15.59 68.98
CA MET B 39 -41.03 -14.52 68.87
C MET B 39 -40.25 -14.68 67.57
N ASN B 40 -39.95 -15.93 67.19
CA ASN B 40 -39.06 -16.24 66.09
C ASN B 40 -39.77 -16.48 64.76
N LYS B 41 -41.11 -16.44 64.73
CA LYS B 41 -41.78 -16.56 63.43
C LYS B 41 -41.41 -15.38 62.54
N ILE B 42 -41.60 -14.16 63.05
CA ILE B 42 -41.29 -12.97 62.27
C ILE B 42 -39.79 -12.89 61.99
N GLY B 43 -38.97 -13.24 62.98
CA GLY B 43 -37.53 -13.21 62.85
C GLY B 43 -37.03 -13.89 61.58
N ASP B 44 -37.43 -15.14 61.38
CA ASP B 44 -36.97 -15.88 60.20
C ASP B 44 -37.41 -15.18 58.91
N ASP B 45 -38.64 -14.68 58.88
CA ASP B 45 -39.13 -14.00 57.68
C ASP B 45 -38.38 -12.69 57.45
N LEU B 46 -38.09 -11.95 58.51
CA LEU B 46 -37.27 -10.75 58.37
C LEU B 46 -35.88 -11.11 57.85
N ALA B 47 -35.32 -12.23 58.33
CA ALA B 47 -34.06 -12.70 57.79
C ALA B 47 -34.19 -13.09 56.33
N GLU B 48 -35.32 -13.71 55.95
CA GLU B 48 -35.50 -14.12 54.57
C GLU B 48 -35.43 -12.92 53.62
N THR B 49 -36.14 -11.84 53.96
CA THR B 49 -36.10 -10.65 53.12
C THR B 49 -34.70 -10.04 53.11
N ILE B 50 -34.06 -9.95 54.28
CA ILE B 50 -32.70 -9.44 54.34
C ILE B 50 -31.79 -10.30 53.45
N SER B 51 -31.89 -11.62 53.58
CA SER B 51 -30.97 -12.52 52.90
C SER B 51 -31.10 -12.40 51.39
N ASN B 52 -32.33 -12.46 50.88
CA ASN B 52 -32.52 -12.47 49.43
C ASN B 52 -32.22 -11.12 48.81
N GLU B 53 -32.57 -10.03 49.50
CA GLU B 53 -32.29 -8.70 48.97
C GLU B 53 -30.79 -8.44 48.87
N LEU B 54 -30.03 -8.84 49.90
CA LEU B 54 -28.58 -8.69 49.84
C LEU B 54 -28.01 -9.48 48.66
N VAL B 55 -28.56 -10.67 48.39
CA VAL B 55 -28.08 -11.48 47.29
C VAL B 55 -28.35 -10.81 45.95
N SER B 56 -29.57 -10.26 45.78
CA SER B 56 -29.91 -9.64 44.51
C SER B 56 -28.99 -8.45 44.21
N VAL B 57 -28.83 -7.56 45.19
CA VAL B 57 -27.91 -6.43 45.02
C VAL B 57 -26.49 -6.93 44.81
N LEU B 58 -26.10 -7.97 45.57
CA LEU B 58 -24.76 -8.52 45.44
C LEU B 58 -24.52 -9.08 44.04
N GLN B 59 -25.51 -9.77 43.48
CA GLN B 59 -25.36 -10.32 42.13
C GLN B 59 -25.28 -9.22 41.09
N LYS B 60 -26.19 -8.24 41.14
CA LYS B 60 -26.28 -7.25 40.07
C LYS B 60 -25.11 -6.28 40.06
N ASN B 61 -24.31 -6.21 41.12
CA ASN B 61 -23.17 -5.31 41.17
C ASN B 61 -21.84 -6.04 41.31
N SER B 62 -21.85 -7.37 41.22
CA SER B 62 -20.60 -8.13 41.40
C SER B 62 -19.82 -8.16 40.09
N PRO B 63 -18.50 -7.90 40.13
CA PRO B 63 -17.69 -8.06 38.92
C PRO B 63 -17.57 -9.51 38.46
N THR B 64 -17.97 -10.48 39.29
CA THR B 64 -17.88 -11.89 38.98
C THR B 64 -19.28 -12.52 39.03
N PHE B 65 -19.37 -13.76 38.56
CA PHE B 65 -20.67 -14.39 38.36
C PHE B 65 -21.38 -14.71 39.68
N LEU B 66 -20.63 -15.03 40.73
CA LEU B 66 -21.22 -15.45 42.01
C LEU B 66 -21.97 -16.77 41.88
N GLU B 67 -21.25 -17.82 41.53
CA GLU B 67 -21.83 -19.14 41.45
C GLU B 67 -22.12 -19.68 42.85
N SER B 68 -22.88 -20.79 42.89
CA SER B 68 -23.28 -21.43 44.13
C SER B 68 -24.02 -20.44 45.05
N SER B 69 -24.91 -19.65 44.45
CA SER B 69 -25.60 -18.61 45.23
C SER B 69 -26.54 -19.18 46.27
N PHE B 70 -26.89 -20.46 46.18
CA PHE B 70 -27.64 -21.09 47.27
C PHE B 70 -26.82 -21.06 48.56
N ASP B 71 -25.52 -21.32 48.47
CA ASP B 71 -24.66 -21.28 49.63
C ASP B 71 -24.34 -19.85 50.08
N ILE B 72 -24.33 -18.89 49.15
CA ILE B 72 -24.22 -17.48 49.55
C ILE B 72 -25.42 -17.10 50.40
N LYS B 73 -26.62 -17.41 49.92
CA LYS B 73 -27.83 -17.00 50.62
C LYS B 73 -27.92 -17.64 51.99
N SER B 74 -27.62 -18.94 52.07
CA SER B 74 -27.80 -19.66 53.33
C SER B 74 -26.89 -19.11 54.43
N GLU B 75 -25.63 -18.81 54.09
CA GLU B 75 -24.76 -18.18 55.06
C GLU B 75 -25.32 -16.83 55.51
N VAL B 76 -25.80 -16.04 54.55
CA VAL B 76 -26.36 -14.72 54.89
C VAL B 76 -27.60 -14.88 55.74
N LYS B 77 -28.51 -15.78 55.35
CA LYS B 77 -29.75 -15.94 56.11
C LYS B 77 -29.46 -16.46 57.51
N LYS B 78 -28.50 -17.38 57.65
CA LYS B 78 -28.11 -17.84 58.98
C LYS B 78 -27.50 -16.71 59.79
N HIS B 79 -26.53 -16.00 59.21
CA HIS B 79 -25.93 -14.86 59.90
C HIS B 79 -26.98 -13.81 60.22
N ALA B 80 -27.92 -13.59 59.30
CA ALA B 80 -28.95 -12.57 59.50
C ALA B 80 -29.76 -12.86 60.75
N LYS B 81 -30.07 -14.14 61.00
CA LYS B 81 -30.89 -14.47 62.16
C LYS B 81 -30.16 -14.13 63.46
N SER B 82 -28.87 -14.45 63.55
CA SER B 82 -28.11 -14.08 64.74
C SER B 82 -28.07 -12.57 64.91
N MET B 83 -27.89 -11.84 63.81
CA MET B 83 -27.97 -10.38 63.87
C MET B 83 -29.30 -9.94 64.45
N LEU B 84 -30.39 -10.53 63.98
CA LEU B 84 -31.71 -10.13 64.45
C LEU B 84 -31.87 -10.40 65.94
N LYS B 85 -31.31 -11.50 66.43
CA LYS B 85 -31.36 -11.77 67.86
C LYS B 85 -30.66 -10.68 68.66
N GLU B 86 -29.50 -10.23 68.18
CA GLU B 86 -28.78 -9.18 68.89
C GLU B 86 -29.46 -7.82 68.74
N LEU B 87 -29.99 -7.52 67.55
CA LEU B 87 -30.74 -6.28 67.37
C LEU B 87 -31.95 -6.24 68.31
N ILE B 88 -32.66 -7.36 68.43
CA ILE B 88 -33.79 -7.44 69.35
C ILE B 88 -33.34 -7.14 70.77
N LYS B 89 -32.12 -7.54 71.12
CA LYS B 89 -31.68 -7.43 72.51
C LYS B 89 -31.47 -5.98 72.95
N VAL B 90 -31.13 -5.07 72.04
CA VAL B 90 -30.83 -3.70 72.49
C VAL B 90 -32.06 -3.05 73.12
N GLY B 91 -33.25 -3.59 72.89
CA GLY B 91 -34.43 -3.13 73.60
C GLY B 91 -34.54 -3.78 74.97
N LEU B 92 -33.58 -3.46 75.89
CA LEU B 92 -33.55 -4.10 77.19
C LEU B 92 -34.40 -3.30 78.19
N PRO B 93 -34.92 -3.97 79.23
CA PRO B 93 -35.58 -3.27 80.34
C PRO B 93 -34.72 -2.17 80.95
N GLN C 37 42.65 18.72 -69.38
CA GLN C 37 41.21 18.83 -69.54
C GLN C 37 40.46 17.63 -68.97
N SER C 38 40.22 16.64 -69.83
CA SER C 38 39.24 15.60 -69.50
C SER C 38 39.68 14.75 -68.31
N MET C 39 40.98 14.62 -68.07
CA MET C 39 41.43 13.69 -67.04
C MET C 39 41.17 14.23 -65.64
N ASN C 40 41.52 15.51 -65.40
CA ASN C 40 41.33 16.09 -64.08
C ASN C 40 39.91 16.59 -63.83
N LYS C 41 39.08 16.67 -64.88
CA LYS C 41 37.70 17.11 -64.72
C LYS C 41 36.69 15.97 -64.73
N ILE C 42 37.03 14.83 -65.33
CA ILE C 42 36.27 13.62 -65.04
C ILE C 42 36.52 13.19 -63.59
N GLY C 43 37.76 13.33 -63.12
CA GLY C 43 38.05 13.02 -61.73
C GLY C 43 37.27 13.91 -60.77
N ASP C 44 37.23 15.21 -61.04
CA ASP C 44 36.43 16.11 -60.21
C ASP C 44 34.99 15.65 -60.13
N ASP C 45 34.38 15.38 -61.29
CA ASP C 45 32.98 14.98 -61.32
C ASP C 45 32.76 13.63 -60.66
N LEU C 46 33.70 12.70 -60.85
CA LEU C 46 33.57 11.40 -60.18
C LEU C 46 33.60 11.58 -58.66
N ALA C 47 34.50 12.44 -58.16
CA ALA C 47 34.54 12.68 -56.72
C ALA C 47 33.27 13.34 -56.21
N GLU C 48 32.72 14.29 -56.97
CA GLU C 48 31.47 14.92 -56.58
C GLU C 48 30.37 13.88 -56.41
N THR C 49 30.28 12.94 -57.35
CA THR C 49 29.28 11.87 -57.24
C THR C 49 29.52 11.00 -56.02
N ILE C 50 30.79 10.66 -55.76
CA ILE C 50 31.11 9.77 -54.65
C ILE C 50 30.73 10.42 -53.31
N SER C 51 31.13 11.68 -53.11
CA SER C 51 30.88 12.33 -51.83
C SER C 51 29.40 12.57 -51.61
N ASN C 52 28.66 12.92 -52.66
CA ASN C 52 27.22 13.16 -52.51
C ASN C 52 26.51 11.88 -52.08
N GLU C 53 26.80 10.75 -52.75
CA GLU C 53 26.11 9.51 -52.44
C GLU C 53 26.51 8.98 -51.06
N LEU C 54 27.79 9.10 -50.69
CA LEU C 54 28.21 8.69 -49.36
C LEU C 54 27.53 9.54 -48.29
N VAL C 55 27.46 10.85 -48.51
CA VAL C 55 26.84 11.74 -47.52
C VAL C 55 25.35 11.43 -47.38
N SER C 56 24.66 11.24 -48.50
CA SER C 56 23.24 10.92 -48.45
C SER C 56 23.00 9.66 -47.64
N VAL C 57 23.80 8.62 -47.89
CA VAL C 57 23.64 7.36 -47.18
C VAL C 57 23.93 7.54 -45.70
N LEU C 58 24.91 8.39 -45.37
CA LEU C 58 25.26 8.63 -43.97
C LEU C 58 24.22 9.48 -43.25
N GLN C 59 23.37 10.19 -44.00
CA GLN C 59 22.28 10.96 -43.42
C GLN C 59 21.02 10.14 -43.18
N LYS C 60 20.88 9.03 -43.90
CA LYS C 60 19.75 8.13 -43.79
C LYS C 60 20.05 6.94 -42.89
N ASN C 61 21.31 6.77 -42.48
CA ASN C 61 21.72 5.66 -41.66
C ASN C 61 22.38 6.07 -40.35
N SER C 62 22.86 7.31 -40.23
CA SER C 62 23.59 7.70 -39.03
C SER C 62 22.68 7.70 -37.81
N PRO C 63 23.15 7.23 -36.66
CA PRO C 63 22.33 7.30 -35.44
C PRO C 63 22.17 8.71 -34.88
N THR C 64 23.05 9.64 -35.22
CA THR C 64 22.99 11.01 -34.72
C THR C 64 23.04 11.97 -35.90
N PHE C 65 22.50 13.17 -35.70
CA PHE C 65 22.04 13.99 -36.82
C PHE C 65 23.16 14.39 -37.78
N LEU C 66 24.42 14.32 -37.37
CA LEU C 66 25.55 14.69 -38.23
C LEU C 66 25.52 16.16 -38.68
N GLU C 67 25.78 17.06 -37.71
CA GLU C 67 25.93 18.49 -38.03
C GLU C 67 26.93 18.76 -39.15
N SER C 68 26.79 19.90 -39.83
CA SER C 68 27.79 20.40 -40.78
C SER C 68 28.08 19.38 -41.88
N SER C 69 27.04 19.05 -42.64
CA SER C 69 27.21 18.18 -43.80
C SER C 69 28.19 18.77 -44.79
N PHE C 70 28.15 20.09 -44.99
CA PHE C 70 29.04 20.74 -45.95
C PHE C 70 30.49 20.36 -45.70
N ASP C 71 30.92 20.40 -44.44
CA ASP C 71 32.29 20.03 -44.13
C ASP C 71 32.53 18.54 -44.36
N ILE C 72 31.54 17.70 -44.02
CA ILE C 72 31.69 16.25 -44.26
C ILE C 72 31.87 15.97 -45.74
N LYS C 73 31.00 16.53 -46.58
CA LYS C 73 31.15 16.37 -48.01
C LYS C 73 32.52 16.81 -48.48
N SER C 74 32.98 17.96 -47.95
CA SER C 74 34.25 18.50 -48.39
C SER C 74 35.40 17.56 -48.05
N GLU C 75 35.40 17.00 -46.84
CA GLU C 75 36.47 16.10 -46.43
C GLU C 75 36.43 14.81 -47.22
N VAL C 76 35.24 14.29 -47.49
CA VAL C 76 35.13 13.08 -48.32
C VAL C 76 35.58 13.38 -49.75
N LYS C 77 35.14 14.52 -50.30
CA LYS C 77 35.50 14.86 -51.68
C LYS C 77 37.00 15.10 -51.81
N LYS C 78 37.60 15.83 -50.86
CA LYS C 78 39.05 16.00 -50.87
C LYS C 78 39.75 14.66 -50.93
N HIS C 79 39.28 13.69 -50.13
CA HIS C 79 39.88 12.36 -50.12
C HIS C 79 39.47 11.55 -51.34
N ALA C 80 38.26 11.76 -51.85
CA ALA C 80 37.84 11.06 -53.07
C ALA C 80 38.73 11.46 -54.25
N LYS C 81 38.95 12.77 -54.42
CA LYS C 81 39.79 13.25 -55.51
C LYS C 81 41.17 12.61 -55.47
N SER C 82 41.84 12.67 -54.32
CA SER C 82 43.18 12.13 -54.22
C SER C 82 43.21 10.63 -54.46
N MET C 83 42.25 9.89 -53.90
CA MET C 83 42.22 8.45 -54.07
C MET C 83 42.02 8.08 -55.54
N LEU C 84 41.24 8.87 -56.27
CA LEU C 84 41.02 8.59 -57.69
C LEU C 84 42.33 8.64 -58.48
N LYS C 85 43.26 9.52 -58.09
CA LYS C 85 44.52 9.61 -58.81
C LYS C 85 45.40 8.39 -58.63
N GLU C 86 45.12 7.54 -57.63
CA GLU C 86 45.86 6.30 -57.45
C GLU C 86 45.14 5.10 -58.03
N LEU C 87 43.82 5.17 -58.21
CA LEU C 87 43.12 4.12 -58.91
C LEU C 87 43.53 4.06 -60.38
N ILE C 88 43.74 5.23 -61.00
CA ILE C 88 44.14 5.25 -62.40
C ILE C 88 45.54 4.72 -62.63
N LYS C 89 46.34 4.58 -61.57
CA LYS C 89 47.71 4.11 -61.70
C LYS C 89 47.82 2.59 -61.75
N VAL C 90 46.71 1.88 -61.98
CA VAL C 90 46.75 0.46 -62.29
C VAL C 90 46.45 0.18 -63.76
N GLY C 91 46.01 1.19 -64.52
CA GLY C 91 45.79 1.06 -65.94
C GLY C 91 46.85 1.72 -66.81
N LEU C 92 47.90 2.26 -66.20
CA LEU C 92 49.08 2.77 -66.88
C LEU C 92 50.22 1.89 -66.35
N PRO C 93 51.45 2.03 -66.85
CA PRO C 93 52.58 1.49 -66.08
C PRO C 93 52.57 2.11 -64.69
N SER C 94 52.33 1.29 -63.69
CA SER C 94 52.02 1.79 -62.35
C SER C 94 53.10 2.74 -61.86
N GLN D 37 23.10 -4.09 -45.07
CA GLN D 37 22.75 -4.45 -46.44
C GLN D 37 23.03 -3.30 -47.40
N SER D 38 22.23 -2.23 -47.30
CA SER D 38 22.40 -1.10 -48.21
C SER D 38 23.77 -0.46 -48.10
N MET D 39 24.45 -0.62 -46.95
CA MET D 39 25.73 0.05 -46.75
C MET D 39 26.85 -0.55 -47.59
N ASN D 40 26.74 -1.83 -47.94
CA ASN D 40 27.74 -2.50 -48.80
C ASN D 40 27.11 -2.93 -50.13
N LYS D 41 26.04 -2.25 -50.53
CA LYS D 41 25.46 -2.34 -51.86
C LYS D 41 25.57 -1.04 -52.62
N ILE D 42 25.35 0.09 -51.95
CA ILE D 42 25.74 1.38 -52.53
C ILE D 42 27.23 1.37 -52.83
N GLY D 43 28.03 0.80 -51.92
CA GLY D 43 29.46 0.75 -52.15
C GLY D 43 29.84 -0.08 -53.36
N ASP D 44 29.24 -1.27 -53.49
CA ASP D 44 29.49 -2.10 -54.66
C ASP D 44 29.17 -1.34 -55.94
N ASP D 45 27.97 -0.76 -56.01
CA ASP D 45 27.56 -0.04 -57.20
C ASP D 45 28.41 1.21 -57.42
N LEU D 46 28.77 1.90 -56.33
CA LEU D 46 29.63 3.06 -56.45
C LEU D 46 31.01 2.69 -56.97
N ALA D 47 31.50 1.49 -56.63
CA ALA D 47 32.76 1.02 -57.18
C ALA D 47 32.61 0.61 -58.64
N GLU D 48 31.49 -0.06 -58.98
CA GLU D 48 31.24 -0.40 -60.37
C GLU D 48 31.23 0.84 -61.24
N THR D 49 30.59 1.92 -60.76
CA THR D 49 30.59 3.17 -61.50
C THR D 49 32.00 3.74 -61.63
N ILE D 50 32.73 3.81 -60.52
CA ILE D 50 34.11 4.27 -60.55
C ILE D 50 34.94 3.39 -61.47
N SER D 51 34.79 2.07 -61.32
CA SER D 51 35.59 1.13 -62.10
C SER D 51 35.33 1.30 -63.59
N ASN D 52 34.05 1.45 -63.98
CA ASN D 52 33.73 1.60 -65.40
C ASN D 52 34.17 2.97 -65.92
N GLU D 53 33.96 4.03 -65.13
CA GLU D 53 34.34 5.37 -65.58
C GLU D 53 35.84 5.45 -65.85
N LEU D 54 36.65 4.87 -64.97
CA LEU D 54 38.10 4.99 -65.10
C LEU D 54 38.62 4.16 -66.28
N VAL D 55 38.07 2.97 -66.49
CA VAL D 55 38.53 2.15 -67.61
C VAL D 55 38.24 2.85 -68.94
N SER D 56 37.09 3.52 -69.03
CA SER D 56 36.72 4.18 -70.28
C SER D 56 37.73 5.26 -70.66
N VAL D 57 38.11 6.10 -69.69
CA VAL D 57 39.04 7.19 -70.00
C VAL D 57 40.40 6.64 -70.38
N LEU D 58 40.85 5.57 -69.69
CA LEU D 58 42.14 4.98 -70.02
C LEU D 58 42.14 4.40 -71.43
N GLN D 59 41.05 3.74 -71.82
CA GLN D 59 40.99 3.15 -73.15
C GLN D 59 41.06 4.20 -74.25
N LYS D 60 40.55 5.40 -74.00
CA LYS D 60 40.59 6.46 -75.00
C LYS D 60 41.79 7.39 -74.84
N ASN D 61 42.40 7.44 -73.66
CA ASN D 61 43.54 8.32 -73.43
C ASN D 61 44.88 7.58 -73.37
N SER D 62 44.88 6.29 -73.10
CA SER D 62 46.13 5.56 -72.96
C SER D 62 46.91 5.64 -74.27
N PRO D 63 48.23 5.84 -74.22
CA PRO D 63 49.04 5.73 -75.45
C PRO D 63 49.27 4.29 -75.88
N THR D 64 48.67 3.31 -75.20
CA THR D 64 48.81 1.90 -75.53
C THR D 64 47.44 1.25 -75.47
N PHE D 65 47.35 0.03 -76.04
CA PHE D 65 46.04 -0.61 -76.20
C PHE D 65 45.37 -0.92 -74.87
N LEU D 66 46.15 -1.22 -73.83
CA LEU D 66 45.62 -1.65 -72.54
C LEU D 66 44.91 -3.00 -72.64
N GLU D 67 45.65 -4.03 -73.07
CA GLU D 67 45.08 -5.37 -73.09
C GLU D 67 44.72 -5.82 -71.67
N SER D 68 43.78 -6.77 -71.59
CA SER D 68 43.29 -7.32 -70.33
C SER D 68 42.45 -6.29 -69.54
N SER D 69 41.53 -5.62 -70.25
CA SER D 69 40.69 -4.63 -69.59
C SER D 69 39.81 -5.26 -68.51
N PHE D 70 39.41 -6.52 -68.69
CA PHE D 70 38.68 -7.21 -67.63
C PHE D 70 39.48 -7.19 -66.33
N ASP D 71 40.77 -7.51 -66.42
CA ASP D 71 41.62 -7.51 -65.23
C ASP D 71 41.83 -6.10 -64.70
N ILE D 72 42.01 -5.12 -65.60
CA ILE D 72 42.20 -3.74 -65.16
C ILE D 72 40.97 -3.24 -64.42
N LYS D 73 39.78 -3.53 -64.95
CA LYS D 73 38.55 -3.19 -64.26
C LYS D 73 38.49 -3.87 -62.90
N SER D 74 38.84 -5.16 -62.86
CA SER D 74 38.81 -5.91 -61.62
C SER D 74 39.77 -5.30 -60.60
N GLU D 75 40.95 -4.90 -61.04
CA GLU D 75 41.94 -4.33 -60.13
C GLU D 75 41.44 -3.01 -59.54
N VAL D 76 40.81 -2.18 -60.37
CA VAL D 76 40.29 -0.90 -59.87
C VAL D 76 39.11 -1.12 -58.94
N LYS D 77 38.17 -1.97 -59.34
CA LYS D 77 36.99 -2.20 -58.52
C LYS D 77 37.37 -2.76 -57.15
N LYS D 78 38.34 -3.67 -57.12
CA LYS D 78 38.86 -4.18 -55.86
C LYS D 78 39.37 -3.04 -54.98
N HIS D 79 40.16 -2.13 -55.57
CA HIS D 79 40.67 -1.00 -54.80
C HIS D 79 39.62 0.08 -54.58
N ALA D 80 38.71 0.27 -55.54
CA ALA D 80 37.64 1.23 -55.34
C ALA D 80 36.77 0.84 -54.15
N LYS D 81 36.43 -0.45 -54.05
CA LYS D 81 35.59 -0.92 -52.96
C LYS D 81 36.25 -0.64 -51.61
N SER D 82 37.51 -1.05 -51.46
CA SER D 82 38.19 -0.88 -50.17
C SER D 82 38.35 0.60 -49.83
N MET D 83 38.73 1.41 -50.82
CA MET D 83 38.86 2.84 -50.57
C MET D 83 37.53 3.46 -50.16
N LEU D 84 36.42 2.92 -50.67
CA LEU D 84 35.11 3.43 -50.26
C LEU D 84 34.87 3.21 -48.77
N LYS D 85 35.25 2.04 -48.24
CA LYS D 85 35.08 1.80 -46.82
C LYS D 85 35.96 2.68 -45.96
N GLU D 86 37.01 3.28 -46.54
CA GLU D 86 37.73 4.35 -45.84
C GLU D 86 36.99 5.67 -45.94
N LEU D 87 36.29 5.92 -47.05
CA LEU D 87 35.59 7.18 -47.23
C LEU D 87 34.33 7.27 -46.36
N ILE D 88 33.70 6.12 -46.07
CA ILE D 88 32.64 6.12 -45.08
C ILE D 88 33.15 6.71 -43.78
N LYS D 89 34.35 6.32 -43.37
CA LYS D 89 34.86 6.54 -42.03
C LYS D 89 35.53 7.89 -41.86
N VAL D 90 35.54 8.75 -42.88
CA VAL D 90 35.92 10.14 -42.72
C VAL D 90 34.71 11.05 -42.50
N GLY D 91 33.52 10.46 -42.37
CA GLY D 91 32.31 11.23 -42.14
C GLY D 91 31.63 10.89 -40.82
N LEU D 92 31.89 9.71 -40.29
CA LEU D 92 31.30 9.29 -39.03
C LEU D 92 32.03 9.81 -37.80
N PRO D 93 33.36 9.85 -37.76
CA PRO D 93 34.03 10.25 -36.52
C PRO D 93 33.81 11.71 -36.20
N SER D 94 33.97 12.04 -34.92
CA SER D 94 33.82 13.41 -34.44
C SER D 94 35.09 13.86 -33.72
N GLN E 1 -48.03 17.30 78.97
CA GLN E 1 -48.21 16.31 80.07
C GLN E 1 -48.97 15.10 79.55
N VAL E 2 -48.63 13.92 80.06
CA VAL E 2 -49.27 12.67 79.66
C VAL E 2 -50.40 12.39 80.64
N GLN E 3 -51.58 12.05 80.13
CA GLN E 3 -52.68 11.70 81.02
C GLN E 3 -53.71 10.85 80.30
N LEU E 4 -54.55 10.19 81.11
CA LEU E 4 -55.65 9.34 80.63
C LEU E 4 -56.91 9.80 81.35
N GLN E 5 -57.94 10.16 80.60
CA GLN E 5 -59.16 10.74 81.16
C GLN E 5 -60.31 9.77 80.94
N GLN E 6 -60.99 9.41 82.03
CA GLN E 6 -62.05 8.42 82.02
C GLN E 6 -63.41 9.08 82.21
N SER E 7 -64.44 8.38 81.74
CA SER E 7 -65.81 8.89 81.87
C SER E 7 -66.24 8.92 83.33
N GLY E 8 -67.41 9.51 83.57
CA GLY E 8 -67.84 9.83 84.91
C GLY E 8 -68.44 8.64 85.63
N PRO E 9 -68.86 8.88 86.87
CA PRO E 9 -69.43 7.80 87.68
C PRO E 9 -70.75 7.31 87.10
N GLU E 10 -71.07 6.06 87.38
CA GLU E 10 -72.20 5.39 86.74
C GLU E 10 -73.10 4.78 87.81
N LEU E 11 -74.41 4.82 87.55
CA LEU E 11 -75.39 4.08 88.33
C LEU E 11 -76.17 3.18 87.38
N VAL E 12 -76.20 1.88 87.70
CA VAL E 12 -76.94 0.92 86.90
C VAL E 12 -77.75 0.02 87.83
N LYS E 13 -78.91 -0.38 87.34
CA LYS E 13 -79.70 -1.40 88.02
C LYS E 13 -79.12 -2.78 87.69
N PRO E 14 -79.29 -3.74 88.59
CA PRO E 14 -78.81 -5.09 88.28
C PRO E 14 -79.47 -5.62 87.01
N GLY E 15 -78.66 -6.29 86.19
CA GLY E 15 -79.09 -6.76 84.89
C GLY E 15 -78.81 -5.82 83.74
N ALA E 16 -78.49 -4.56 84.01
CA ALA E 16 -78.24 -3.57 82.98
C ALA E 16 -76.75 -3.53 82.61
N SER E 17 -76.34 -2.50 81.87
CA SER E 17 -75.03 -2.51 81.23
C SER E 17 -74.49 -1.09 81.13
N VAL E 18 -73.15 -0.99 81.05
CA VAL E 18 -72.47 0.29 80.93
C VAL E 18 -71.34 0.24 79.90
N LYS E 19 -70.97 1.43 79.42
CA LYS E 19 -69.80 1.64 78.59
C LYS E 19 -68.95 2.74 79.23
N ILE E 20 -67.75 2.39 79.66
CA ILE E 20 -66.82 3.33 80.28
C ILE E 20 -65.74 3.68 79.26
N SER E 21 -65.52 4.97 79.05
CA SER E 21 -64.56 5.46 78.07
C SER E 21 -63.24 5.79 78.74
N CYS E 22 -62.17 5.80 77.96
CA CYS E 22 -60.84 6.12 78.47
C CYS E 22 -60.06 6.76 77.33
N LYS E 23 -59.95 8.10 77.36
CA LYS E 23 -59.26 8.86 76.34
C LYS E 23 -57.79 9.04 76.69
N ALA E 24 -56.92 8.88 75.70
CA ALA E 24 -55.48 8.94 75.92
C ALA E 24 -54.89 10.16 75.23
N SER E 25 -53.89 10.76 75.87
CA SER E 25 -53.13 11.86 75.29
C SER E 25 -51.71 11.81 75.83
N GLY E 26 -50.80 12.44 75.10
CA GLY E 26 -49.39 12.43 75.43
C GLY E 26 -48.61 11.28 74.85
N TYR E 27 -49.27 10.33 74.20
CA TYR E 27 -48.61 9.19 73.59
C TYR E 27 -49.58 8.57 72.60
N ALA E 28 -49.09 7.59 71.83
CA ALA E 28 -49.87 6.95 70.79
C ALA E 28 -50.38 5.61 71.29
N LEU E 29 -51.72 5.46 71.32
CA LEU E 29 -52.31 4.20 71.72
C LEU E 29 -51.99 3.08 70.73
N SER E 30 -51.81 3.42 69.45
CA SER E 30 -51.50 2.41 68.44
C SER E 30 -50.11 1.82 68.63
N SER E 31 -49.37 2.24 69.67
CA SER E 31 -48.07 1.67 70.00
C SER E 31 -48.04 1.11 71.41
N SER E 32 -49.21 0.86 72.00
CA SER E 32 -49.27 0.45 73.40
C SER E 32 -50.46 -0.49 73.61
N TRP E 33 -50.53 -1.03 74.82
CA TRP E 33 -51.68 -1.79 75.31
C TRP E 33 -52.41 -0.96 76.36
N LEU E 34 -53.73 -1.04 76.37
CA LEU E 34 -54.56 -0.41 77.39
C LEU E 34 -55.23 -1.50 78.20
N ASN E 35 -55.08 -1.43 79.53
CA ASN E 35 -55.56 -2.45 80.44
C ASN E 35 -56.63 -1.87 81.35
N TRP E 36 -57.55 -2.74 81.79
CA TRP E 36 -58.63 -2.36 82.69
C TRP E 36 -58.56 -3.20 83.95
N VAL E 37 -58.77 -2.57 85.10
CA VAL E 37 -58.56 -3.19 86.40
C VAL E 37 -59.70 -2.83 87.33
N LYS E 38 -60.19 -3.82 88.09
CA LYS E 38 -61.25 -3.64 89.06
C LYS E 38 -60.63 -3.49 90.45
N GLN E 39 -60.95 -2.40 91.14
CA GLN E 39 -60.59 -2.22 92.55
C GLN E 39 -61.89 -2.11 93.33
N ARG E 40 -62.13 -3.07 94.21
CA ARG E 40 -63.40 -3.17 94.93
C ARG E 40 -63.29 -2.48 96.28
N PRO E 41 -64.43 -2.28 96.96
CA PRO E 41 -64.39 -1.65 98.29
C PRO E 41 -63.61 -2.45 99.33
N GLY E 42 -63.44 -3.75 99.14
CA GLY E 42 -62.58 -4.54 100.00
C GLY E 42 -61.11 -4.39 99.76
N GLN E 43 -60.74 -3.60 98.74
CA GLN E 43 -59.39 -3.23 98.33
C GLN E 43 -58.70 -4.29 97.47
N GLY E 44 -59.30 -5.46 97.26
CA GLY E 44 -58.69 -6.42 96.36
C GLY E 44 -58.65 -5.88 94.95
N LEU E 45 -57.51 -6.08 94.28
CA LEU E 45 -57.29 -5.53 92.94
C LEU E 45 -57.34 -6.67 91.93
N GLU E 46 -58.25 -6.56 90.95
CA GLU E 46 -58.42 -7.59 89.93
C GLU E 46 -58.24 -7.01 88.54
N TRP E 47 -57.72 -7.83 87.64
CA TRP E 47 -57.42 -7.45 86.26
C TRP E 47 -58.57 -7.91 85.38
N ILE E 48 -58.93 -7.13 84.37
CA ILE E 48 -60.08 -7.46 83.51
C ILE E 48 -59.63 -7.85 82.12
N GLY E 49 -59.05 -6.92 81.38
CA GLY E 49 -58.72 -7.17 79.99
C GLY E 49 -57.91 -6.03 79.40
N ARG E 50 -57.33 -6.32 78.24
CA ARG E 50 -56.50 -5.35 77.54
C ARG E 50 -56.75 -5.47 76.04
N ILE E 51 -56.41 -4.39 75.32
CA ILE E 51 -56.53 -4.34 73.86
C ILE E 51 -55.32 -3.60 73.31
N PHE E 52 -54.84 -4.06 72.14
CA PHE E 52 -53.79 -3.35 71.41
C PHE E 52 -54.46 -2.61 70.26
N PRO E 53 -54.95 -1.38 70.50
CA PRO E 53 -55.85 -0.76 69.52
C PRO E 53 -55.23 -0.52 68.15
N GLY E 54 -53.90 -0.53 68.04
CA GLY E 54 -53.30 -0.47 66.72
C GLY E 54 -53.76 -1.62 65.83
N ASP E 55 -53.81 -2.82 66.39
CA ASP E 55 -54.37 -3.99 65.72
C ASP E 55 -55.81 -4.26 66.12
N GLY E 56 -56.14 -4.08 67.40
CA GLY E 56 -57.43 -4.46 67.94
C GLY E 56 -57.46 -5.81 68.62
N ASP E 57 -56.32 -6.48 68.75
CA ASP E 57 -56.28 -7.78 69.40
C ASP E 57 -56.55 -7.61 70.90
N THR E 58 -57.27 -8.58 71.47
CA THR E 58 -57.72 -8.51 72.84
C THR E 58 -57.26 -9.74 73.63
N ASN E 59 -57.32 -9.61 74.95
CA ASN E 59 -57.06 -10.71 75.87
C ASN E 59 -57.85 -10.44 77.14
N TYR E 60 -58.48 -11.49 77.67
CA TYR E 60 -59.39 -11.34 78.79
C TYR E 60 -59.08 -12.36 79.88
N ASN E 61 -59.45 -12.00 81.11
CA ASN E 61 -59.45 -12.93 82.22
C ASN E 61 -60.64 -13.87 82.07
N GLY E 62 -60.44 -15.15 82.38
CA GLY E 62 -61.52 -16.10 82.31
C GLY E 62 -62.68 -15.77 83.23
N LYS E 63 -62.45 -14.91 84.22
CA LYS E 63 -63.50 -14.52 85.16
C LYS E 63 -64.44 -13.48 84.58
N PHE E 64 -63.98 -12.68 83.64
CA PHE E 64 -64.77 -11.61 83.05
C PHE E 64 -65.05 -11.79 81.56
N LYS E 65 -64.45 -12.79 80.92
CA LYS E 65 -64.62 -12.97 79.48
C LYS E 65 -66.09 -13.03 79.09
N GLY E 66 -66.92 -13.62 79.96
CA GLY E 66 -68.31 -13.80 79.62
C GLY E 66 -69.11 -12.52 79.48
N LYS E 67 -68.72 -11.47 80.22
CA LYS E 67 -69.52 -10.26 80.29
C LYS E 67 -68.75 -8.96 80.12
N ALA E 68 -67.44 -9.02 79.89
CA ALA E 68 -66.63 -7.82 79.66
C ALA E 68 -66.09 -7.85 78.24
N THR E 69 -66.16 -6.72 77.56
CA THR E 69 -65.72 -6.60 76.18
C THR E 69 -65.01 -5.28 75.97
N LEU E 70 -63.94 -5.32 75.18
CA LEU E 70 -63.13 -4.14 74.89
C LEU E 70 -63.18 -3.80 73.41
N THR E 71 -63.38 -2.52 73.12
CA THR E 71 -63.29 -1.97 71.78
C THR E 71 -62.51 -0.66 71.88
N ALA E 72 -62.06 -0.15 70.72
CA ALA E 72 -61.29 1.07 70.72
C ALA E 72 -61.50 1.81 69.41
N ASP E 73 -61.26 3.13 69.46
CA ASP E 73 -61.35 4.01 68.30
C ASP E 73 -59.99 4.68 68.15
N LYS E 74 -59.20 4.21 67.19
CA LYS E 74 -57.87 4.76 66.99
C LYS E 74 -57.93 6.25 66.69
N SER E 75 -58.87 6.67 65.86
CA SER E 75 -58.94 8.06 65.43
C SER E 75 -59.41 9.01 66.54
N SER E 76 -59.90 8.48 67.65
CA SER E 76 -60.33 9.30 68.78
C SER E 76 -59.48 9.11 70.02
N SER E 77 -58.41 8.32 69.93
CA SER E 77 -57.53 8.06 71.06
C SER E 77 -58.32 7.52 72.25
N THR E 78 -59.38 6.76 71.99
CA THR E 78 -60.32 6.37 73.02
C THR E 78 -60.53 4.86 73.00
N ALA E 79 -60.35 4.24 74.17
CA ALA E 79 -60.73 2.86 74.40
C ALA E 79 -62.02 2.85 75.22
N TYR E 80 -62.82 1.80 75.03
CA TYR E 80 -64.10 1.68 75.72
C TYR E 80 -64.19 0.32 76.41
N LEU E 81 -64.66 0.32 77.65
CA LEU E 81 -64.95 -0.89 78.40
C LEU E 81 -66.46 -1.00 78.55
N GLN E 82 -67.02 -2.12 78.08
CA GLN E 82 -68.44 -2.37 78.16
C GLN E 82 -68.70 -3.55 79.10
N LEU E 83 -69.60 -3.34 80.05
CA LEU E 83 -69.91 -4.33 81.08
C LEU E 83 -71.40 -4.62 81.02
N SER E 84 -71.76 -5.89 80.82
CA SER E 84 -73.14 -6.34 80.83
C SER E 84 -73.39 -7.20 82.07
N SER E 85 -74.65 -7.56 82.27
CA SER E 85 -75.05 -8.44 83.37
C SER E 85 -74.52 -7.92 84.71
N LEU E 86 -74.86 -6.66 85.00
CA LEU E 86 -74.33 -6.01 86.17
C LEU E 86 -74.96 -6.56 87.44
N THR E 87 -74.21 -6.45 88.54
CA THR E 87 -74.64 -6.93 89.84
C THR E 87 -73.83 -6.18 90.89
N SER E 88 -74.25 -6.29 92.15
CA SER E 88 -73.55 -5.60 93.22
C SER E 88 -72.09 -6.04 93.30
N VAL E 89 -71.77 -7.26 92.86
CA VAL E 89 -70.40 -7.72 92.87
C VAL E 89 -69.53 -6.84 91.97
N ASP E 90 -70.03 -6.51 90.79
CA ASP E 90 -69.26 -5.72 89.84
C ASP E 90 -69.11 -4.25 90.25
N SER E 91 -69.81 -3.82 91.30
CA SER E 91 -69.75 -2.43 91.73
C SER E 91 -68.37 -2.15 92.32
N ALA E 92 -67.61 -1.28 91.66
CA ALA E 92 -66.23 -1.03 92.04
C ALA E 92 -65.75 0.23 91.34
N VAL E 93 -64.49 0.58 91.57
CA VAL E 93 -63.80 1.62 90.82
C VAL E 93 -62.98 0.94 89.73
N TYR E 94 -63.13 1.41 88.49
CA TYR E 94 -62.50 0.79 87.34
C TYR E 94 -61.46 1.74 86.76
N PHE E 95 -60.20 1.34 86.78
CA PHE E 95 -59.10 2.12 86.23
C PHE E 95 -58.80 1.63 84.83
N CYS E 96 -58.37 2.53 83.95
CA CYS E 96 -57.70 2.15 82.71
C CYS E 96 -56.25 2.58 82.82
N ALA E 97 -55.33 1.73 82.35
CA ALA E 97 -53.91 1.94 82.59
C ALA E 97 -53.10 1.68 81.33
N ARG E 98 -52.20 2.61 81.04
CA ARG E 98 -51.22 2.40 79.98
C ARG E 98 -50.17 1.38 80.42
N GLY E 99 -49.49 0.82 79.44
CA GLY E 99 -48.36 -0.06 79.71
C GLY E 99 -48.11 -0.97 78.53
N GLY E 100 -47.47 -2.09 78.80
CA GLY E 100 -47.43 -3.19 77.87
C GLY E 100 -48.52 -4.19 78.19
N THR E 101 -48.20 -5.48 78.06
CA THR E 101 -49.15 -6.50 78.45
C THR E 101 -49.38 -6.50 79.96
N VAL E 102 -48.35 -6.14 80.73
CA VAL E 102 -48.32 -6.43 82.15
C VAL E 102 -48.18 -5.17 82.98
N VAL E 103 -47.04 -4.50 82.83
CA VAL E 103 -46.61 -3.48 83.78
C VAL E 103 -47.28 -2.17 83.41
N PHE E 104 -48.04 -1.61 84.35
CA PHE E 104 -48.91 -0.46 84.11
C PHE E 104 -48.14 0.78 84.51
N ASP E 105 -47.46 1.37 83.53
CA ASP E 105 -46.56 2.49 83.76
C ASP E 105 -47.32 3.78 84.09
N TYR E 106 -48.60 3.85 83.75
CA TYR E 106 -49.39 5.03 84.07
C TYR E 106 -50.85 4.63 84.16
N TRP E 107 -51.54 5.15 85.18
CA TRP E 107 -52.92 4.83 85.46
C TRP E 107 -53.80 6.06 85.31
N GLY E 108 -55.06 5.83 84.97
CA GLY E 108 -56.05 6.89 84.90
C GLY E 108 -56.55 7.25 86.29
N GLN E 109 -57.72 7.89 86.33
CA GLN E 109 -58.29 8.35 87.60
C GLN E 109 -59.39 7.44 88.13
N GLY E 110 -59.95 6.57 87.30
CA GLY E 110 -60.94 5.58 87.77
C GLY E 110 -62.37 6.06 87.58
N THR E 111 -63.25 5.10 87.30
CA THR E 111 -64.67 5.34 87.13
C THR E 111 -65.44 4.53 88.17
N THR E 112 -66.28 5.21 88.96
CA THR E 112 -67.02 4.58 90.04
C THR E 112 -68.35 4.07 89.50
N LEU E 113 -68.56 2.75 89.59
CA LEU E 113 -69.79 2.11 89.14
C LEU E 113 -70.52 1.56 90.36
N THR E 114 -71.72 2.10 90.62
CA THR E 114 -72.58 1.63 91.69
C THR E 114 -73.76 0.90 91.05
N VAL E 115 -73.97 -0.36 91.46
CA VAL E 115 -75.03 -1.20 90.91
C VAL E 115 -76.01 -1.49 92.02
N SER E 116 -77.27 -1.09 91.84
CA SER E 116 -78.27 -1.28 92.87
C SER E 116 -79.66 -1.11 92.26
N SER E 117 -80.64 -1.77 92.88
CA SER E 117 -82.04 -1.55 92.56
C SER E 117 -82.60 -0.32 93.24
N ALA E 118 -81.90 0.22 94.23
CA ALA E 118 -82.41 1.34 95.00
C ALA E 118 -82.52 2.58 94.12
N LYS E 119 -83.56 3.37 94.37
CA LYS E 119 -83.72 4.69 93.77
C LYS E 119 -83.20 5.74 94.74
N THR E 120 -83.12 6.98 94.25
CA THR E 120 -82.67 8.07 95.12
C THR E 120 -83.58 8.18 96.32
N THR E 121 -83.00 8.05 97.52
CA THR E 121 -83.80 8.01 98.75
C THR E 121 -83.05 8.67 99.88
N PRO E 122 -83.73 9.47 100.70
CA PRO E 122 -83.04 10.20 101.79
C PRO E 122 -82.68 9.29 102.93
N PRO E 123 -81.71 9.69 103.76
CA PRO E 123 -81.42 8.92 104.98
C PRO E 123 -82.43 9.19 106.08
N SER E 124 -82.64 8.17 106.90
CA SER E 124 -83.26 8.35 108.21
C SER E 124 -82.18 8.78 109.19
N VAL E 125 -82.48 9.79 109.99
CA VAL E 125 -81.51 10.38 110.91
C VAL E 125 -82.05 10.20 112.32
N TYR E 126 -81.37 9.38 113.12
CA TYR E 126 -81.83 9.02 114.45
C TYR E 126 -80.88 9.56 115.50
N PRO E 127 -81.39 10.20 116.56
CA PRO E 127 -80.50 10.75 117.60
C PRO E 127 -80.03 9.65 118.53
N LEU E 128 -78.71 9.63 118.79
CA LEU E 128 -78.09 8.66 119.69
C LEU E 128 -77.75 9.39 120.99
N ALA E 129 -78.40 9.01 122.07
CA ALA E 129 -78.10 9.54 123.39
C ALA E 129 -77.96 8.40 124.38
N PRO E 130 -77.10 8.54 125.38
CA PRO E 130 -77.04 7.53 126.45
C PRO E 130 -78.34 7.50 127.23
N GLY E 131 -78.59 6.34 127.85
CA GLY E 131 -79.75 6.20 128.70
C GLY E 131 -79.60 6.99 129.99
N SER E 132 -80.30 6.55 131.04
CA SER E 132 -80.25 7.27 132.31
C SER E 132 -78.91 7.14 133.01
N ALA E 133 -78.10 6.15 132.63
CA ALA E 133 -76.86 5.89 133.35
C ALA E 133 -75.84 7.01 133.13
N ALA E 134 -74.94 7.16 134.09
CA ALA E 134 -73.88 8.16 134.06
C ALA E 134 -72.58 7.46 133.64
N GLN E 135 -72.08 7.81 132.46
CA GLN E 135 -70.97 7.09 131.84
C GLN E 135 -69.74 8.00 131.79
N THR E 136 -68.72 7.67 132.60
CA THR E 136 -67.44 8.38 132.59
C THR E 136 -67.63 9.89 132.49
N ASN E 137 -68.23 10.47 133.53
CA ASN E 137 -68.87 11.78 133.45
C ASN E 137 -67.94 12.93 133.09
N SER E 138 -66.63 12.72 133.02
CA SER E 138 -65.73 13.82 132.65
C SER E 138 -66.14 14.40 131.30
N MET E 139 -66.42 13.52 130.33
CA MET E 139 -66.93 13.90 129.03
C MET E 139 -68.27 13.21 128.82
N VAL E 140 -69.00 13.65 127.79
CA VAL E 140 -70.22 12.98 127.34
C VAL E 140 -70.12 12.81 125.83
N THR E 141 -70.40 11.61 125.34
CA THR E 141 -70.33 11.30 123.92
C THR E 141 -71.74 11.13 123.38
N LEU E 142 -72.10 11.96 122.40
CA LEU E 142 -73.39 11.90 121.72
C LEU E 142 -73.15 11.34 120.31
N GLY E 143 -74.23 11.18 119.54
CA GLY E 143 -74.07 10.60 118.22
C GLY E 143 -75.31 10.73 117.38
N CYS E 144 -75.23 10.19 116.17
CA CYS E 144 -76.33 10.18 115.21
C CYS E 144 -76.19 8.95 114.31
N LEU E 145 -77.28 8.62 113.60
CA LEU E 145 -77.34 7.44 112.76
C LEU E 145 -77.98 7.84 111.44
N VAL E 146 -77.17 7.91 110.38
CA VAL E 146 -77.60 8.35 109.07
C VAL E 146 -77.80 7.09 108.23
N LYS E 147 -79.04 6.64 108.14
CA LYS E 147 -79.36 5.27 107.76
C LYS E 147 -80.31 5.21 106.58
N GLY E 148 -80.11 4.20 105.75
CA GLY E 148 -81.05 3.87 104.68
C GLY E 148 -81.17 4.87 103.55
N TYR E 149 -80.05 5.40 103.07
CA TYR E 149 -80.05 6.35 101.98
C TYR E 149 -79.31 5.77 100.77
N PHE E 150 -79.55 6.40 99.62
CA PHE E 150 -78.89 6.01 98.38
C PHE E 150 -79.07 7.17 97.40
N PRO E 151 -78.04 7.57 96.66
CA PRO E 151 -76.66 7.08 96.64
C PRO E 151 -75.74 7.77 97.65
N GLU E 152 -74.47 7.37 97.67
CA GLU E 152 -73.46 8.10 98.42
C GLU E 152 -73.25 9.47 97.78
N PRO E 153 -72.70 10.45 98.53
CA PRO E 153 -72.32 10.45 99.95
C PRO E 153 -73.30 11.25 100.80
N VAL E 154 -73.00 11.46 102.09
CA VAL E 154 -73.68 12.47 102.90
C VAL E 154 -72.64 13.35 103.57
N THR E 155 -73.08 14.54 103.98
CA THR E 155 -72.28 15.45 104.76
C THR E 155 -72.74 15.41 106.21
N VAL E 156 -71.79 15.43 107.14
CA VAL E 156 -72.10 15.46 108.57
C VAL E 156 -71.30 16.59 109.22
N THR E 157 -72.01 17.44 109.96
CA THR E 157 -71.37 18.43 110.82
C THR E 157 -72.10 18.46 112.15
N TRP E 158 -71.47 19.07 113.14
CA TRP E 158 -72.02 19.18 114.48
C TRP E 158 -72.16 20.66 114.83
N ASN E 159 -73.37 21.06 115.22
CA ASN E 159 -73.70 22.47 115.47
C ASN E 159 -73.23 23.34 114.32
N SER E 160 -73.45 22.85 113.10
CA SER E 160 -73.11 23.56 111.87
C SER E 160 -71.62 23.89 111.78
N GLY E 161 -70.78 22.97 112.27
CA GLY E 161 -69.35 23.15 112.23
C GLY E 161 -68.76 23.87 113.42
N SER E 162 -69.60 24.55 114.22
CA SER E 162 -69.09 25.19 115.43
C SER E 162 -68.46 24.18 116.37
N LEU E 163 -69.06 23.00 116.47
CA LEU E 163 -68.54 21.90 117.30
C LEU E 163 -67.60 21.09 116.41
N SER E 164 -66.38 21.60 116.27
CA SER E 164 -65.50 21.21 115.17
C SER E 164 -64.66 19.97 115.48
N SER E 165 -63.82 20.02 116.51
CA SER E 165 -62.88 18.95 116.79
C SER E 165 -63.42 18.02 117.86
N GLY E 166 -62.75 16.87 118.00
CA GLY E 166 -63.25 15.83 118.88
C GLY E 166 -64.44 15.09 118.33
N VAL E 167 -64.59 15.06 117.00
CA VAL E 167 -65.71 14.41 116.34
C VAL E 167 -65.16 13.30 115.46
N HIS E 168 -66.00 12.29 115.22
CA HIS E 168 -65.62 11.16 114.39
C HIS E 168 -66.79 10.81 113.49
N THR E 169 -66.57 10.92 112.18
CA THR E 169 -67.54 10.47 111.18
C THR E 169 -66.98 9.23 110.49
N PHE E 170 -67.84 8.24 110.29
CA PHE E 170 -67.38 6.97 109.78
C PHE E 170 -67.88 6.74 108.36
N PRO E 171 -67.11 6.04 107.54
CA PRO E 171 -67.57 5.73 106.18
C PRO E 171 -68.77 4.80 106.21
N ALA E 172 -69.58 4.88 105.16
CA ALA E 172 -70.83 4.15 105.13
C ALA E 172 -70.59 2.65 104.94
N VAL E 173 -71.63 1.87 105.26
CA VAL E 173 -71.63 0.42 105.09
C VAL E 173 -72.95 0.04 104.42
N LEU E 174 -72.99 -1.18 103.89
CA LEU E 174 -74.12 -1.64 103.09
C LEU E 174 -75.08 -2.43 103.97
N GLN E 175 -76.30 -1.92 104.12
CA GLN E 175 -77.41 -2.69 104.69
C GLN E 175 -78.49 -2.78 103.61
N SER E 176 -78.78 -4.00 103.16
CA SER E 176 -79.86 -4.25 102.21
C SER E 176 -79.72 -3.39 100.96
N ASP E 177 -78.50 -3.27 100.45
CA ASP E 177 -78.21 -2.49 99.24
C ASP E 177 -78.54 -1.01 99.42
N LEU E 178 -78.44 -0.54 100.67
CA LEU E 178 -78.51 0.88 101.00
C LEU E 178 -77.30 1.22 101.86
N TYR E 179 -76.98 2.51 101.93
CA TYR E 179 -75.84 2.97 102.71
C TYR E 179 -76.28 3.52 104.06
N THR E 180 -75.44 3.33 105.07
CA THR E 180 -75.71 3.83 106.41
C THR E 180 -74.38 4.15 107.09
N LEU E 181 -74.42 5.16 107.96
CA LEU E 181 -73.25 5.52 108.76
C LEU E 181 -73.71 6.13 110.07
N SER E 182 -72.72 6.49 110.90
CA SER E 182 -72.98 7.16 112.17
C SER E 182 -71.83 8.12 112.44
N SER E 183 -72.08 9.08 113.33
CA SER E 183 -71.05 10.02 113.75
C SER E 183 -71.18 10.24 115.25
N SER E 184 -70.09 10.69 115.86
CA SER E 184 -70.04 10.94 117.30
C SER E 184 -69.39 12.29 117.57
N VAL E 185 -69.53 12.75 118.81
CA VAL E 185 -68.87 13.95 119.29
C VAL E 185 -68.61 13.76 120.77
N THR E 186 -67.60 14.45 121.29
CA THR E 186 -67.26 14.42 122.72
C THR E 186 -67.20 15.85 123.22
N VAL E 187 -68.37 16.39 123.57
CA VAL E 187 -68.46 17.65 124.30
C VAL E 187 -68.17 17.34 125.75
N PRO E 188 -67.67 18.30 126.55
CA PRO E 188 -67.59 18.07 127.99
C PRO E 188 -68.98 17.92 128.60
N SER E 189 -69.05 17.21 129.72
CA SER E 189 -70.35 16.86 130.30
C SER E 189 -71.10 18.07 130.83
N SER E 190 -70.38 19.12 131.24
CA SER E 190 -71.05 20.30 131.80
C SER E 190 -71.81 21.10 130.76
N THR E 191 -71.47 20.95 129.47
CA THR E 191 -72.11 21.74 128.43
C THR E 191 -73.53 21.25 128.14
N TRP E 192 -73.71 19.94 128.03
CA TRP E 192 -75.00 19.37 127.66
C TRP E 192 -75.59 18.62 128.84
N PRO E 193 -76.91 18.61 129.02
CA PRO E 193 -78.01 19.07 128.16
C PRO E 193 -78.30 20.58 128.12
N SER E 194 -77.55 21.43 128.82
CA SER E 194 -77.93 22.84 128.87
C SER E 194 -77.51 23.62 127.64
N GLU E 195 -76.64 23.07 126.80
CA GLU E 195 -76.20 23.72 125.58
C GLU E 195 -76.48 22.76 124.42
N THR E 196 -77.42 23.15 123.55
CA THR E 196 -77.97 22.21 122.58
C THR E 196 -76.89 21.69 121.63
N VAL E 197 -76.85 20.38 121.46
CA VAL E 197 -76.01 19.71 120.47
C VAL E 197 -76.92 19.23 119.34
N THR E 198 -76.46 19.41 118.11
CA THR E 198 -77.22 18.98 116.92
C THR E 198 -76.23 18.39 115.93
N CYS E 199 -76.72 17.45 115.11
CA CYS E 199 -75.99 16.96 113.95
C CYS E 199 -76.75 17.37 112.68
N ASN E 200 -76.00 17.79 111.67
CA ASN E 200 -76.54 18.48 110.49
C ASN E 200 -76.17 17.65 109.27
N VAL E 201 -77.02 16.66 108.96
CA VAL E 201 -76.77 15.76 107.84
C VAL E 201 -77.11 16.48 106.54
N ALA E 202 -76.56 15.98 105.43
CA ALA E 202 -76.96 16.46 104.11
C ALA E 202 -76.67 15.38 103.07
N HIS E 203 -77.61 15.21 102.14
CA HIS E 203 -77.58 14.17 101.11
C HIS E 203 -77.74 14.88 99.77
N PRO E 204 -76.65 15.38 99.18
CA PRO E 204 -76.78 16.18 97.95
C PRO E 204 -77.58 15.50 96.86
N ALA E 205 -77.50 14.17 96.75
CA ALA E 205 -78.22 13.48 95.69
C ALA E 205 -79.72 13.74 95.77
N SER E 206 -80.28 13.67 96.98
CA SER E 206 -81.69 13.93 97.20
C SER E 206 -81.98 15.36 97.63
N SER E 207 -80.95 16.19 97.77
CA SER E 207 -81.11 17.56 98.27
C SER E 207 -81.84 17.56 99.61
N THR E 208 -81.64 16.51 100.40
CA THR E 208 -82.21 16.40 101.74
C THR E 208 -81.14 16.78 102.76
N LYS E 209 -81.49 17.69 103.67
CA LYS E 209 -80.60 18.12 104.73
C LYS E 209 -81.35 18.06 106.05
N VAL E 210 -80.69 17.51 107.08
CA VAL E 210 -81.34 17.19 108.34
C VAL E 210 -80.66 17.95 109.46
N ASP E 211 -81.47 18.53 110.34
CA ASP E 211 -81.00 19.33 111.48
C ASP E 211 -81.72 18.79 112.72
N LYS E 212 -81.06 17.91 113.47
CA LYS E 212 -81.69 17.24 114.61
C LYS E 212 -80.87 17.44 115.88
N LYS E 213 -81.55 17.82 116.95
CA LYS E 213 -80.95 17.90 118.27
C LYS E 213 -80.77 16.51 118.85
N ILE E 214 -79.86 16.41 119.81
CA ILE E 214 -79.70 15.20 120.63
C ILE E 214 -80.39 15.44 121.96
N VAL E 215 -81.42 14.64 122.24
CA VAL E 215 -82.19 14.78 123.47
C VAL E 215 -81.88 13.59 124.39
N PRO E 216 -82.01 13.74 125.70
CA PRO E 216 -81.65 12.64 126.60
C PRO E 216 -82.60 11.47 126.51
N ARG E 217 -82.10 10.32 126.97
CA ARG E 217 -82.88 9.08 127.00
C ARG E 217 -83.26 8.62 125.60
N GLN F 1 -25.45 -29.12 32.77
CA GLN F 1 -24.45 -28.91 31.69
C GLN F 1 -24.51 -27.45 31.25
N VAL F 2 -23.53 -26.65 31.64
CA VAL F 2 -23.52 -25.23 31.27
C VAL F 2 -23.09 -25.09 29.82
N GLN F 3 -23.87 -24.35 29.04
CA GLN F 3 -23.61 -24.17 27.61
C GLN F 3 -24.23 -22.85 27.19
N LEU F 4 -23.59 -22.19 26.22
CA LEU F 4 -24.09 -20.91 25.70
C LEU F 4 -24.13 -21.05 24.18
N GLN F 5 -25.33 -21.33 23.64
CA GLN F 5 -25.50 -21.60 22.22
C GLN F 5 -25.83 -20.30 21.49
N GLN F 6 -25.00 -19.93 20.52
CA GLN F 6 -25.17 -18.73 19.72
C GLN F 6 -25.61 -19.11 18.31
N SER F 7 -26.04 -18.10 17.55
CA SER F 7 -26.52 -18.31 16.20
C SER F 7 -25.36 -18.53 15.22
N GLY F 8 -25.70 -18.99 14.02
CA GLY F 8 -24.69 -19.35 13.02
C GLY F 8 -24.06 -18.14 12.38
N PRO F 9 -23.05 -18.40 11.53
CA PRO F 9 -22.29 -17.28 10.94
C PRO F 9 -23.15 -16.45 9.99
N GLU F 10 -22.77 -15.18 9.86
CA GLU F 10 -23.52 -14.20 9.08
C GLU F 10 -22.62 -13.62 7.99
N LEU F 11 -23.18 -13.43 6.80
CA LEU F 11 -22.47 -12.89 5.65
C LEU F 11 -23.38 -11.84 5.04
N VAL F 12 -23.06 -10.56 5.23
CA VAL F 12 -24.04 -9.49 5.04
C VAL F 12 -23.43 -8.32 4.28
N LYS F 13 -24.23 -7.73 3.40
CA LYS F 13 -23.79 -6.61 2.58
C LYS F 13 -23.44 -5.41 3.48
N PRO F 14 -22.45 -4.60 3.09
CA PRO F 14 -22.07 -3.46 3.92
C PRO F 14 -23.22 -2.47 4.08
N GLY F 15 -23.35 -1.91 5.28
CA GLY F 15 -24.42 -1.00 5.59
C GLY F 15 -25.68 -1.64 6.12
N ALA F 16 -25.73 -2.96 6.18
CA ALA F 16 -26.93 -3.68 6.61
C ALA F 16 -26.89 -3.93 8.12
N SER F 17 -27.87 -4.69 8.61
CA SER F 17 -28.03 -4.95 10.04
C SER F 17 -28.06 -6.45 10.30
N VAL F 18 -27.65 -6.84 11.51
CA VAL F 18 -27.59 -8.23 11.92
C VAL F 18 -27.97 -8.35 13.39
N LYS F 19 -28.71 -9.41 13.73
CA LYS F 19 -29.17 -9.70 15.08
C LYS F 19 -28.65 -11.09 15.46
N ILE F 20 -27.64 -11.15 16.32
CA ILE F 20 -27.05 -12.40 16.78
C ILE F 20 -27.69 -12.79 18.10
N SER F 21 -28.18 -14.02 18.19
CA SER F 21 -28.83 -14.52 19.39
C SER F 21 -27.82 -15.26 20.27
N CYS F 22 -28.13 -15.31 21.57
CA CYS F 22 -27.29 -16.00 22.55
C CYS F 22 -28.21 -16.69 23.55
N LYS F 23 -28.29 -18.02 23.46
CA LYS F 23 -29.20 -18.82 24.28
C LYS F 23 -28.37 -19.55 25.34
N ALA F 24 -28.83 -19.49 26.59
CA ALA F 24 -28.09 -20.01 27.73
C ALA F 24 -28.85 -21.15 28.39
N SER F 25 -28.09 -22.07 28.99
CA SER F 25 -28.67 -23.15 29.79
C SER F 25 -27.67 -23.49 30.90
N GLY F 26 -28.14 -24.32 31.83
CA GLY F 26 -27.33 -24.70 32.97
C GLY F 26 -27.28 -23.67 34.08
N TYR F 27 -27.93 -22.53 33.91
CA TYR F 27 -27.98 -21.48 34.92
C TYR F 27 -29.06 -20.49 34.46
N ALA F 28 -29.32 -19.49 35.30
CA ALA F 28 -30.39 -18.53 35.05
C ALA F 28 -29.78 -17.20 34.64
N LEU F 29 -30.06 -16.79 33.40
CA LEU F 29 -29.65 -15.46 32.95
C LEU F 29 -30.37 -14.36 33.72
N SER F 30 -31.51 -14.67 34.35
CA SER F 30 -32.29 -13.66 35.05
C SER F 30 -31.55 -13.06 36.23
N SER F 31 -30.45 -13.66 36.67
CA SER F 31 -29.68 -13.16 37.80
C SER F 31 -28.20 -13.00 37.44
N SER F 32 -27.90 -12.72 36.18
CA SER F 32 -26.54 -12.62 35.71
C SER F 32 -26.43 -11.51 34.68
N TRP F 33 -25.19 -11.20 34.29
CA TRP F 33 -24.91 -10.29 33.20
C TRP F 33 -24.41 -11.09 32.00
N LEU F 34 -24.86 -10.71 30.81
CA LEU F 34 -24.37 -11.30 29.57
C LEU F 34 -23.61 -10.22 28.81
N ASN F 35 -22.36 -10.53 28.43
CA ASN F 35 -21.46 -9.58 27.81
C ASN F 35 -21.15 -10.03 26.38
N TRP F 36 -20.86 -9.05 25.52
CA TRP F 36 -20.51 -9.30 24.12
C TRP F 36 -19.13 -8.71 23.84
N VAL F 37 -18.33 -9.44 23.07
CA VAL F 37 -16.93 -9.10 22.84
C VAL F 37 -16.58 -9.36 21.38
N LYS F 38 -15.77 -8.47 20.79
CA LYS F 38 -15.37 -8.57 19.39
C LYS F 38 -13.89 -8.90 19.32
N GLN F 39 -13.56 -10.09 18.80
CA GLN F 39 -12.18 -10.47 18.52
C GLN F 39 -11.96 -10.35 17.01
N ARG F 40 -11.40 -9.22 16.58
CA ARG F 40 -10.96 -9.08 15.22
C ARG F 40 -10.06 -10.27 14.86
N PRO F 41 -10.22 -10.87 13.66
CA PRO F 41 -9.43 -12.08 13.35
C PRO F 41 -7.94 -11.79 13.30
N GLY F 42 -7.20 -12.33 14.28
CA GLY F 42 -5.75 -12.15 14.33
C GLY F 42 -5.33 -11.12 15.35
N GLN F 43 -6.10 -10.04 15.49
CA GLN F 43 -5.88 -9.04 16.52
C GLN F 43 -6.65 -9.45 17.78
N GLY F 44 -6.75 -8.55 18.76
CA GLY F 44 -7.21 -8.88 20.09
C GLY F 44 -8.62 -8.42 20.41
N LEU F 45 -9.01 -8.67 21.67
CA LEU F 45 -10.40 -8.55 22.09
C LEU F 45 -10.77 -7.10 22.40
N GLU F 46 -11.98 -6.71 21.97
CA GLU F 46 -12.61 -5.46 22.38
C GLU F 46 -13.97 -5.77 22.98
N TRP F 47 -14.32 -5.10 24.08
CA TRP F 47 -15.62 -5.27 24.70
C TRP F 47 -16.65 -4.45 23.94
N ILE F 48 -17.89 -4.91 23.92
CA ILE F 48 -18.99 -4.16 23.31
C ILE F 48 -20.00 -3.69 24.35
N GLY F 49 -20.65 -4.61 25.04
CA GLY F 49 -21.67 -4.23 25.99
C GLY F 49 -22.20 -5.43 26.74
N ARG F 50 -22.97 -5.14 27.79
CA ARG F 50 -23.57 -6.17 28.63
C ARG F 50 -25.01 -5.77 28.96
N ILE F 51 -25.81 -6.77 29.35
CA ILE F 51 -27.20 -6.58 29.70
C ILE F 51 -27.53 -7.47 30.89
N PHE F 52 -28.47 -7.01 31.71
CA PHE F 52 -28.94 -7.76 32.88
C PHE F 52 -30.36 -8.24 32.57
N PRO F 53 -30.51 -9.43 31.99
CA PRO F 53 -31.86 -9.87 31.53
C PRO F 53 -32.97 -9.65 32.52
N GLY F 54 -32.72 -9.89 33.82
CA GLY F 54 -33.78 -9.75 34.80
C GLY F 54 -34.28 -8.32 34.93
N ASP F 55 -33.35 -7.38 35.10
CA ASP F 55 -33.68 -5.97 35.26
C ASP F 55 -33.59 -5.19 33.96
N GLY F 56 -33.26 -5.85 32.86
CA GLY F 56 -33.20 -5.19 31.56
C GLY F 56 -32.38 -3.91 31.55
N ASP F 57 -31.20 -3.95 32.18
CA ASP F 57 -30.29 -2.82 32.20
C ASP F 57 -29.16 -3.06 31.21
N THR F 58 -28.72 -2.00 30.54
CA THR F 58 -27.70 -2.09 29.51
C THR F 58 -26.59 -1.09 29.80
N ASN F 59 -25.35 -1.54 29.69
CA ASN F 59 -24.18 -0.68 29.77
C ASN F 59 -23.35 -0.93 28.51
N TYR F 60 -23.03 0.13 27.78
CA TYR F 60 -22.32 0.02 26.52
C TYR F 60 -20.94 0.65 26.61
N ASN F 61 -20.04 0.18 25.75
CA ASN F 61 -18.78 0.85 25.53
C ASN F 61 -19.02 2.12 24.72
N GLY F 62 -18.29 3.19 25.04
CA GLY F 62 -18.45 4.42 24.29
C GLY F 62 -18.21 4.24 22.82
N LYS F 63 -17.28 3.33 22.47
CA LYS F 63 -16.95 3.04 21.10
C LYS F 63 -18.17 2.61 20.28
N PHE F 64 -19.09 1.87 20.92
CA PHE F 64 -20.15 1.16 20.19
C PHE F 64 -21.56 1.64 20.55
N LYS F 65 -21.70 2.81 21.17
CA LYS F 65 -23.02 3.25 21.59
C LYS F 65 -23.98 3.36 20.40
N GLY F 66 -23.55 4.03 19.33
CA GLY F 66 -24.43 4.23 18.19
C GLY F 66 -24.63 2.97 17.37
N LYS F 67 -23.66 2.06 17.38
CA LYS F 67 -23.70 0.91 16.50
C LYS F 67 -24.39 -0.31 17.12
N ALA F 68 -24.18 -0.55 18.40
CA ALA F 68 -24.62 -1.79 19.04
C ALA F 68 -25.86 -1.56 19.89
N THR F 69 -26.74 -2.57 19.88
CA THR F 69 -27.93 -2.58 20.71
C THR F 69 -28.06 -3.95 21.36
N LEU F 70 -28.29 -3.97 22.67
CA LEU F 70 -28.49 -5.21 23.42
C LEU F 70 -29.93 -5.29 23.89
N THR F 71 -30.46 -6.51 23.89
CA THR F 71 -31.83 -6.77 24.31
C THR F 71 -31.90 -8.21 24.79
N ALA F 72 -32.99 -8.54 25.48
CA ALA F 72 -33.12 -9.87 26.06
C ALA F 72 -34.59 -10.26 26.19
N ASP F 73 -34.83 -11.56 26.14
CA ASP F 73 -36.14 -12.16 26.42
C ASP F 73 -35.96 -13.00 27.67
N LYS F 74 -36.44 -12.49 28.80
CA LYS F 74 -36.19 -13.11 30.09
C LYS F 74 -36.71 -14.55 30.15
N SER F 75 -37.78 -14.85 29.42
CA SER F 75 -38.41 -16.15 29.50
C SER F 75 -37.87 -17.16 28.49
N SER F 76 -37.03 -16.73 27.55
CA SER F 76 -36.48 -17.62 26.53
C SER F 76 -35.02 -17.95 26.78
N SER F 77 -34.46 -17.56 27.92
CA SER F 77 -33.04 -17.77 28.21
C SER F 77 -32.17 -17.22 27.09
N THR F 78 -32.63 -16.15 26.44
CA THR F 78 -31.99 -15.66 25.23
C THR F 78 -31.83 -14.15 25.28
N ALA F 79 -30.64 -13.69 24.87
CA ALA F 79 -30.35 -12.28 24.67
C ALA F 79 -29.74 -12.10 23.29
N TYR F 80 -29.88 -10.90 22.73
CA TYR F 80 -29.50 -10.66 21.35
C TYR F 80 -28.59 -9.43 21.26
N LEU F 81 -27.61 -9.51 20.37
CA LEU F 81 -26.77 -8.37 20.01
C LEU F 81 -27.13 -7.97 18.58
N GLN F 82 -27.59 -6.73 18.42
CA GLN F 82 -27.96 -6.19 17.12
C GLN F 82 -26.95 -5.16 16.69
N LEU F 83 -26.43 -5.29 15.47
CA LEU F 83 -25.40 -4.41 14.95
C LEU F 83 -25.89 -3.79 13.65
N SER F 84 -25.83 -2.47 13.57
CA SER F 84 -26.28 -1.72 12.41
C SER F 84 -25.10 -1.05 11.72
N SER F 85 -25.34 -0.63 10.48
CA SER F 85 -24.36 0.12 9.69
C SER F 85 -23.01 -0.61 9.68
N LEU F 86 -23.05 -1.84 9.17
CA LEU F 86 -21.87 -2.69 9.18
C LEU F 86 -20.88 -2.25 8.12
N THR F 87 -19.59 -2.39 8.45
CA THR F 87 -18.49 -2.12 7.54
C THR F 87 -17.50 -3.28 7.64
N SER F 88 -16.45 -3.22 6.82
CA SER F 88 -15.41 -4.25 6.91
C SER F 88 -14.75 -4.25 8.28
N VAL F 89 -14.84 -3.14 9.03
CA VAL F 89 -14.21 -3.08 10.34
C VAL F 89 -14.99 -3.90 11.36
N ASP F 90 -16.28 -4.07 11.16
CA ASP F 90 -17.09 -4.90 12.06
C ASP F 90 -16.97 -6.38 11.74
N SER F 91 -16.25 -6.75 10.69
CA SER F 91 -16.06 -8.15 10.34
C SER F 91 -15.12 -8.79 11.36
N ALA F 92 -15.66 -9.67 12.19
CA ALA F 92 -14.93 -10.25 13.30
C ALA F 92 -15.74 -11.43 13.83
N VAL F 93 -15.25 -12.04 14.91
CA VAL F 93 -15.98 -13.08 15.63
C VAL F 93 -16.55 -12.46 16.90
N TYR F 94 -17.82 -12.75 17.17
CA TYR F 94 -18.54 -12.14 18.28
C TYR F 94 -18.95 -13.23 19.27
N PHE F 95 -18.49 -13.10 20.50
CA PHE F 95 -18.82 -14.01 21.59
C PHE F 95 -19.79 -13.35 22.54
N CYS F 96 -20.66 -14.14 23.15
CA CYS F 96 -21.37 -13.75 24.37
C CYS F 96 -20.80 -14.55 25.53
N ALA F 97 -20.67 -13.91 26.69
CA ALA F 97 -20.02 -14.55 27.83
C ALA F 97 -20.81 -14.28 29.11
N ARG F 98 -21.02 -15.34 29.89
CA ARG F 98 -21.56 -15.19 31.22
C ARG F 98 -20.51 -14.56 32.14
N GLY F 99 -20.98 -13.93 33.20
CA GLY F 99 -20.09 -13.46 34.25
C GLY F 99 -20.78 -12.39 35.07
N GLY F 100 -19.95 -11.69 35.85
CA GLY F 100 -20.37 -10.46 36.48
C GLY F 100 -20.32 -9.33 35.47
N THR F 101 -20.07 -8.13 35.96
CA THR F 101 -20.00 -6.99 35.06
C THR F 101 -18.71 -6.98 34.24
N VAL F 102 -17.63 -7.51 34.79
CA VAL F 102 -16.31 -7.31 34.17
C VAL F 102 -15.46 -8.58 34.07
N VAL F 103 -15.75 -9.67 34.77
CA VAL F 103 -14.98 -10.90 34.67
C VAL F 103 -15.90 -12.00 34.15
N PHE F 104 -15.46 -12.68 33.11
CA PHE F 104 -16.32 -13.55 32.31
C PHE F 104 -15.97 -15.00 32.61
N ASP F 105 -16.90 -15.70 33.28
CA ASP F 105 -16.64 -17.08 33.69
C ASP F 105 -16.56 -18.02 32.48
N TYR F 106 -17.61 -18.03 31.65
CA TYR F 106 -17.73 -19.00 30.59
C TYR F 106 -18.21 -18.31 29.32
N TRP F 107 -17.45 -18.47 28.24
CA TRP F 107 -17.73 -17.81 26.97
C TRP F 107 -18.55 -18.74 26.06
N GLY F 108 -19.08 -18.15 24.98
CA GLY F 108 -19.91 -18.88 24.03
C GLY F 108 -19.09 -19.63 23.00
N GLN F 109 -19.62 -19.69 21.78
CA GLN F 109 -18.91 -20.29 20.66
C GLN F 109 -18.21 -19.24 19.80
N GLY F 110 -18.91 -18.16 19.48
CA GLY F 110 -18.37 -17.12 18.62
C GLY F 110 -19.01 -17.12 17.25
N THR F 111 -19.92 -16.19 17.00
CA THR F 111 -20.61 -16.10 15.71
C THR F 111 -19.77 -15.24 14.78
N THR F 112 -19.41 -15.80 13.62
CA THR F 112 -18.56 -15.11 12.65
C THR F 112 -19.40 -14.15 11.83
N LEU F 113 -18.94 -12.91 11.74
CA LEU F 113 -19.58 -11.87 10.93
C LEU F 113 -18.60 -11.41 9.88
N THR F 114 -18.99 -11.53 8.61
CA THR F 114 -18.19 -11.06 7.48
C THR F 114 -19.03 -10.06 6.70
N VAL F 115 -18.48 -8.87 6.50
CA VAL F 115 -19.19 -7.76 5.87
C VAL F 115 -18.44 -7.43 4.58
N SER F 116 -19.12 -7.57 3.44
CA SER F 116 -18.45 -7.38 2.16
C SER F 116 -19.46 -7.07 1.07
N SER F 117 -18.99 -6.28 0.09
CA SER F 117 -19.80 -6.00 -1.09
C SER F 117 -19.85 -7.18 -2.05
N ALA F 118 -18.94 -8.14 -1.89
CA ALA F 118 -18.78 -9.19 -2.88
C ALA F 118 -19.93 -10.20 -2.82
N LYS F 119 -20.24 -10.77 -3.98
CA LYS F 119 -21.09 -11.95 -4.09
C LYS F 119 -20.19 -13.19 -4.17
N THR F 120 -20.82 -14.36 -4.12
CA THR F 120 -20.07 -15.60 -4.20
C THR F 120 -19.25 -15.61 -5.48
N THR F 121 -17.92 -15.72 -5.33
CA THR F 121 -17.00 -15.57 -6.45
C THR F 121 -15.95 -16.67 -6.40
N PRO F 122 -15.78 -17.44 -7.48
CA PRO F 122 -14.82 -18.54 -7.45
C PRO F 122 -13.39 -18.03 -7.57
N PRO F 123 -12.42 -18.76 -7.02
CA PRO F 123 -11.03 -18.30 -7.09
C PRO F 123 -10.42 -18.45 -8.48
N SER F 124 -9.52 -17.52 -8.80
CA SER F 124 -8.57 -17.73 -9.88
C SER F 124 -7.41 -18.55 -9.34
N VAL F 125 -6.98 -19.55 -10.12
CA VAL F 125 -5.97 -20.50 -9.68
C VAL F 125 -4.81 -20.43 -10.67
N TYR F 126 -3.74 -19.73 -10.27
CA TYR F 126 -2.58 -19.51 -11.13
C TYR F 126 -1.45 -20.44 -10.75
N PRO F 127 -0.84 -21.12 -11.71
CA PRO F 127 0.25 -22.05 -11.37
C PRO F 127 1.55 -21.31 -11.12
N LEU F 128 2.27 -21.76 -10.09
CA LEU F 128 3.54 -21.16 -9.71
C LEU F 128 4.64 -22.17 -10.02
N ALA F 129 5.37 -21.92 -11.10
CA ALA F 129 6.48 -22.77 -11.51
C ALA F 129 7.76 -21.97 -11.53
N PRO F 130 8.91 -22.63 -11.32
CA PRO F 130 10.19 -21.92 -11.36
C PRO F 130 10.60 -21.59 -12.79
N GLY F 131 11.62 -20.74 -12.89
CA GLY F 131 12.23 -20.43 -14.16
C GLY F 131 13.27 -21.47 -14.53
N SER F 132 14.02 -21.15 -15.60
CA SER F 132 15.07 -22.05 -16.04
C SER F 132 16.30 -22.00 -15.15
N ALA F 133 16.38 -21.03 -14.23
CA ALA F 133 17.48 -20.98 -13.28
C ALA F 133 17.37 -22.12 -12.28
N ALA F 134 18.49 -22.42 -11.62
CA ALA F 134 18.56 -23.56 -10.72
C ALA F 134 19.58 -23.29 -9.63
N GLN F 135 19.25 -23.73 -8.41
CA GLN F 135 20.15 -23.63 -7.27
C GLN F 135 19.65 -24.56 -6.18
N THR F 136 20.58 -25.17 -5.46
CA THR F 136 20.27 -26.18 -4.44
C THR F 136 19.22 -27.15 -4.96
N ASN F 137 19.55 -27.78 -6.08
CA ASN F 137 18.60 -28.55 -6.87
C ASN F 137 18.11 -29.80 -6.19
N SER F 138 18.62 -30.14 -5.00
CA SER F 138 18.16 -31.34 -4.31
C SER F 138 16.65 -31.40 -4.29
N MET F 139 16.00 -30.30 -3.91
CA MET F 139 14.56 -30.22 -3.81
C MET F 139 14.04 -29.08 -4.66
N VAL F 140 12.85 -29.26 -5.24
CA VAL F 140 12.19 -28.25 -6.04
C VAL F 140 10.88 -27.88 -5.36
N THR F 141 10.56 -26.59 -5.35
CA THR F 141 9.36 -26.08 -4.70
C THR F 141 8.42 -25.51 -5.76
N LEU F 142 7.17 -25.97 -5.75
CA LEU F 142 6.12 -25.51 -6.65
C LEU F 142 5.08 -24.77 -5.82
N GLY F 143 4.02 -24.31 -6.48
CA GLY F 143 2.95 -23.64 -5.75
C GLY F 143 1.76 -23.33 -6.64
N CYS F 144 0.75 -22.73 -6.03
CA CYS F 144 -0.45 -22.24 -6.71
C CYS F 144 -0.78 -20.89 -6.10
N LEU F 145 -1.63 -20.11 -6.79
CA LEU F 145 -2.16 -18.86 -6.22
C LEU F 145 -3.68 -18.85 -6.39
N VAL F 146 -4.36 -19.51 -5.45
CA VAL F 146 -5.76 -19.22 -5.16
C VAL F 146 -5.90 -17.72 -4.98
N LYS F 147 -6.82 -17.11 -5.74
CA LYS F 147 -6.89 -15.65 -5.73
C LYS F 147 -8.28 -15.18 -6.11
N GLY F 148 -8.74 -14.14 -5.43
CA GLY F 148 -9.96 -13.44 -5.80
C GLY F 148 -11.25 -14.20 -5.60
N TYR F 149 -11.35 -14.97 -4.53
CA TYR F 149 -12.57 -15.70 -4.20
C TYR F 149 -13.27 -15.06 -3.02
N PHE F 150 -14.55 -15.42 -2.86
CA PHE F 150 -15.34 -15.00 -1.71
C PHE F 150 -16.57 -15.89 -1.66
N PRO F 151 -16.97 -16.38 -0.47
CA PRO F 151 -16.33 -16.24 0.84
C PRO F 151 -15.33 -17.35 1.15
N GLU F 152 -14.80 -17.35 2.37
CA GLU F 152 -13.95 -18.43 2.85
C GLU F 152 -14.79 -19.64 3.21
N PRO F 153 -14.19 -20.83 3.37
CA PRO F 153 -12.75 -21.14 3.25
C PRO F 153 -12.36 -21.69 1.89
N VAL F 154 -11.11 -22.13 1.75
CA VAL F 154 -10.64 -22.88 0.60
C VAL F 154 -9.84 -24.08 1.09
N THR F 155 -10.10 -25.24 0.52
CA THR F 155 -9.32 -26.44 0.78
C THR F 155 -8.35 -26.65 -0.37
N VAL F 156 -7.10 -26.95 -0.04
CA VAL F 156 -6.05 -27.17 -1.03
C VAL F 156 -5.39 -28.51 -0.75
N THR F 157 -5.27 -29.33 -1.79
CA THR F 157 -4.48 -30.55 -1.74
C THR F 157 -3.58 -30.60 -2.96
N TRP F 158 -2.62 -31.52 -2.93
CA TRP F 158 -1.69 -31.71 -4.03
C TRP F 158 -1.69 -33.17 -4.45
N ASN F 159 -1.92 -33.40 -5.74
CA ASN F 159 -2.09 -34.76 -6.26
C ASN F 159 -3.17 -35.50 -5.47
N SER F 160 -4.21 -34.77 -5.09
CA SER F 160 -5.35 -35.33 -4.36
C SER F 160 -4.89 -36.07 -3.10
N GLY F 161 -3.94 -35.48 -2.38
CA GLY F 161 -3.45 -36.04 -1.15
C GLY F 161 -2.32 -37.04 -1.29
N SER F 162 -1.97 -37.42 -2.52
CA SER F 162 -0.85 -38.32 -2.73
C SER F 162 0.49 -37.69 -2.40
N LEU F 163 0.52 -36.38 -2.16
CA LEU F 163 1.73 -35.63 -1.84
C LEU F 163 1.38 -34.80 -0.60
N SER F 164 1.64 -35.36 0.58
CA SER F 164 1.21 -34.75 1.83
C SER F 164 2.35 -34.23 2.69
N SER F 165 3.57 -34.73 2.50
CA SER F 165 4.72 -34.25 3.25
C SER F 165 5.40 -33.12 2.48
N GLY F 166 5.99 -32.19 3.23
CA GLY F 166 6.64 -31.05 2.61
C GLY F 166 5.70 -30.11 1.89
N VAL F 167 4.47 -29.99 2.35
CA VAL F 167 3.48 -29.08 1.78
C VAL F 167 3.17 -27.99 2.80
N HIS F 168 2.94 -26.77 2.31
CA HIS F 168 2.58 -25.64 3.14
C HIS F 168 1.42 -24.92 2.48
N THR F 169 0.30 -24.81 3.20
CA THR F 169 -0.86 -24.07 2.74
C THR F 169 -1.09 -22.91 3.70
N PHE F 170 -1.28 -21.72 3.15
CA PHE F 170 -1.24 -20.54 4.00
C PHE F 170 -2.62 -19.94 4.19
N PRO F 171 -2.88 -19.37 5.37
CA PRO F 171 -4.15 -18.65 5.58
C PRO F 171 -4.31 -17.55 4.55
N ALA F 172 -5.54 -17.40 4.07
CA ALA F 172 -5.82 -16.37 3.07
C ALA F 172 -5.62 -14.98 3.67
N VAL F 173 -5.28 -14.02 2.81
CA VAL F 173 -5.30 -12.62 3.16
C VAL F 173 -6.47 -11.96 2.44
N LEU F 174 -6.99 -10.89 3.02
CA LEU F 174 -8.10 -10.15 2.44
C LEU F 174 -7.50 -9.09 1.52
N GLN F 175 -7.54 -9.35 0.21
CA GLN F 175 -6.89 -8.50 -0.78
C GLN F 175 -7.96 -8.00 -1.76
N SER F 176 -8.14 -6.68 -1.79
CA SER F 176 -9.07 -6.04 -2.72
C SER F 176 -10.47 -6.64 -2.61
N ASP F 177 -11.00 -6.66 -1.39
CA ASP F 177 -12.34 -7.13 -1.07
C ASP F 177 -12.50 -8.64 -1.27
N LEU F 178 -11.46 -9.34 -1.68
CA LEU F 178 -11.50 -10.78 -1.92
C LEU F 178 -10.35 -11.44 -1.16
N TYR F 179 -10.40 -12.77 -1.07
CA TYR F 179 -9.42 -13.53 -0.32
C TYR F 179 -8.43 -14.21 -1.27
N THR F 180 -7.18 -14.28 -0.86
CA THR F 180 -6.11 -14.91 -1.63
C THR F 180 -5.33 -15.86 -0.75
N LEU F 181 -5.12 -17.08 -1.22
CA LEU F 181 -4.16 -18.00 -0.62
C LEU F 181 -2.97 -18.19 -1.55
N SER F 182 -1.91 -18.76 -0.97
CA SER F 182 -0.85 -19.40 -1.72
C SER F 182 -0.50 -20.71 -1.01
N SER F 183 -0.03 -21.68 -1.77
CA SER F 183 0.35 -22.97 -1.21
C SER F 183 1.51 -23.51 -2.01
N SER F 184 2.38 -24.27 -1.34
CA SER F 184 3.60 -24.77 -1.96
C SER F 184 3.85 -26.21 -1.53
N VAL F 185 4.58 -26.93 -2.36
CA VAL F 185 5.07 -28.27 -2.06
C VAL F 185 6.56 -28.30 -2.34
N THR F 186 7.21 -29.32 -1.81
CA THR F 186 8.61 -29.59 -2.11
C THR F 186 8.76 -31.07 -2.43
N VAL F 187 9.06 -31.38 -3.68
CA VAL F 187 9.34 -32.75 -4.11
C VAL F 187 10.82 -32.79 -4.48
N PRO F 188 11.49 -33.93 -4.43
CA PRO F 188 12.86 -33.99 -4.96
C PRO F 188 12.86 -33.66 -6.44
N SER F 189 13.88 -32.94 -6.88
CA SER F 189 13.94 -32.54 -8.29
C SER F 189 14.03 -33.73 -9.23
N SER F 190 14.37 -34.91 -8.69
CA SER F 190 14.51 -36.09 -9.53
C SER F 190 13.22 -36.38 -10.30
N THR F 191 12.07 -36.27 -9.64
CA THR F 191 10.79 -36.68 -10.22
C THR F 191 10.02 -35.53 -10.83
N TRP F 192 10.67 -34.40 -11.09
CA TRP F 192 9.93 -33.27 -11.65
C TRP F 192 10.89 -32.39 -12.41
N PRO F 193 10.52 -31.92 -13.62
CA PRO F 193 9.23 -32.08 -14.31
C PRO F 193 8.88 -33.50 -14.76
N SER F 194 9.71 -34.50 -14.41
CA SER F 194 9.44 -35.87 -14.81
C SER F 194 8.00 -36.27 -14.49
N GLU F 195 7.62 -36.21 -13.22
CA GLU F 195 6.31 -36.65 -12.77
C GLU F 195 5.39 -35.45 -12.56
N THR F 196 4.15 -35.58 -13.03
CA THR F 196 3.21 -34.47 -13.02
C THR F 196 2.77 -34.13 -11.60
N VAL F 197 2.50 -32.84 -11.37
CA VAL F 197 2.02 -32.30 -10.09
C VAL F 197 0.78 -31.47 -10.39
N THR F 198 -0.08 -31.30 -9.37
CA THR F 198 -1.40 -30.74 -9.58
C THR F 198 -1.87 -29.84 -8.43
N CYS F 199 -2.43 -28.68 -8.79
CA CYS F 199 -3.18 -27.84 -7.86
C CYS F 199 -4.59 -28.42 -7.74
N ASN F 200 -4.93 -28.95 -6.57
CA ASN F 200 -6.31 -29.20 -6.19
C ASN F 200 -6.75 -28.05 -5.29
N VAL F 201 -7.79 -27.33 -5.70
CA VAL F 201 -8.25 -26.12 -5.02
C VAL F 201 -9.77 -26.15 -4.99
N ALA F 202 -10.34 -26.29 -3.80
CA ALA F 202 -11.78 -26.45 -3.62
C ALA F 202 -12.35 -25.26 -2.84
N HIS F 203 -13.43 -24.68 -3.37
CA HIS F 203 -14.10 -23.53 -2.79
C HIS F 203 -15.55 -23.93 -2.57
N PRO F 204 -15.87 -24.54 -1.42
CA PRO F 204 -17.22 -25.12 -1.26
C PRO F 204 -18.35 -24.10 -1.32
N ALA F 205 -18.07 -22.82 -1.08
CA ALA F 205 -19.13 -21.82 -1.12
C ALA F 205 -19.76 -21.76 -2.50
N SER F 206 -18.95 -21.81 -3.55
CA SER F 206 -19.43 -21.82 -4.92
C SER F 206 -19.48 -23.22 -5.53
N SER F 207 -19.05 -24.24 -4.78
CA SER F 207 -18.92 -25.60 -5.32
C SER F 207 -18.03 -25.61 -6.57
N THR F 208 -17.00 -24.77 -6.55
CA THR F 208 -16.01 -24.69 -7.61
C THR F 208 -14.75 -25.40 -7.15
N LYS F 209 -14.21 -26.28 -7.99
CA LYS F 209 -13.01 -27.02 -7.66
C LYS F 209 -12.11 -27.08 -8.89
N VAL F 210 -10.80 -26.99 -8.67
CA VAL F 210 -9.82 -26.90 -9.74
C VAL F 210 -8.81 -28.03 -9.60
N ASP F 211 -8.46 -28.64 -10.73
CA ASP F 211 -7.41 -29.66 -10.81
C ASP F 211 -6.46 -29.19 -11.92
N LYS F 212 -5.35 -28.57 -11.52
CA LYS F 212 -4.49 -27.85 -12.45
C LYS F 212 -3.06 -28.32 -12.34
N LYS F 213 -2.46 -28.64 -13.49
CA LYS F 213 -1.06 -29.02 -13.54
C LYS F 213 -0.16 -27.82 -13.27
N ILE F 214 1.03 -28.11 -12.75
CA ILE F 214 2.12 -27.14 -12.65
C ILE F 214 3.08 -27.44 -13.79
N VAL F 215 3.30 -26.45 -14.65
CA VAL F 215 4.07 -26.66 -15.88
C VAL F 215 5.29 -25.76 -15.89
N PRO F 216 6.36 -26.12 -16.61
CA PRO F 216 7.57 -25.29 -16.61
C PRO F 216 7.46 -24.03 -17.45
N ARG F 217 6.38 -23.85 -18.20
CA ARG F 217 6.28 -22.73 -19.14
C ARG F 217 5.62 -21.52 -18.48
N GLN G 1 18.37 30.94 -36.17
CA GLN G 1 18.25 30.08 -34.96
C GLN G 1 17.49 28.80 -35.32
N VAL G 2 17.76 27.73 -34.59
CA VAL G 2 17.17 26.42 -34.86
C VAL G 2 15.91 26.27 -34.01
N GLN G 3 14.81 25.90 -34.64
CA GLN G 3 13.52 25.77 -33.98
C GLN G 3 12.82 24.50 -34.43
N LEU G 4 11.96 23.97 -33.56
CA LEU G 4 11.03 22.89 -33.90
C LEU G 4 9.71 23.26 -33.22
N GLN G 5 8.86 24.01 -33.91
CA GLN G 5 7.59 24.42 -33.33
C GLN G 5 6.55 23.33 -33.51
N GLN G 6 5.77 23.08 -32.46
CA GLN G 6 4.72 22.08 -32.46
C GLN G 6 3.35 22.74 -32.31
N SER G 7 2.32 22.00 -32.72
CA SER G 7 0.95 22.49 -32.62
C SER G 7 0.54 22.60 -31.15
N GLY G 8 -0.51 23.40 -30.91
CA GLY G 8 -0.96 23.65 -29.58
C GLY G 8 -1.62 22.43 -28.96
N PRO G 9 -2.07 22.57 -27.71
CA PRO G 9 -2.65 21.44 -26.99
C PRO G 9 -3.96 20.98 -27.63
N GLU G 10 -4.32 19.73 -27.35
CA GLU G 10 -5.46 19.09 -28.00
C GLU G 10 -6.22 18.26 -26.98
N LEU G 11 -7.48 18.64 -26.73
CA LEU G 11 -8.40 17.90 -25.87
C LEU G 11 -9.47 17.28 -26.74
N VAL G 12 -9.70 15.97 -26.56
CA VAL G 12 -10.65 15.24 -27.40
C VAL G 12 -11.17 14.03 -26.62
N LYS G 13 -12.25 13.43 -27.13
CA LYS G 13 -12.90 12.28 -26.54
C LYS G 13 -12.11 11.00 -26.81
N PRO G 14 -12.33 9.96 -26.00
CA PRO G 14 -11.76 8.66 -26.33
C PRO G 14 -12.41 8.06 -27.57
N GLY G 15 -11.63 7.30 -28.32
CA GLY G 15 -12.06 6.76 -29.59
C GLY G 15 -11.85 7.68 -30.77
N ALA G 16 -11.51 8.94 -30.51
CA ALA G 16 -11.35 9.93 -31.56
C ALA G 16 -9.97 9.81 -32.20
N SER G 17 -9.62 10.80 -33.02
CA SER G 17 -8.31 10.89 -33.63
C SER G 17 -7.77 12.31 -33.46
N VAL G 18 -6.44 12.43 -33.48
CA VAL G 18 -5.77 13.72 -33.38
C VAL G 18 -4.60 13.73 -34.35
N LYS G 19 -4.23 14.93 -34.80
CA LYS G 19 -3.16 15.12 -35.77
C LYS G 19 -2.27 16.25 -35.25
N ILE G 20 -1.07 15.88 -34.77
CA ILE G 20 -0.12 16.83 -34.22
C ILE G 20 0.92 17.16 -35.27
N SER G 21 1.27 18.44 -35.38
CA SER G 21 2.19 18.92 -36.40
C SER G 21 3.50 19.37 -35.75
N CYS G 22 4.57 19.29 -36.53
CA CYS G 22 5.90 19.74 -36.10
C CYS G 22 6.57 20.40 -37.29
N LYS G 23 6.77 21.72 -37.22
CA LYS G 23 7.48 22.46 -38.24
C LYS G 23 8.94 22.62 -37.83
N ALA G 24 9.84 22.40 -38.78
CA ALA G 24 11.28 22.49 -38.54
C ALA G 24 11.85 23.68 -39.30
N SER G 25 12.93 24.23 -38.77
CA SER G 25 13.63 25.34 -39.42
C SER G 25 15.03 25.43 -38.81
N GLY G 26 15.89 26.20 -39.47
CA GLY G 26 17.27 26.31 -39.09
C GLY G 26 18.15 25.18 -39.58
N TYR G 27 17.56 24.14 -40.15
CA TYR G 27 18.30 23.00 -40.68
C TYR G 27 17.44 22.35 -41.75
N ALA G 28 18.07 21.48 -42.55
CA ALA G 28 17.41 20.88 -43.70
C ALA G 28 16.61 19.65 -43.23
N LEU G 29 15.29 19.71 -43.38
CA LEU G 29 14.44 18.61 -42.95
C LEU G 29 14.62 17.39 -43.85
N SER G 30 14.78 17.59 -45.15
CA SER G 30 14.95 16.47 -46.07
C SER G 30 16.18 15.64 -45.74
N SER G 31 17.13 16.21 -45.00
CA SER G 31 18.40 15.57 -44.67
C SER G 31 18.43 15.14 -43.20
N SER G 32 17.32 14.63 -42.69
CA SER G 32 17.22 14.30 -41.28
C SER G 32 16.15 13.24 -41.08
N TRP G 33 16.20 12.62 -39.91
CA TRP G 33 15.09 11.83 -39.39
C TRP G 33 14.37 12.67 -38.33
N LEU G 34 13.04 12.60 -38.34
CA LEU G 34 12.23 13.23 -37.30
C LEU G 34 11.56 12.14 -36.48
N ASN G 35 11.74 12.22 -35.16
CA ASN G 35 11.27 11.20 -34.24
C ASN G 35 10.19 11.76 -33.34
N TRP G 36 9.28 10.89 -32.91
CA TRP G 36 8.19 11.27 -32.01
C TRP G 36 8.28 10.43 -30.74
N VAL G 37 8.08 11.07 -29.59
CA VAL G 37 8.30 10.43 -28.29
C VAL G 37 7.16 10.80 -27.35
N LYS G 38 6.64 9.80 -26.63
CA LYS G 38 5.65 10.00 -25.59
C LYS G 38 6.35 10.04 -24.23
N GLN G 39 6.18 11.15 -23.51
CA GLN G 39 6.64 11.29 -22.12
C GLN G 39 5.38 11.52 -21.28
N ARG G 40 4.93 10.47 -20.59
CA ARG G 40 3.72 10.53 -19.78
C ARG G 40 4.04 11.11 -18.40
N PRO G 41 3.01 11.47 -17.63
CA PRO G 41 3.25 11.89 -16.24
C PRO G 41 3.99 10.82 -15.45
N GLY G 42 4.96 11.27 -14.66
CA GLY G 42 5.76 10.37 -13.84
C GLY G 42 6.20 9.12 -14.56
N GLN G 43 6.93 9.28 -15.67
CA GLN G 43 7.37 8.15 -16.47
C GLN G 43 8.71 8.48 -17.11
N GLY G 44 9.30 7.46 -17.75
CA GLY G 44 10.37 7.67 -18.71
C GLY G 44 9.80 7.94 -20.09
N LEU G 45 10.69 8.15 -21.05
CA LEU G 45 10.30 8.49 -22.41
C LEU G 45 10.07 7.23 -23.23
N GLU G 46 9.33 7.38 -24.34
CA GLU G 46 8.85 6.24 -25.10
C GLU G 46 8.84 6.63 -26.58
N TRP G 47 9.78 6.07 -27.34
CA TRP G 47 9.92 6.41 -28.76
C TRP G 47 8.80 5.76 -29.56
N ILE G 48 8.10 6.57 -30.34
CA ILE G 48 6.99 6.09 -31.16
C ILE G 48 7.48 5.60 -32.51
N GLY G 49 8.34 6.39 -33.15
CA GLY G 49 8.77 6.10 -34.49
C GLY G 49 9.49 7.30 -35.07
N ARG G 50 9.88 7.16 -36.33
CA ARG G 50 10.59 8.22 -37.02
C ARG G 50 10.18 8.20 -38.50
N ILE G 51 10.49 9.29 -39.18
CA ILE G 51 10.24 9.41 -40.62
C ILE G 51 11.40 10.17 -41.24
N PHE G 52 11.80 9.73 -42.43
CA PHE G 52 12.84 10.42 -43.21
C PHE G 52 12.13 11.17 -44.33
N PRO G 53 11.70 12.41 -44.10
CA PRO G 53 10.81 13.07 -45.07
C PRO G 53 11.43 13.25 -46.45
N GLY G 54 12.75 13.27 -46.57
CA GLY G 54 13.36 13.39 -47.88
C GLY G 54 12.91 12.32 -48.85
N ASP G 55 12.60 11.13 -48.33
CA ASP G 55 12.08 10.05 -49.15
C ASP G 55 10.89 9.33 -48.54
N GLY G 56 10.50 9.66 -47.30
CA GLY G 56 9.24 9.19 -46.74
C GLY G 56 9.29 7.87 -46.01
N ASP G 57 10.47 7.26 -45.85
CA ASP G 57 10.55 6.01 -45.11
C ASP G 57 10.16 6.23 -43.65
N THR G 58 9.54 5.22 -43.06
CA THR G 58 9.11 5.26 -41.67
C THR G 58 9.60 4.03 -40.93
N ASN G 59 9.76 4.19 -39.61
CA ASN G 59 10.06 3.09 -38.72
C ASN G 59 9.18 3.25 -37.48
N TYR G 60 8.47 2.20 -37.11
CA TYR G 60 7.50 2.24 -36.04
C TYR G 60 7.90 1.29 -34.93
N ASN G 61 7.74 1.73 -33.69
CA ASN G 61 7.81 0.80 -32.56
C ASN G 61 6.66 -0.19 -32.68
N GLY G 62 6.95 -1.46 -32.37
CA GLY G 62 5.92 -2.48 -32.48
C GLY G 62 4.67 -2.13 -31.70
N LYS G 63 4.83 -1.46 -30.56
CA LYS G 63 3.69 -1.13 -29.72
C LYS G 63 2.72 -0.19 -30.42
N PHE G 64 3.18 0.65 -31.34
CA PHE G 64 2.40 1.75 -31.87
C PHE G 64 1.98 1.58 -33.33
N LYS G 65 2.05 0.36 -33.87
CA LYS G 65 1.82 0.21 -35.32
C LYS G 65 0.37 0.46 -35.69
N GLY G 66 -0.57 -0.21 -35.02
CA GLY G 66 -1.97 0.02 -35.29
C GLY G 66 -2.49 1.35 -34.80
N LYS G 67 -1.65 2.12 -34.11
CA LYS G 67 -2.03 3.35 -33.44
C LYS G 67 -1.46 4.58 -34.12
N ALA G 68 -0.17 4.56 -34.44
CA ALA G 68 0.52 5.73 -34.95
C ALA G 68 0.61 5.71 -36.46
N THR G 69 0.69 6.90 -37.05
CA THR G 69 0.98 7.06 -38.47
C THR G 69 1.84 8.31 -38.62
N LEU G 70 3.01 8.16 -39.23
CA LEU G 70 3.90 9.28 -39.47
C LEU G 70 3.87 9.66 -40.95
N THR G 71 3.58 10.92 -41.21
CA THR G 71 3.64 11.51 -42.54
C THR G 71 4.42 12.81 -42.43
N ALA G 72 4.72 13.42 -43.58
CA ALA G 72 5.47 14.66 -43.57
C ALA G 72 5.27 15.36 -44.91
N ASP G 73 5.64 16.62 -44.95
CA ASP G 73 5.46 17.47 -46.12
C ASP G 73 6.76 18.23 -46.36
N LYS G 74 7.46 17.86 -47.44
CA LYS G 74 8.76 18.47 -47.72
C LYS G 74 8.65 19.98 -47.90
N SER G 75 7.60 20.45 -48.59
CA SER G 75 7.54 21.86 -48.96
C SER G 75 7.27 22.75 -47.76
N SER G 76 6.42 22.32 -46.82
CA SER G 76 6.08 23.12 -45.66
C SER G 76 6.98 22.84 -44.46
N SER G 77 8.04 22.04 -44.64
CA SER G 77 9.00 21.78 -43.57
C SER G 77 8.31 21.25 -42.32
N THR G 78 7.36 20.34 -42.51
CA THR G 78 6.52 19.89 -41.42
C THR G 78 6.36 18.38 -41.44
N ALA G 79 6.33 17.79 -40.25
CA ALA G 79 5.98 16.39 -40.05
C ALA G 79 4.69 16.33 -39.24
N TYR G 80 4.00 15.19 -39.33
CA TYR G 80 2.73 15.01 -38.65
C TYR G 80 2.69 13.65 -37.97
N LEU G 81 2.23 13.63 -36.71
CA LEU G 81 1.92 12.41 -35.98
C LEU G 81 0.41 12.29 -35.91
N GLN G 82 -0.12 11.16 -36.36
CA GLN G 82 -1.55 10.88 -36.32
C GLN G 82 -1.79 9.78 -35.30
N LEU G 83 -2.67 10.05 -34.34
CA LEU G 83 -3.09 9.08 -33.33
C LEU G 83 -4.61 8.94 -33.41
N SER G 84 -5.09 7.73 -33.15
CA SER G 84 -6.52 7.47 -33.24
C SER G 84 -6.87 6.27 -32.38
N SER G 85 -8.17 6.04 -32.23
CA SER G 85 -8.69 5.10 -31.23
C SER G 85 -8.14 5.47 -29.85
N LEU G 86 -8.16 6.77 -29.56
CA LEU G 86 -7.50 7.30 -28.38
C LEU G 86 -8.18 6.81 -27.11
N THR G 87 -7.37 6.52 -26.09
CA THR G 87 -7.83 6.12 -24.77
C THR G 87 -7.08 6.97 -23.74
N SER G 88 -7.43 6.76 -22.47
CA SER G 88 -6.70 7.43 -21.40
C SER G 88 -5.21 7.08 -21.45
N VAL G 89 -4.88 5.91 -22.00
CA VAL G 89 -3.49 5.49 -22.08
C VAL G 89 -2.68 6.48 -22.91
N ASP G 90 -3.27 7.01 -23.98
CA ASP G 90 -2.56 7.88 -24.92
C ASP G 90 -2.50 9.33 -24.46
N SER G 91 -3.13 9.67 -23.33
CA SER G 91 -3.06 11.02 -22.79
C SER G 91 -1.65 11.27 -22.28
N ALA G 92 -0.93 12.20 -22.92
CA ALA G 92 0.48 12.40 -22.63
C ALA G 92 0.96 13.63 -23.38
N VAL G 93 2.25 13.94 -23.22
CA VAL G 93 2.95 14.92 -24.05
C VAL G 93 3.61 14.17 -25.20
N TYR G 94 3.77 14.84 -26.33
CA TYR G 94 4.33 14.24 -27.54
C TYR G 94 5.35 15.20 -28.14
N PHE G 95 6.61 14.79 -28.13
CA PHE G 95 7.71 15.59 -28.65
C PHE G 95 8.10 15.10 -30.03
N CYS G 96 8.35 16.04 -30.94
CA CYS G 96 9.04 15.77 -32.19
C CYS G 96 10.50 16.20 -32.02
N ALA G 97 11.42 15.40 -32.55
CA ALA G 97 12.82 15.61 -32.29
C ALA G 97 13.66 15.31 -33.53
N ARG G 98 14.66 16.16 -33.78
CA ARG G 98 15.66 15.94 -34.80
C ARG G 98 16.67 14.91 -34.33
N GLY G 99 17.34 14.27 -35.29
CA GLY G 99 18.45 13.41 -34.96
C GLY G 99 18.80 12.53 -36.14
N GLY G 100 19.66 11.55 -35.87
CA GLY G 100 19.83 10.43 -36.76
C GLY G 100 18.65 9.50 -36.56
N THR G 101 18.90 8.19 -36.55
CA THR G 101 17.80 7.24 -36.37
C THR G 101 17.46 7.00 -34.91
N VAL G 102 18.43 7.13 -34.00
CA VAL G 102 18.20 6.70 -32.62
C VAL G 102 18.69 7.70 -31.57
N VAL G 103 19.43 8.73 -31.97
CA VAL G 103 19.95 9.73 -31.05
C VAL G 103 19.43 11.09 -31.49
N PHE G 104 18.69 11.75 -30.62
CA PHE G 104 17.95 12.96 -30.95
C PHE G 104 18.68 14.19 -30.41
N ASP G 105 18.93 15.16 -31.29
CA ASP G 105 19.76 16.31 -30.95
C ASP G 105 18.95 17.48 -30.38
N TYR G 106 17.79 17.78 -30.97
CA TYR G 106 16.97 18.92 -30.57
C TYR G 106 15.52 18.45 -30.49
N TRP G 107 14.91 18.60 -29.31
CA TRP G 107 13.49 18.29 -29.13
C TRP G 107 12.69 19.59 -29.13
N GLY G 108 11.42 19.49 -29.52
CA GLY G 108 10.53 20.63 -29.57
C GLY G 108 9.86 20.90 -28.25
N GLN G 109 8.89 21.84 -28.28
CA GLN G 109 8.18 22.19 -27.06
C GLN G 109 7.52 20.98 -26.42
N GLY G 110 6.88 20.16 -27.24
CA GLY G 110 5.92 19.19 -26.78
C GLY G 110 4.50 19.64 -27.09
N THR G 111 3.61 18.67 -27.24
CA THR G 111 2.20 18.92 -27.48
C THR G 111 1.41 18.08 -26.48
N THR G 112 0.63 18.74 -25.63
CA THR G 112 -0.09 18.04 -24.58
C THR G 112 -1.40 17.49 -25.15
N LEU G 113 -1.58 16.18 -25.04
CA LEU G 113 -2.78 15.50 -25.52
C LEU G 113 -3.50 14.92 -24.32
N THR G 114 -4.78 15.27 -24.17
CA THR G 114 -5.62 14.76 -23.10
C THR G 114 -6.83 14.07 -23.70
N VAL G 115 -7.17 12.91 -23.15
CA VAL G 115 -8.25 12.07 -23.66
C VAL G 115 -9.26 11.90 -22.53
N SER G 116 -10.41 12.56 -22.64
CA SER G 116 -11.44 12.48 -21.63
C SER G 116 -12.81 12.53 -22.28
N SER G 117 -13.78 11.86 -21.63
CA SER G 117 -15.16 11.92 -22.06
C SER G 117 -15.90 13.13 -21.53
N ALA G 118 -15.31 13.85 -20.58
CA ALA G 118 -16.00 14.94 -19.91
C ALA G 118 -15.93 16.22 -20.74
N LYS G 119 -16.89 17.11 -20.48
CA LYS G 119 -16.86 18.48 -20.99
C LYS G 119 -16.31 19.40 -19.91
N THR G 120 -16.08 20.66 -20.29
CA THR G 120 -15.58 21.65 -19.35
C THR G 120 -16.42 21.64 -18.07
N THR G 121 -15.76 21.39 -16.94
CA THR G 121 -16.44 21.28 -15.66
C THR G 121 -15.73 22.20 -14.65
N PRO G 122 -16.46 23.08 -13.98
CA PRO G 122 -15.83 23.90 -12.94
C PRO G 122 -15.61 23.08 -11.67
N PRO G 123 -14.65 23.45 -10.84
CA PRO G 123 -14.40 22.68 -9.62
C PRO G 123 -15.40 22.99 -8.52
N SER G 124 -15.67 21.97 -7.71
CA SER G 124 -16.23 22.19 -6.38
C SER G 124 -15.10 22.61 -5.45
N VAL G 125 -15.36 23.62 -4.63
CA VAL G 125 -14.35 24.18 -3.74
C VAL G 125 -14.86 23.95 -2.32
N TYR G 126 -14.18 23.08 -1.57
CA TYR G 126 -14.60 22.74 -0.23
C TYR G 126 -13.70 23.39 0.79
N PRO G 127 -14.24 23.99 1.85
CA PRO G 127 -13.40 24.60 2.88
C PRO G 127 -12.86 23.51 3.80
N LEU G 128 -11.56 23.53 4.06
CA LEU G 128 -10.93 22.59 4.97
C LEU G 128 -10.65 23.31 6.28
N ALA G 129 -11.45 22.99 7.30
CA ALA G 129 -11.36 23.64 8.58
C ALA G 129 -11.19 22.59 9.67
N PRO G 130 -10.32 22.85 10.65
CA PRO G 130 -9.98 21.82 11.63
C PRO G 130 -11.21 21.33 12.39
N GLY G 131 -11.11 20.11 12.91
CA GLY G 131 -12.10 19.60 13.81
C GLY G 131 -12.09 20.36 15.13
N SER G 132 -13.02 20.00 16.00
CA SER G 132 -13.10 20.65 17.31
C SER G 132 -11.85 20.40 18.14
N ALA G 133 -11.03 19.42 17.77
CA ALA G 133 -9.74 19.21 18.39
C ALA G 133 -8.72 20.20 17.81
N ALA G 134 -7.54 20.25 18.42
CA ALA G 134 -6.48 21.14 17.98
C ALA G 134 -5.14 20.48 18.17
N GLN G 135 -4.30 20.54 17.14
CA GLN G 135 -3.01 19.86 17.10
C GLN G 135 -2.01 20.73 16.35
N THR G 136 -0.76 20.72 16.81
CA THR G 136 0.25 21.70 16.38
C THR G 136 -0.24 23.11 16.73
N ASN G 137 -0.42 23.34 18.02
CA ASN G 137 -1.27 24.43 18.48
C ASN G 137 -0.71 25.82 18.14
N SER G 138 0.61 25.97 18.12
CA SER G 138 1.17 27.31 17.93
C SER G 138 0.71 27.93 16.62
N MET G 139 0.55 27.12 15.58
CA MET G 139 0.06 27.55 14.28
C MET G 139 -1.18 26.75 13.94
N VAL G 140 -1.95 27.22 12.96
CA VAL G 140 -3.18 26.56 12.55
C VAL G 140 -3.20 26.45 11.02
N THR G 141 -3.25 25.21 10.52
CA THR G 141 -3.29 24.94 9.10
C THR G 141 -4.74 24.80 8.65
N LEU G 142 -5.12 25.56 7.62
CA LEU G 142 -6.42 25.48 6.96
C LEU G 142 -6.21 24.91 5.56
N GLY G 143 -7.26 24.91 4.74
CA GLY G 143 -7.11 24.44 3.37
C GLY G 143 -8.35 24.66 2.55
N CYS G 144 -8.23 24.32 1.26
CA CYS G 144 -9.37 24.24 0.34
C CYS G 144 -9.15 23.04 -0.58
N LEU G 145 -10.19 22.22 -0.72
CA LEU G 145 -10.18 21.07 -1.61
C LEU G 145 -10.91 21.47 -2.89
N VAL G 146 -10.17 21.50 -4.00
CA VAL G 146 -10.68 21.95 -5.29
C VAL G 146 -10.80 20.71 -6.17
N LYS G 147 -12.02 20.26 -6.39
CA LYS G 147 -12.28 18.89 -6.82
C LYS G 147 -13.28 18.83 -7.95
N GLY G 148 -12.98 18.00 -8.95
CA GLY G 148 -13.92 17.67 -9.99
C GLY G 148 -13.88 18.51 -11.25
N TYR G 149 -12.82 19.29 -11.45
CA TYR G 149 -12.77 20.19 -12.60
C TYR G 149 -12.14 19.52 -13.81
N PHE G 150 -12.44 20.09 -14.98
CA PHE G 150 -11.83 19.70 -16.24
C PHE G 150 -11.95 20.85 -17.23
N PRO G 151 -10.90 21.20 -17.96
CA PRO G 151 -9.54 20.64 -17.95
C PRO G 151 -8.62 21.39 -17.00
N GLU G 152 -7.34 21.04 -16.97
CA GLU G 152 -6.33 21.87 -16.33
C GLU G 152 -6.24 23.17 -17.12
N PRO G 153 -5.66 24.24 -16.55
CA PRO G 153 -5.11 24.38 -15.20
C PRO G 153 -6.11 24.95 -14.20
N VAL G 154 -5.69 25.13 -12.96
CA VAL G 154 -6.49 25.85 -11.96
C VAL G 154 -5.53 26.57 -11.03
N THR G 155 -5.87 27.82 -10.70
CA THR G 155 -4.99 28.71 -9.96
C THR G 155 -5.55 28.95 -8.57
N VAL G 156 -4.66 28.99 -7.58
CA VAL G 156 -5.04 29.11 -6.18
C VAL G 156 -4.25 30.22 -5.51
N THR G 157 -4.92 30.99 -4.65
CA THR G 157 -4.30 32.04 -3.87
C THR G 157 -5.22 32.30 -2.67
N TRP G 158 -4.63 32.83 -1.60
CA TRP G 158 -5.35 33.04 -0.35
C TRP G 158 -5.48 34.53 -0.05
N ASN G 159 -6.66 34.91 0.44
CA ASN G 159 -6.99 36.30 0.69
C ASN G 159 -6.59 37.20 -0.48
N SER G 160 -6.87 36.72 -1.69
CA SER G 160 -6.57 37.45 -2.92
C SER G 160 -5.07 37.75 -3.08
N GLY G 161 -4.22 36.94 -2.44
CA GLY G 161 -2.79 37.12 -2.51
C GLY G 161 -2.16 37.76 -1.29
N SER G 162 -2.96 38.34 -0.39
CA SER G 162 -2.40 38.93 0.82
C SER G 162 -1.68 37.88 1.65
N LEU G 163 -2.22 36.66 1.71
CA LEU G 163 -1.66 35.59 2.52
C LEU G 163 -0.61 34.82 1.70
N SER G 164 0.54 35.46 1.53
CA SER G 164 1.58 34.91 0.67
C SER G 164 2.33 33.76 1.35
N SER G 165 2.99 34.05 2.47
CA SER G 165 3.85 33.06 3.09
C SER G 165 3.04 31.93 3.72
N GLY G 166 3.61 30.74 3.71
CA GLY G 166 3.03 29.59 4.37
C GLY G 166 2.11 28.73 3.53
N VAL G 167 1.93 29.04 2.26
CA VAL G 167 0.95 28.38 1.42
C VAL G 167 1.60 27.23 0.66
N HIS G 168 0.83 26.15 0.47
CA HIS G 168 1.22 25.02 -0.35
C HIS G 168 0.04 24.64 -1.22
N THR G 169 0.13 24.91 -2.51
CA THR G 169 -0.86 24.42 -3.48
C THR G 169 -0.28 23.20 -4.18
N PHE G 170 -1.03 22.13 -4.18
CA PHE G 170 -0.51 20.85 -4.62
C PHE G 170 -0.93 20.55 -6.06
N PRO G 171 -0.15 19.76 -6.79
CA PRO G 171 -0.57 19.37 -8.14
C PRO G 171 -1.83 18.55 -8.08
N ALA G 172 -2.61 18.61 -9.17
CA ALA G 172 -3.85 17.86 -9.24
C ALA G 172 -3.57 16.39 -9.51
N VAL G 173 -4.42 15.53 -8.95
CA VAL G 173 -4.46 14.13 -9.29
C VAL G 173 -5.68 13.91 -10.18
N LEU G 174 -5.80 12.72 -10.73
CA LEU G 174 -6.99 12.36 -11.49
C LEU G 174 -7.96 11.58 -10.61
N GLN G 175 -9.24 11.92 -10.71
CA GLN G 175 -10.28 11.30 -9.89
C GLN G 175 -11.54 11.21 -10.75
N SER G 176 -11.79 10.03 -11.30
CA SER G 176 -12.99 9.75 -12.09
C SER G 176 -13.14 10.73 -13.26
N ASP G 177 -12.15 10.68 -14.15
CA ASP G 177 -12.12 11.47 -15.38
C ASP G 177 -12.01 12.98 -15.13
N LEU G 178 -11.86 13.39 -13.88
CA LEU G 178 -11.79 14.80 -13.51
C LEU G 178 -10.54 15.02 -12.67
N TYR G 179 -10.18 16.30 -12.48
CA TYR G 179 -9.00 16.67 -11.73
C TYR G 179 -9.38 17.12 -10.33
N THR G 180 -8.54 16.78 -9.36
CA THR G 180 -8.74 17.19 -7.97
C THR G 180 -7.44 17.81 -7.47
N LEU G 181 -7.54 18.98 -6.86
CA LEU G 181 -6.39 19.71 -6.34
C LEU G 181 -6.70 20.21 -4.94
N SER G 182 -5.67 20.22 -4.10
CA SER G 182 -5.79 20.70 -2.73
C SER G 182 -4.74 21.77 -2.48
N SER G 183 -5.01 22.63 -1.49
CA SER G 183 -4.10 23.71 -1.14
C SER G 183 -4.21 23.99 0.35
N SER G 184 -3.07 24.09 1.01
CA SER G 184 -3.01 24.35 2.44
C SER G 184 -2.38 25.72 2.70
N VAL G 185 -2.73 26.30 3.83
CA VAL G 185 -2.14 27.55 4.31
C VAL G 185 -2.05 27.48 5.82
N THR G 186 -0.95 27.96 6.37
CA THR G 186 -0.71 27.92 7.81
C THR G 186 -0.52 29.34 8.31
N VAL G 187 -1.33 29.74 9.29
CA VAL G 187 -1.30 31.10 9.85
C VAL G 187 -1.17 30.97 11.36
N PRO G 188 -0.80 32.05 12.05
CA PRO G 188 -0.80 32.01 13.52
C PRO G 188 -2.20 31.74 14.06
N SER G 189 -2.26 31.04 15.20
CA SER G 189 -3.55 30.80 15.83
C SER G 189 -4.22 32.08 16.27
N SER G 190 -3.46 33.15 16.47
CA SER G 190 -4.03 34.40 16.95
C SER G 190 -5.08 34.94 15.98
N THR G 191 -4.83 34.84 14.69
CA THR G 191 -5.65 35.51 13.69
C THR G 191 -6.77 34.65 13.12
N TRP G 192 -6.94 33.42 13.56
CA TRP G 192 -8.04 32.64 13.02
C TRP G 192 -8.47 31.65 14.09
N PRO G 193 -9.78 31.44 14.30
CA PRO G 193 -10.94 31.99 13.58
C PRO G 193 -11.14 33.51 13.52
N SER G 194 -10.44 34.29 14.35
CA SER G 194 -10.78 35.71 14.49
C SER G 194 -10.81 36.42 13.15
N GLU G 195 -9.78 36.22 12.33
CA GLU G 195 -9.70 36.90 11.04
C GLU G 195 -10.21 36.00 9.92
N THR G 196 -10.68 36.64 8.85
CA THR G 196 -11.23 35.91 7.71
C THR G 196 -10.08 35.40 6.85
N VAL G 197 -10.01 34.08 6.65
CA VAL G 197 -9.05 33.45 5.76
C VAL G 197 -9.83 32.82 4.63
N THR G 198 -9.63 33.31 3.42
CA THR G 198 -10.39 32.89 2.24
C THR G 198 -9.44 32.32 1.19
N CYS G 199 -9.86 31.22 0.58
CA CYS G 199 -9.14 30.64 -0.55
C CYS G 199 -9.80 31.10 -1.84
N ASN G 200 -8.98 31.56 -2.78
CA ASN G 200 -9.44 32.05 -4.07
C ASN G 200 -9.00 31.06 -5.14
N VAL G 201 -9.95 30.56 -5.92
CA VAL G 201 -9.72 29.54 -6.93
C VAL G 201 -10.17 30.09 -8.27
N ALA G 202 -9.34 29.94 -9.29
CA ALA G 202 -9.66 30.37 -10.64
C ALA G 202 -9.55 29.18 -11.59
N HIS G 203 -10.57 29.00 -12.43
CA HIS G 203 -10.60 27.94 -13.43
C HIS G 203 -10.89 28.61 -14.76
N PRO G 204 -9.86 29.15 -15.42
CA PRO G 204 -10.12 30.01 -16.59
C PRO G 204 -10.83 29.31 -17.73
N ALA G 205 -10.76 27.98 -17.81
CA ALA G 205 -11.45 27.27 -18.89
C ALA G 205 -12.95 27.53 -18.83
N SER G 206 -13.57 27.28 -17.68
CA SER G 206 -14.96 27.66 -17.47
C SER G 206 -15.11 29.13 -17.12
N SER G 207 -14.00 29.84 -16.91
CA SER G 207 -14.03 31.28 -16.64
C SER G 207 -14.74 31.58 -15.32
N THR G 208 -14.46 30.77 -14.30
CA THR G 208 -15.15 30.89 -13.02
C THR G 208 -14.13 31.09 -11.90
N LYS G 209 -14.37 32.12 -11.09
CA LYS G 209 -13.63 32.36 -9.86
C LYS G 209 -14.48 31.95 -8.67
N VAL G 210 -13.83 31.50 -7.61
CA VAL G 210 -14.51 31.26 -6.33
C VAL G 210 -13.67 31.85 -5.22
N ASP G 211 -14.27 32.75 -4.45
CA ASP G 211 -13.74 33.17 -3.16
C ASP G 211 -14.57 32.47 -2.11
N LYS G 212 -13.91 31.69 -1.24
CA LYS G 212 -14.61 30.81 -0.30
C LYS G 212 -14.06 31.04 1.10
N LYS G 213 -14.91 31.49 2.01
CA LYS G 213 -14.50 31.64 3.40
C LYS G 213 -14.23 30.27 4.01
N ILE G 214 -13.29 30.22 4.95
CA ILE G 214 -13.09 29.07 5.80
C ILE G 214 -13.76 29.38 7.13
N VAL G 215 -14.79 28.61 7.48
CA VAL G 215 -15.59 28.86 8.67
C VAL G 215 -15.29 27.79 9.71
N PRO G 216 -15.17 28.13 10.99
CA PRO G 216 -14.79 27.13 12.00
C PRO G 216 -15.79 25.99 12.08
N ARG G 217 -15.29 24.86 12.60
CA ARG G 217 -16.12 23.68 12.83
C ARG G 217 -16.85 23.25 11.56
N GLN H 1 42.72 -14.81 -81.76
CA GLN H 1 42.38 -14.81 -83.21
C GLN H 1 42.21 -13.38 -83.70
N VAL H 2 43.05 -12.49 -83.17
CA VAL H 2 42.98 -11.07 -83.51
C VAL H 2 43.31 -10.89 -84.99
N GLN H 3 42.49 -10.11 -85.68
CA GLN H 3 42.67 -9.87 -87.10
C GLN H 3 42.32 -8.43 -87.44
N LEU H 4 43.06 -7.86 -88.41
CA LEU H 4 42.68 -6.61 -89.07
C LEU H 4 42.81 -6.87 -90.57
N GLN H 5 41.76 -7.40 -91.18
CA GLN H 5 41.76 -7.61 -92.62
C GLN H 5 41.44 -6.30 -93.34
N GLN H 6 42.19 -6.02 -94.40
CA GLN H 6 41.96 -4.84 -95.22
C GLN H 6 41.38 -5.25 -96.57
N SER H 7 40.98 -4.22 -97.33
CA SER H 7 40.48 -4.41 -98.68
C SER H 7 41.63 -4.71 -99.63
N GLY H 8 41.27 -5.19 -100.83
CA GLY H 8 42.24 -5.50 -101.84
C GLY H 8 42.87 -4.25 -102.41
N PRO H 9 43.84 -4.44 -103.31
CA PRO H 9 44.54 -3.30 -103.90
C PRO H 9 43.58 -2.39 -104.66
N GLU H 10 44.03 -1.16 -104.91
CA GLU H 10 43.22 -0.14 -105.56
C GLU H 10 44.02 0.48 -106.70
N LEU H 11 43.47 0.41 -107.91
CA LEU H 11 44.08 0.96 -109.12
C LEU H 11 43.15 2.02 -109.68
N VAL H 12 43.61 3.28 -109.70
CA VAL H 12 42.73 4.41 -110.01
C VAL H 12 43.56 5.58 -110.52
N LYS H 13 42.88 6.55 -111.13
CA LYS H 13 43.49 7.70 -111.78
C LYS H 13 43.69 8.84 -110.80
N PRO H 14 44.42 9.87 -111.22
CA PRO H 14 44.53 11.09 -110.41
C PRO H 14 43.21 11.84 -110.33
N GLY H 15 43.09 12.64 -109.28
CA GLY H 15 41.89 13.41 -109.02
C GLY H 15 40.77 12.61 -108.44
N ALA H 16 40.77 11.31 -108.64
CA ALA H 16 39.73 10.42 -108.16
C ALA H 16 39.92 10.17 -106.68
N SER H 17 39.18 9.21 -106.13
CA SER H 17 39.19 8.96 -104.70
C SER H 17 39.06 7.46 -104.46
N VAL H 18 39.54 7.02 -103.29
CA VAL H 18 39.49 5.62 -102.91
C VAL H 18 38.98 5.50 -101.48
N LYS H 19 38.46 4.32 -101.15
CA LYS H 19 37.99 3.99 -99.82
C LYS H 19 38.57 2.63 -99.45
N ILE H 20 39.39 2.57 -98.41
CA ILE H 20 40.06 1.35 -97.98
C ILE H 20 39.40 0.89 -96.68
N SER H 21 38.93 -0.34 -96.66
CA SER H 21 38.19 -0.88 -95.52
C SER H 21 39.10 -1.72 -94.64
N CYS H 22 38.88 -1.64 -93.33
CA CYS H 22 39.67 -2.38 -92.34
C CYS H 22 38.68 -3.00 -91.35
N LYS H 23 38.41 -4.29 -91.48
CA LYS H 23 37.56 -4.99 -90.53
C LYS H 23 38.40 -5.47 -89.35
N ALA H 24 37.86 -5.31 -88.15
CA ALA H 24 38.53 -5.70 -86.92
C ALA H 24 37.86 -6.92 -86.32
N SER H 25 38.66 -7.76 -85.66
CA SER H 25 38.18 -9.02 -85.12
C SER H 25 39.04 -9.42 -83.94
N GLY H 26 38.45 -10.21 -83.03
CA GLY H 26 39.16 -10.72 -81.89
C GLY H 26 39.30 -9.76 -80.72
N TYR H 27 38.78 -8.54 -80.84
CA TYR H 27 38.87 -7.57 -79.77
C TYR H 27 37.77 -6.53 -79.94
N ALA H 28 37.55 -5.75 -78.90
CA ALA H 28 36.47 -4.76 -78.88
C ALA H 28 36.95 -3.51 -79.59
N LEU H 29 36.50 -3.34 -80.84
CA LEU H 29 36.88 -2.15 -81.61
C LEU H 29 36.37 -0.88 -80.93
N SER H 30 35.16 -0.93 -80.37
CA SER H 30 34.55 0.26 -79.78
C SER H 30 35.31 0.77 -78.56
N SER H 31 36.22 0.01 -77.99
CA SER H 31 37.02 0.42 -76.86
C SER H 31 38.49 0.48 -77.23
N SER H 32 38.79 1.01 -78.44
CA SER H 32 40.16 1.11 -78.93
C SER H 32 40.20 2.22 -79.98
N TRP H 33 41.40 2.56 -80.41
CA TRP H 33 41.61 3.50 -81.52
C TRP H 33 42.06 2.70 -82.73
N LEU H 34 41.77 3.20 -83.93
CA LEU H 34 42.28 2.61 -85.16
C LEU H 34 43.07 3.68 -85.89
N ASN H 35 44.36 3.40 -86.14
CA ASN H 35 45.27 4.34 -86.75
C ASN H 35 45.58 3.92 -88.19
N TRP H 36 45.87 4.90 -89.04
CA TRP H 36 46.22 4.66 -90.44
C TRP H 36 47.60 5.22 -90.71
N VAL H 37 48.41 4.47 -91.47
CA VAL H 37 49.81 4.81 -91.69
C VAL H 37 50.16 4.56 -93.15
N LYS H 38 50.97 5.45 -93.73
CA LYS H 38 51.39 5.37 -95.13
C LYS H 38 52.87 4.99 -95.17
N GLN H 39 53.16 3.78 -95.70
CA GLN H 39 54.52 3.37 -96.01
C GLN H 39 54.74 3.49 -97.52
N ARG H 40 55.51 4.50 -97.93
CA ARG H 40 55.93 4.66 -99.31
C ARG H 40 57.40 4.28 -99.42
N PRO H 41 57.79 3.52 -100.44
CA PRO H 41 59.12 2.89 -100.42
C PRO H 41 60.25 3.83 -100.02
N GLY H 42 61.04 3.39 -99.05
CA GLY H 42 62.31 4.03 -98.74
C GLY H 42 62.22 5.02 -97.59
N GLN H 43 61.18 5.84 -97.58
CA GLN H 43 61.01 6.87 -96.56
C GLN H 43 60.15 6.43 -95.39
N GLY H 44 59.85 5.14 -95.29
CA GLY H 44 59.48 4.53 -94.00
C GLY H 44 57.95 4.50 -93.81
N LEU H 45 57.46 5.26 -92.83
CA LEU H 45 56.06 5.25 -92.44
C LEU H 45 55.62 6.66 -92.07
N GLU H 46 54.33 6.92 -92.24
CA GLU H 46 53.74 8.24 -91.93
C GLU H 46 52.36 8.03 -91.35
N TRP H 47 52.22 8.22 -90.04
CA TRP H 47 50.92 8.35 -89.42
C TRP H 47 50.04 9.30 -90.22
N ILE H 48 48.81 8.87 -90.49
CA ILE H 48 47.81 9.73 -91.12
C ILE H 48 46.87 10.32 -90.07
N GLY H 49 46.32 9.48 -89.22
CA GLY H 49 45.36 9.90 -88.22
C GLY H 49 44.81 8.69 -87.50
N ARG H 50 44.02 8.97 -86.47
CA ARG H 50 43.44 7.95 -85.63
C ARG H 50 41.96 8.26 -85.39
N ILE H 51 41.17 7.22 -85.17
CA ILE H 51 39.75 7.36 -84.90
C ILE H 51 39.40 6.42 -83.75
N PHE H 52 38.53 6.89 -82.86
CA PHE H 52 38.04 6.08 -81.74
C PHE H 52 36.61 5.69 -82.07
N PRO H 53 36.37 4.51 -82.65
CA PRO H 53 35.01 4.18 -83.13
C PRO H 53 33.94 4.26 -82.06
N GLY H 54 34.29 4.09 -80.79
CA GLY H 54 33.29 4.20 -79.74
C GLY H 54 32.62 5.56 -79.71
N ASP H 55 33.41 6.63 -79.84
CA ASP H 55 32.89 7.98 -79.81
C ASP H 55 32.79 8.62 -81.18
N GLY H 56 33.55 8.13 -82.16
CA GLY H 56 33.66 8.82 -83.43
C GLY H 56 34.59 10.00 -83.40
N ASP H 57 35.44 10.11 -82.38
CA ASP H 57 36.43 11.19 -82.32
C ASP H 57 37.59 10.86 -83.26
N THR H 58 38.10 11.90 -83.92
CA THR H 58 39.14 11.74 -84.92
C THR H 58 40.22 12.79 -84.73
N ASN H 59 41.48 12.35 -84.70
CA ASN H 59 42.64 13.23 -84.70
C ASN H 59 43.39 12.99 -86.00
N TYR H 60 43.76 14.07 -86.68
CA TYR H 60 44.40 13.99 -87.98
C TYR H 60 45.80 14.57 -87.92
N ASN H 61 46.72 13.93 -88.66
CA ASN H 61 47.98 14.58 -88.99
C ASN H 61 47.68 15.84 -89.79
N GLY H 62 48.30 16.95 -89.40
CA GLY H 62 48.05 18.20 -90.10
C GLY H 62 48.33 18.10 -91.59
N LYS H 63 49.28 17.25 -91.98
CA LYS H 63 49.62 17.08 -93.38
C LYS H 63 48.49 16.47 -94.20
N PHE H 64 47.52 15.83 -93.55
CA PHE H 64 46.49 15.08 -94.25
C PHE H 64 45.08 15.61 -94.04
N LYS H 65 44.93 16.83 -93.52
CA LYS H 65 43.59 17.33 -93.22
C LYS H 65 42.76 17.50 -94.49
N GLY H 66 43.38 17.98 -95.58
CA GLY H 66 42.62 18.22 -96.78
C GLY H 66 42.22 16.95 -97.52
N LYS H 67 42.97 15.87 -97.33
CA LYS H 67 42.77 14.64 -98.08
C LYS H 67 42.16 13.51 -97.25
N ALA H 68 42.61 13.32 -96.02
CA ALA H 68 42.14 12.20 -95.21
C ALA H 68 40.78 12.49 -94.60
N THR H 69 39.93 11.46 -94.58
CA THR H 69 38.69 11.48 -93.80
C THR H 69 38.54 10.10 -93.18
N LEU H 70 38.54 10.03 -91.85
CA LEU H 70 38.43 8.77 -91.15
C LEU H 70 37.00 8.60 -90.62
N THR H 71 36.44 7.42 -90.84
CA THR H 71 35.15 7.05 -90.28
C THR H 71 35.23 5.59 -89.87
N ALA H 72 34.18 5.13 -89.19
CA ALA H 72 34.10 3.75 -88.76
C ALA H 72 32.64 3.36 -88.62
N ASP H 73 32.40 2.05 -88.56
CA ASP H 73 31.04 1.50 -88.42
C ASP H 73 31.07 0.59 -87.19
N LYS H 74 30.56 1.12 -86.06
CA LYS H 74 30.59 0.36 -84.82
C LYS H 74 29.90 -0.99 -84.96
N SER H 75 28.89 -1.08 -85.83
CA SER H 75 28.12 -2.32 -85.97
C SER H 75 28.97 -3.42 -86.60
N SER H 76 29.52 -3.16 -87.79
CA SER H 76 30.26 -4.17 -88.52
C SER H 76 31.71 -4.32 -88.05
N SER H 77 32.13 -3.53 -87.07
CA SER H 77 33.51 -3.57 -86.57
C SER H 77 34.50 -3.31 -87.70
N THR H 78 34.27 -2.22 -88.43
CA THR H 78 35.13 -1.85 -89.55
C THR H 78 35.37 -0.35 -89.54
N ALA H 79 36.61 0.03 -89.79
CA ALA H 79 36.98 1.41 -90.08
C ALA H 79 37.14 1.58 -91.58
N TYR H 80 37.14 2.83 -92.02
CA TYR H 80 37.32 3.14 -93.43
C TYR H 80 38.23 4.35 -93.56
N LEU H 81 39.21 4.25 -94.46
CA LEU H 81 40.07 5.37 -94.82
C LEU H 81 39.63 5.90 -96.18
N GLN H 82 39.32 7.19 -96.24
CA GLN H 82 38.91 7.85 -97.47
C GLN H 82 40.01 8.82 -97.88
N LEU H 83 40.50 8.67 -99.12
CA LEU H 83 41.46 9.59 -99.72
C LEU H 83 40.86 10.12 -101.01
N SER H 84 40.96 11.43 -101.20
CA SER H 84 40.46 12.09 -102.40
C SER H 84 41.52 13.05 -102.90
N SER H 85 41.33 13.54 -104.13
CA SER H 85 42.32 14.39 -104.79
C SER H 85 43.63 13.62 -104.96
N LEU H 86 43.53 12.39 -105.45
CA LEU H 86 44.66 11.48 -105.49
C LEU H 86 45.73 12.00 -106.45
N THR H 87 46.98 11.63 -106.16
CA THR H 87 48.12 12.10 -106.92
C THR H 87 49.20 11.03 -106.93
N SER H 88 50.31 11.34 -107.59
CA SER H 88 51.45 10.42 -107.61
C SER H 88 51.98 10.19 -106.19
N VAL H 89 52.11 11.26 -105.42
CA VAL H 89 52.68 11.16 -104.08
C VAL H 89 51.83 10.29 -103.17
N ASP H 90 50.51 10.31 -103.35
CA ASP H 90 49.63 9.54 -102.48
C ASP H 90 49.70 8.04 -102.73
N SER H 91 50.38 7.59 -103.79
CA SER H 91 50.47 6.17 -104.09
C SER H 91 51.40 5.50 -103.07
N ALA H 92 50.87 4.48 -102.38
CA ALA H 92 51.62 3.84 -101.30
C ALA H 92 50.85 2.66 -100.71
N VAL H 93 51.47 1.98 -99.74
CA VAL H 93 50.74 1.04 -98.90
C VAL H 93 50.06 1.82 -97.79
N TYR H 94 48.97 1.27 -97.26
CA TYR H 94 48.19 1.93 -96.21
C TYR H 94 47.78 0.89 -95.18
N PHE H 95 48.28 1.03 -93.95
CA PHE H 95 47.98 0.10 -92.87
C PHE H 95 46.97 0.72 -91.91
N CYS H 96 46.07 -0.12 -91.41
CA CYS H 96 45.25 0.20 -90.24
C CYS H 96 45.81 -0.60 -89.07
N ALA H 97 46.01 0.07 -87.94
CA ALA H 97 46.70 -0.55 -86.81
C ALA H 97 46.00 -0.23 -85.50
N ARG H 98 45.78 -1.26 -84.70
CA ARG H 98 45.24 -1.10 -83.36
C ARG H 98 46.26 -0.41 -82.46
N GLY H 99 45.77 0.27 -81.43
CA GLY H 99 46.65 0.81 -80.44
C GLY H 99 45.89 1.70 -79.47
N GLY H 100 46.67 2.38 -78.62
CA GLY H 100 46.18 3.52 -77.90
C GLY H 100 46.13 4.66 -78.89
N THR H 101 46.56 5.85 -78.48
CA THR H 101 46.58 6.96 -79.43
C THR H 101 47.84 6.99 -80.29
N VAL H 102 48.96 6.44 -79.79
CA VAL H 102 50.24 6.67 -80.44
C VAL H 102 51.11 5.43 -80.63
N VAL H 103 50.78 4.34 -79.96
CA VAL H 103 51.56 3.10 -80.05
C VAL H 103 50.64 2.01 -80.59
N PHE H 104 51.09 1.35 -81.66
CA PHE H 104 50.23 0.51 -82.49
C PHE H 104 50.73 -0.93 -82.37
N ASP H 105 49.99 -1.75 -81.62
CA ASP H 105 50.45 -3.08 -81.26
C ASP H 105 50.02 -4.16 -82.26
N TYR H 106 49.13 -3.86 -83.20
CA TYR H 106 48.81 -4.78 -84.28
C TYR H 106 48.58 -4.02 -85.57
N TRP H 107 49.18 -4.50 -86.66
CA TRP H 107 49.02 -3.92 -87.99
C TRP H 107 48.41 -4.98 -88.90
N GLY H 108 47.62 -4.52 -89.87
CA GLY H 108 46.98 -5.41 -90.81
C GLY H 108 47.88 -5.78 -91.97
N GLN H 109 47.26 -6.40 -92.98
CA GLN H 109 48.00 -6.81 -94.17
C GLN H 109 48.73 -5.62 -94.79
N GLY H 110 47.99 -4.55 -95.02
CA GLY H 110 48.37 -3.50 -95.93
C GLY H 110 47.45 -3.45 -97.14
N THR H 111 47.36 -2.27 -97.74
CA THR H 111 46.56 -2.07 -98.94
C THR H 111 47.40 -1.23 -99.90
N THR H 112 47.66 -1.76 -101.10
CA THR H 112 48.46 -1.06 -102.08
C THR H 112 47.55 -0.11 -102.86
N LEU H 113 47.89 1.17 -102.85
CA LEU H 113 47.21 2.18 -103.64
C LEU H 113 48.14 2.62 -104.75
N THR H 114 47.67 2.53 -105.99
CA THR H 114 48.41 2.99 -107.16
C THR H 114 47.61 4.10 -107.82
N VAL H 115 48.24 5.25 -107.98
CA VAL H 115 47.64 6.40 -108.66
C VAL H 115 48.37 6.59 -109.99
N SER H 116 47.64 6.43 -111.08
CA SER H 116 48.25 6.60 -112.40
C SER H 116 47.16 6.87 -113.42
N SER H 117 47.41 7.86 -114.28
CA SER H 117 46.57 8.09 -115.45
C SER H 117 46.72 6.99 -116.49
N ALA H 118 47.70 6.11 -116.32
CA ALA H 118 47.99 5.07 -117.31
C ALA H 118 46.90 4.01 -117.32
N LYS H 119 46.83 3.30 -118.45
CA LYS H 119 45.96 2.16 -118.64
C LYS H 119 46.79 0.90 -118.82
N THR H 120 46.16 -0.25 -118.63
CA THR H 120 46.87 -1.52 -118.70
C THR H 120 47.73 -1.57 -119.95
N THR H 121 49.04 -1.65 -119.76
CA THR H 121 50.00 -1.60 -120.85
C THR H 121 50.89 -2.83 -120.77
N PRO H 122 51.03 -3.60 -121.85
CA PRO H 122 51.97 -4.72 -121.85
C PRO H 122 53.40 -4.22 -121.98
N PRO H 123 54.37 -4.99 -121.50
CA PRO H 123 55.76 -4.53 -121.58
C PRO H 123 56.34 -4.69 -122.98
N SER H 124 57.30 -3.83 -123.28
CA SER H 124 58.22 -4.06 -124.39
C SER H 124 59.40 -4.85 -123.83
N VAL H 125 59.77 -5.94 -124.53
CA VAL H 125 60.84 -6.82 -124.08
C VAL H 125 61.99 -6.67 -125.06
N TYR H 126 63.10 -6.12 -124.60
CA TYR H 126 64.26 -5.92 -125.46
C TYR H 126 65.34 -6.92 -125.11
N PRO H 127 65.94 -7.58 -126.10
CA PRO H 127 67.06 -8.48 -125.80
C PRO H 127 68.33 -7.69 -125.55
N LEU H 128 69.05 -8.06 -124.49
CA LEU H 128 70.31 -7.45 -124.14
C LEU H 128 71.42 -8.45 -124.44
N ALA H 129 72.25 -8.14 -125.42
CA ALA H 129 73.30 -9.02 -125.88
C ALA H 129 74.57 -8.22 -126.06
N PRO H 130 75.73 -8.82 -125.78
CA PRO H 130 76.97 -8.04 -125.79
C PRO H 130 77.34 -7.55 -127.18
N GLY H 131 78.13 -6.48 -127.20
CA GLY H 131 78.75 -6.05 -128.43
C GLY H 131 79.72 -7.08 -128.95
N SER H 132 80.31 -6.79 -130.11
CA SER H 132 81.28 -7.71 -130.69
C SER H 132 82.50 -7.89 -129.78
N ALA H 133 82.70 -7.00 -128.81
CA ALA H 133 83.81 -7.09 -127.87
C ALA H 133 83.30 -7.69 -126.56
N ALA H 134 83.17 -9.02 -126.56
CA ALA H 134 82.82 -9.73 -125.33
C ALA H 134 83.99 -9.70 -124.36
N GLN H 135 83.68 -9.74 -123.07
CA GLN H 135 84.68 -9.47 -122.03
C GLN H 135 84.56 -10.48 -120.90
N THR H 136 85.71 -10.85 -120.33
CA THR H 136 85.81 -11.89 -119.29
C THR H 136 85.13 -13.18 -119.76
N ASN H 137 85.75 -13.77 -120.79
CA ASN H 137 85.09 -14.79 -121.60
C ASN H 137 84.83 -16.10 -120.87
N SER H 138 85.36 -16.31 -119.67
CA SER H 138 85.04 -17.56 -118.97
C SER H 138 83.54 -17.72 -118.79
N MET H 139 82.81 -16.60 -118.75
CA MET H 139 81.36 -16.62 -118.64
C MET H 139 80.80 -15.47 -119.48
N VAL H 140 79.55 -15.61 -119.89
CA VAL H 140 78.85 -14.58 -120.66
C VAL H 140 77.59 -14.19 -119.89
N THR H 141 77.33 -12.89 -119.84
CA THR H 141 76.13 -12.35 -119.20
C THR H 141 75.21 -11.79 -120.28
N LEU H 142 73.98 -12.27 -120.29
CA LEU H 142 72.91 -11.77 -121.15
C LEU H 142 71.83 -11.16 -120.28
N GLY H 143 70.80 -10.62 -120.91
CA GLY H 143 69.71 -10.06 -120.14
C GLY H 143 68.56 -9.62 -121.02
N CYS H 144 67.51 -9.13 -120.37
CA CYS H 144 66.34 -8.58 -121.04
C CYS H 144 65.92 -7.30 -120.32
N LEU H 145 65.38 -6.37 -121.10
CA LEU H 145 64.86 -5.10 -120.59
C LEU H 145 63.35 -5.11 -120.79
N VAL H 146 62.61 -5.18 -119.70
CA VAL H 146 61.15 -5.34 -119.72
C VAL H 146 60.58 -4.01 -119.25
N LYS H 147 60.03 -3.24 -120.18
CA LYS H 147 59.92 -1.79 -120.03
C LYS H 147 58.56 -1.29 -120.47
N GLY H 148 57.99 -0.40 -119.66
CA GLY H 148 56.80 0.33 -120.05
C GLY H 148 55.48 -0.36 -119.79
N TYR H 149 55.41 -1.22 -118.76
CA TYR H 149 54.18 -1.95 -118.47
C TYR H 149 53.44 -1.33 -117.30
N PHE H 150 52.16 -1.71 -117.18
CA PHE H 150 51.31 -1.24 -116.09
C PHE H 150 50.08 -2.13 -116.04
N PRO H 151 49.65 -2.58 -114.86
CA PRO H 151 50.28 -2.44 -113.53
C PRO H 151 51.32 -3.51 -113.30
N GLU H 152 51.94 -3.54 -112.13
CA GLU H 152 52.69 -4.70 -111.69
C GLU H 152 51.69 -5.80 -111.32
N PRO H 153 52.12 -7.06 -111.19
CA PRO H 153 53.48 -7.60 -111.22
C PRO H 153 53.96 -8.05 -112.60
N VAL H 154 55.21 -8.51 -112.66
CA VAL H 154 55.75 -9.21 -113.82
C VAL H 154 56.60 -10.37 -113.33
N THR H 155 56.65 -11.43 -114.13
CA THR H 155 57.42 -12.63 -113.80
C THR H 155 58.41 -12.90 -114.92
N VAL H 156 59.64 -13.22 -114.54
CA VAL H 156 60.72 -13.43 -115.50
C VAL H 156 61.44 -14.74 -115.18
N THR H 157 61.74 -15.50 -116.23
CA THR H 157 62.52 -16.72 -116.13
C THR H 157 63.23 -16.93 -117.47
N TRP H 158 64.25 -17.78 -117.45
CA TRP H 158 65.08 -18.03 -118.63
C TRP H 158 64.91 -19.47 -119.10
N ASN H 159 64.77 -19.63 -120.42
CA ASN H 159 64.56 -20.94 -121.03
C ASN H 159 63.45 -21.70 -120.32
N SER H 160 62.39 -20.97 -119.95
CA SER H 160 61.21 -21.53 -119.29
C SER H 160 61.52 -22.08 -117.90
N GLY H 161 62.54 -21.54 -117.24
CA GLY H 161 62.97 -22.03 -115.95
C GLY H 161 64.00 -23.13 -115.99
N SER H 162 64.36 -23.62 -117.18
CA SER H 162 65.41 -24.62 -117.30
C SER H 162 66.79 -24.07 -116.96
N LEU H 163 66.94 -22.75 -116.89
CA LEU H 163 68.21 -22.08 -116.61
C LEU H 163 67.98 -21.26 -115.34
N SER H 164 68.32 -21.83 -114.18
CA SER H 164 67.87 -21.27 -112.90
C SER H 164 68.93 -20.43 -112.20
N SER H 165 70.07 -21.02 -111.85
CA SER H 165 71.05 -20.30 -111.06
C SER H 165 71.88 -19.38 -111.95
N GLY H 166 72.41 -18.32 -111.33
CA GLY H 166 73.09 -17.27 -112.06
C GLY H 166 72.20 -16.16 -112.55
N VAL H 167 70.89 -16.24 -112.31
CA VAL H 167 69.93 -15.27 -112.81
C VAL H 167 69.66 -14.22 -111.76
N HIS H 168 69.61 -12.96 -112.18
CA HIS H 168 69.24 -11.84 -111.32
C HIS H 168 68.13 -11.06 -112.01
N THR H 169 66.90 -11.20 -111.51
CA THR H 169 65.78 -10.38 -111.97
C THR H 169 65.58 -9.26 -110.97
N PHE H 170 65.51 -8.04 -111.46
CA PHE H 170 65.56 -6.88 -110.59
C PHE H 170 64.17 -6.29 -110.41
N PRO H 171 63.92 -5.64 -109.26
CA PRO H 171 62.64 -4.95 -109.07
C PRO H 171 62.54 -3.75 -109.99
N ALA H 172 61.30 -3.39 -110.30
CA ALA H 172 61.05 -2.35 -111.29
C ALA H 172 61.21 -0.96 -110.70
N VAL H 173 61.69 -0.04 -111.53
CA VAL H 173 61.63 1.37 -111.24
C VAL H 173 60.44 1.94 -111.99
N LEU H 174 60.07 3.19 -111.66
CA LEU H 174 59.03 3.89 -112.40
C LEU H 174 59.71 4.78 -113.45
N GLN H 175 59.33 4.58 -114.71
CA GLN H 175 59.87 5.34 -115.83
C GLN H 175 58.72 5.94 -116.63
N SER H 176 58.61 7.25 -116.61
CA SER H 176 57.59 7.98 -117.36
C SER H 176 56.22 7.34 -117.22
N ASP H 177 55.77 7.25 -115.97
CA ASP H 177 54.43 6.80 -115.61
C ASP H 177 54.21 5.32 -115.86
N LEU H 178 55.26 4.55 -116.15
CA LEU H 178 55.14 3.13 -116.42
C LEU H 178 56.32 2.41 -115.77
N TYR H 179 56.18 1.10 -115.61
CA TYR H 179 57.17 0.31 -114.89
C TYR H 179 58.21 -0.27 -115.85
N THR H 180 59.43 -0.41 -115.35
CA THR H 180 60.55 -0.97 -116.10
C THR H 180 61.40 -1.80 -115.16
N LEU H 181 61.77 -3.00 -115.58
CA LEU H 181 62.72 -3.81 -114.84
C LEU H 181 63.62 -4.57 -115.80
N SER H 182 64.77 -5.01 -115.29
CA SER H 182 65.78 -5.72 -116.05
C SER H 182 66.01 -7.09 -115.43
N SER H 183 66.60 -7.98 -116.22
CA SER H 183 66.90 -9.34 -115.78
C SER H 183 68.16 -9.80 -116.50
N SER H 184 69.12 -10.30 -115.74
CA SER H 184 70.39 -10.77 -116.30
C SER H 184 70.56 -12.26 -116.03
N VAL H 185 71.24 -12.93 -116.96
CA VAL H 185 71.53 -14.35 -116.87
C VAL H 185 72.98 -14.55 -117.24
N THR H 186 73.66 -15.49 -116.58
CA THR H 186 75.08 -15.74 -116.82
C THR H 186 75.27 -17.22 -117.14
N VAL H 187 75.75 -17.50 -118.34
CA VAL H 187 75.95 -18.87 -118.80
C VAL H 187 77.43 -19.06 -119.08
N PRO H 188 77.88 -20.31 -119.16
CA PRO H 188 79.24 -20.55 -119.69
C PRO H 188 79.37 -20.05 -121.12
N SER H 189 80.57 -19.60 -121.46
CA SER H 189 80.82 -19.09 -122.81
C SER H 189 80.75 -20.20 -123.85
N SER H 190 81.00 -21.46 -123.46
CA SER H 190 80.90 -22.55 -124.42
C SER H 190 79.51 -22.63 -125.02
N THR H 191 78.49 -22.26 -124.26
CA THR H 191 77.11 -22.46 -124.65
C THR H 191 76.47 -21.24 -125.31
N TRP H 192 77.16 -20.11 -125.40
CA TRP H 192 76.58 -18.98 -126.09
C TRP H 192 77.60 -18.41 -127.07
N PRO H 193 77.18 -17.96 -128.26
CA PRO H 193 75.85 -18.07 -128.88
C PRO H 193 75.42 -19.50 -129.22
N SER H 194 76.31 -20.47 -129.07
CA SER H 194 76.08 -21.85 -129.48
C SER H 194 74.68 -22.33 -129.18
N GLU H 195 74.15 -22.04 -128.00
CA GLU H 195 72.82 -22.47 -127.60
C GLU H 195 71.85 -21.30 -127.60
N THR H 196 70.56 -21.64 -127.59
CA THR H 196 69.50 -20.65 -127.55
C THR H 196 69.19 -20.32 -126.09
N VAL H 197 69.29 -19.04 -125.73
CA VAL H 197 69.01 -18.56 -124.38
C VAL H 197 67.90 -17.53 -124.50
N THR H 198 66.77 -17.80 -123.85
CA THR H 198 65.56 -17.02 -124.01
C THR H 198 65.09 -16.49 -122.66
N CYS H 199 64.77 -15.21 -122.60
CA CYS H 199 64.10 -14.63 -121.44
C CYS H 199 62.60 -14.77 -121.64
N ASN H 200 61.95 -15.50 -120.74
CA ASN H 200 60.50 -15.64 -120.74
C ASN H 200 59.91 -14.62 -119.78
N VAL H 201 58.96 -13.81 -120.26
CA VAL H 201 58.36 -12.75 -119.46
C VAL H 201 56.85 -12.95 -119.48
N ALA H 202 56.23 -12.85 -118.32
CA ALA H 202 54.78 -12.93 -118.17
C ALA H 202 54.28 -11.69 -117.46
N HIS H 203 53.17 -11.14 -117.95
CA HIS H 203 52.55 -9.94 -117.40
C HIS H 203 51.06 -10.22 -117.27
N PRO H 204 50.64 -10.89 -116.19
CA PRO H 204 49.25 -11.39 -116.13
C PRO H 204 48.21 -10.29 -116.15
N ALA H 205 48.57 -9.05 -115.81
CA ALA H 205 47.57 -7.98 -115.82
C ALA H 205 46.98 -7.80 -117.21
N SER H 206 47.75 -8.10 -118.26
CA SER H 206 47.26 -8.05 -119.63
C SER H 206 47.27 -9.42 -120.30
N SER H 207 47.47 -10.49 -119.53
CA SER H 207 47.49 -11.86 -120.07
C SER H 207 48.50 -11.98 -121.21
N THR H 208 49.72 -11.51 -120.95
CA THR H 208 50.77 -11.45 -121.95
C THR H 208 51.91 -12.38 -121.56
N LYS H 209 52.34 -13.21 -122.52
CA LYS H 209 53.54 -14.04 -122.38
C LYS H 209 54.46 -13.73 -123.56
N VAL H 210 55.75 -13.56 -123.25
CA VAL H 210 56.75 -13.27 -124.27
C VAL H 210 57.92 -14.23 -124.08
N ASP H 211 58.22 -14.99 -125.12
CA ASP H 211 59.44 -15.80 -125.20
C ASP H 211 60.32 -15.10 -126.23
N LYS H 212 61.44 -14.54 -125.79
CA LYS H 212 62.28 -13.69 -126.63
C LYS H 212 63.68 -14.28 -126.72
N LYS H 213 64.03 -14.78 -127.91
CA LYS H 213 65.40 -15.21 -128.16
C LYS H 213 66.35 -14.03 -127.95
N ILE H 214 67.50 -14.32 -127.33
CA ILE H 214 68.60 -13.37 -127.27
C ILE H 214 69.51 -13.67 -128.45
N VAL H 215 69.53 -12.76 -129.42
CA VAL H 215 70.21 -12.99 -130.70
C VAL H 215 71.54 -12.25 -130.69
N PRO H 216 72.64 -12.83 -131.18
CA PRO H 216 73.94 -12.13 -131.19
C PRO H 216 74.09 -11.22 -132.39
N ARG H 217 74.04 -9.90 -132.16
CA ARG H 217 74.58 -9.00 -133.21
C ARG H 217 75.46 -7.89 -132.65
N ASP H 218 75.08 -7.31 -131.52
CA ASP H 218 75.74 -6.13 -130.99
C ASP H 218 75.03 -5.65 -129.74
N ASP I 1 -55.32 -20.71 90.60
CA ASP I 1 -54.47 -19.56 90.19
C ASP I 1 -53.40 -19.26 91.22
N ILE I 2 -52.43 -18.44 90.82
CA ILE I 2 -51.36 -18.01 91.73
C ILE I 2 -51.91 -16.95 92.66
N VAL I 3 -51.52 -17.02 93.94
CA VAL I 3 -52.01 -16.13 94.97
C VAL I 3 -50.84 -15.29 95.48
N MET I 4 -51.04 -13.98 95.54
CA MET I 4 -50.11 -13.06 96.19
C MET I 4 -50.76 -12.58 97.47
N THR I 5 -50.12 -12.88 98.60
CA THR I 5 -50.64 -12.54 99.92
C THR I 5 -49.65 -11.58 100.59
N GLN I 6 -50.16 -10.43 101.02
CA GLN I 6 -49.39 -9.46 101.80
C GLN I 6 -49.77 -9.68 103.25
N SER I 7 -48.88 -10.34 104.00
CA SER I 7 -49.21 -10.78 105.35
C SER I 7 -49.70 -9.63 106.21
N HIS I 8 -49.02 -8.49 106.13
CA HIS I 8 -49.32 -7.34 106.97
C HIS I 8 -50.30 -6.43 106.24
N LYS I 9 -51.53 -6.35 106.75
CA LYS I 9 -52.46 -5.33 106.28
C LYS I 9 -51.95 -3.93 106.61
N PHE I 10 -51.08 -3.80 107.61
CA PHE I 10 -50.55 -2.53 108.05
C PHE I 10 -49.09 -2.69 108.46
N MET I 11 -48.28 -1.68 108.17
CA MET I 11 -46.91 -1.58 108.64
C MET I 11 -46.76 -0.27 109.41
N SER I 12 -46.08 -0.33 110.55
CA SER I 12 -45.84 0.84 111.38
C SER I 12 -44.47 1.41 111.06
N THR I 13 -44.38 2.73 110.99
CA THR I 13 -43.12 3.40 110.69
C THR I 13 -43.20 4.84 111.15
N SER I 14 -42.19 5.62 110.81
CA SER I 14 -42.13 7.04 111.15
C SER I 14 -41.21 7.72 110.14
N VAL I 15 -41.44 9.02 109.92
CA VAL I 15 -40.62 9.76 108.98
C VAL I 15 -39.17 9.67 109.38
N GLY I 16 -38.31 9.30 108.43
CA GLY I 16 -36.89 9.17 108.67
C GLY I 16 -36.39 7.77 108.89
N ASP I 17 -37.28 6.81 109.11
CA ASP I 17 -36.90 5.43 109.39
C ASP I 17 -37.08 4.57 108.14
N ARG I 18 -36.55 3.35 108.23
CA ARG I 18 -36.69 2.36 107.17
C ARG I 18 -37.97 1.55 107.38
N VAL I 19 -38.40 0.87 106.31
CA VAL I 19 -39.57 0.01 106.39
C VAL I 19 -39.51 -1.00 105.26
N ASN I 20 -40.00 -2.21 105.54
CA ASN I 20 -40.06 -3.29 104.56
C ASN I 20 -41.51 -3.70 104.39
N ILE I 21 -42.03 -3.54 103.18
CA ILE I 21 -43.33 -4.10 102.82
C ILE I 21 -43.06 -5.41 102.09
N THR I 22 -43.56 -6.52 102.64
CA THR I 22 -43.30 -7.84 102.09
C THR I 22 -44.51 -8.35 101.33
N CYS I 23 -44.25 -9.34 100.46
CA CYS I 23 -45.30 -9.94 99.65
C CYS I 23 -44.91 -11.39 99.39
N LYS I 24 -45.82 -12.30 99.72
CA LYS I 24 -45.58 -13.74 99.60
C LYS I 24 -46.41 -14.31 98.46
N ALA I 25 -45.77 -15.06 97.57
CA ALA I 25 -46.45 -15.71 96.46
C ALA I 25 -46.65 -17.18 96.77
N SER I 26 -47.71 -17.76 96.19
CA SER I 26 -48.02 -19.17 96.42
C SER I 26 -47.22 -20.08 95.50
N GLN I 27 -46.86 -19.61 94.32
CA GLN I 27 -46.09 -20.39 93.36
C GLN I 27 -44.90 -19.56 92.89
N ASP I 28 -43.89 -20.25 92.36
CA ASP I 28 -42.72 -19.55 91.84
C ASP I 28 -43.15 -18.60 90.73
N VAL I 29 -42.88 -17.32 90.93
CA VAL I 29 -43.20 -16.29 89.94
C VAL I 29 -41.94 -15.64 89.38
N GLY I 30 -40.80 -16.31 89.52
CA GLY I 30 -39.55 -15.76 89.01
C GLY I 30 -39.28 -14.40 89.62
N ILE I 31 -38.90 -13.45 88.77
CA ILE I 31 -38.73 -12.05 89.16
C ILE I 31 -39.85 -11.19 88.61
N ALA I 32 -40.94 -11.80 88.14
CA ALA I 32 -42.01 -11.09 87.45
C ALA I 32 -42.99 -10.51 88.47
N VAL I 33 -42.49 -9.52 89.22
CA VAL I 33 -43.27 -8.87 90.26
C VAL I 33 -43.18 -7.36 90.10
N ALA I 34 -44.31 -6.69 90.26
CA ALA I 34 -44.39 -5.23 90.22
C ALA I 34 -44.98 -4.71 91.53
N TRP I 35 -44.54 -3.52 91.92
CA TRP I 35 -45.02 -2.86 93.13
C TRP I 35 -45.68 -1.54 92.75
N TYR I 36 -46.77 -1.21 93.43
CA TYR I 36 -47.50 0.03 93.17
C TYR I 36 -47.84 0.73 94.48
N GLN I 37 -47.89 2.06 94.41
CA GLN I 37 -48.32 2.90 95.51
C GLN I 37 -49.68 3.50 95.16
N GLN I 38 -50.54 3.66 96.16
CA GLN I 38 -51.82 4.32 95.97
C GLN I 38 -52.11 5.17 97.19
N ARG I 39 -52.10 6.48 97.02
CA ARG I 39 -52.50 7.40 98.07
C ARG I 39 -54.03 7.49 98.11
N PRO I 40 -54.61 7.78 99.28
CA PRO I 40 -56.07 7.78 99.38
C PRO I 40 -56.70 8.78 98.41
N GLY I 41 -57.76 8.34 97.73
CA GLY I 41 -58.41 9.15 96.73
C GLY I 41 -57.74 9.15 95.38
N GLN I 42 -56.55 8.57 95.26
CA GLN I 42 -55.76 8.60 94.04
C GLN I 42 -55.74 7.22 93.38
N SER I 43 -55.36 7.21 92.11
CA SER I 43 -55.13 5.98 91.37
C SER I 43 -53.70 5.51 91.56
N PRO I 44 -53.42 4.24 91.28
CA PRO I 44 -52.11 3.69 91.61
C PRO I 44 -50.99 4.25 90.72
N LYS I 45 -49.77 4.14 91.25
CA LYS I 45 -48.57 4.47 90.50
C LYS I 45 -47.58 3.31 90.60
N LEU I 46 -46.78 3.14 89.55
CA LEU I 46 -45.77 2.10 89.53
C LEU I 46 -44.50 2.56 90.23
N LEU I 47 -43.96 1.69 91.07
CA LEU I 47 -42.67 1.91 91.72
C LEU I 47 -41.59 0.98 91.21
N ILE I 48 -41.85 -0.33 91.21
CA ILE I 48 -40.87 -1.34 90.85
C ILE I 48 -41.52 -2.30 89.86
N TYR I 49 -40.74 -2.74 88.88
CA TYR I 49 -41.14 -3.80 87.97
C TYR I 49 -39.96 -4.74 87.77
N TRP I 50 -40.25 -6.00 87.47
CA TRP I 50 -39.27 -7.09 87.51
C TRP I 50 -38.67 -7.26 88.90
N ALA I 51 -39.37 -6.78 89.92
CA ALA I 51 -39.09 -7.03 91.33
C ALA I 51 -37.90 -6.27 91.88
N SER I 52 -37.10 -5.63 91.02
CA SER I 52 -36.00 -4.83 91.54
C SER I 52 -35.66 -3.59 90.73
N LYS I 53 -36.39 -3.29 89.65
CA LYS I 53 -36.02 -2.21 88.74
C LYS I 53 -36.94 -1.02 88.94
N ARG I 54 -36.35 0.16 89.06
CA ARG I 54 -37.13 1.37 89.29
C ARG I 54 -37.76 1.84 87.97
N HIS I 55 -39.01 2.27 88.06
CA HIS I 55 -39.65 2.93 86.93
C HIS I 55 -39.16 4.37 86.84
N THR I 56 -39.16 4.90 85.61
CA THR I 56 -38.68 6.26 85.39
C THR I 56 -39.38 7.24 86.32
N GLY I 57 -38.58 8.01 87.06
CA GLY I 57 -39.10 8.98 87.99
C GLY I 57 -39.12 8.55 89.44
N VAL I 58 -38.73 7.31 89.74
CA VAL I 58 -38.84 6.76 91.09
C VAL I 58 -37.54 7.04 91.86
N HIS I 59 -37.68 7.58 93.06
CA HIS I 59 -36.57 8.06 93.87
C HIS I 59 -35.75 6.90 94.42
N ASP I 60 -34.52 7.21 94.80
CA ASP I 60 -33.61 6.17 95.28
C ASP I 60 -34.15 5.46 96.52
N ARG I 61 -35.04 6.11 97.27
CA ARG I 61 -35.60 5.47 98.45
C ARG I 61 -36.15 4.10 98.12
N PHE I 62 -36.87 3.99 97.01
CA PHE I 62 -37.67 2.80 96.68
C PHE I 62 -36.73 1.75 96.12
N THR I 63 -36.29 0.86 97.02
CA THR I 63 -35.27 -0.15 96.73
C THR I 63 -35.93 -1.52 96.87
N GLY I 64 -36.55 -1.98 95.78
CA GLY I 64 -37.23 -3.27 95.80
C GLY I 64 -36.28 -4.42 95.59
N THR I 65 -36.68 -5.59 96.10
CA THR I 65 -35.82 -6.77 96.11
C THR I 65 -36.62 -8.01 95.71
N GLY I 66 -35.90 -9.09 95.43
CA GLY I 66 -36.50 -10.41 95.48
C GLY I 66 -36.53 -11.22 94.20
N SER I 67 -36.53 -12.54 94.38
CA SER I 67 -37.03 -13.49 93.39
C SER I 67 -37.77 -14.58 94.15
N GLY I 68 -38.58 -15.35 93.43
CA GLY I 68 -39.13 -16.59 93.95
C GLY I 68 -40.53 -16.40 94.51
N THR I 69 -40.77 -16.94 95.71
CA THR I 69 -42.04 -16.79 96.41
C THR I 69 -41.94 -15.83 97.58
N ASP I 70 -40.94 -14.94 97.56
CA ASP I 70 -40.75 -13.95 98.62
C ASP I 70 -40.16 -12.69 98.00
N PHE I 71 -40.74 -11.53 98.34
CA PHE I 71 -40.35 -10.25 97.77
C PHE I 71 -40.44 -9.17 98.84
N THR I 72 -39.76 -8.05 98.60
CA THR I 72 -39.69 -6.95 99.56
C THR I 72 -39.63 -5.63 98.82
N LEU I 73 -40.06 -4.56 99.50
CA LEU I 73 -39.99 -3.18 99.01
C LEU I 73 -39.45 -2.32 100.15
N THR I 74 -38.13 -2.16 100.20
CA THR I 74 -37.49 -1.34 101.22
C THR I 74 -37.59 0.14 100.83
N ILE I 75 -38.21 0.94 101.69
CA ILE I 75 -38.15 2.39 101.60
C ILE I 75 -37.06 2.85 102.55
N SER I 76 -35.98 3.42 101.99
CA SER I 76 -34.83 3.80 102.81
C SER I 76 -35.22 4.88 103.83
N THR I 77 -35.94 5.90 103.39
CA THR I 77 -36.35 7.00 104.26
C THR I 77 -37.80 7.33 103.96
N VAL I 78 -38.66 7.20 104.97
CA VAL I 78 -40.08 7.45 104.81
C VAL I 78 -40.36 8.94 104.88
N GLN I 79 -41.11 9.46 103.91
CA GLN I 79 -41.62 10.82 103.94
C GLN I 79 -43.13 10.79 104.17
N SER I 80 -43.70 11.97 104.37
CA SER I 80 -45.16 12.09 104.44
C SER I 80 -45.80 11.54 103.18
N GLU I 81 -45.18 11.78 102.03
CA GLU I 81 -45.71 11.28 100.76
C GLU I 81 -45.89 9.78 100.77
N ASP I 82 -45.06 9.06 101.54
CA ASP I 82 -45.07 7.60 101.51
C ASP I 82 -46.16 6.97 102.36
N LEU I 83 -46.86 7.75 103.18
CA LEU I 83 -47.93 7.21 104.01
C LEU I 83 -49.13 6.90 103.11
N ALA I 84 -49.08 5.72 102.50
CA ALA I 84 -50.04 5.34 101.48
C ALA I 84 -50.17 3.82 101.47
N ASP I 85 -50.97 3.32 100.52
CA ASP I 85 -51.18 1.89 100.35
C ASP I 85 -50.18 1.32 99.36
N TYR I 86 -49.84 0.05 99.55
CA TYR I 86 -48.81 -0.61 98.76
C TYR I 86 -49.30 -1.98 98.31
N PHE I 87 -49.22 -2.23 97.00
CA PHE I 87 -49.68 -3.47 96.40
C PHE I 87 -48.53 -4.14 95.65
N CYS I 88 -48.53 -5.46 95.64
CA CYS I 88 -47.64 -6.26 94.80
C CYS I 88 -48.44 -6.97 93.72
N GLN I 89 -47.75 -7.38 92.67
CA GLN I 89 -48.38 -8.01 91.52
C GLN I 89 -47.40 -9.01 90.91
N GLN I 90 -47.92 -10.16 90.47
CA GLN I 90 -47.12 -11.17 89.80
C GLN I 90 -47.64 -11.36 88.38
N TYR I 91 -46.72 -11.56 87.44
CA TYR I 91 -47.06 -11.76 86.04
C TYR I 91 -46.17 -12.80 85.38
N SER I 92 -45.90 -13.90 86.09
CA SER I 92 -45.01 -14.93 85.54
C SER I 92 -45.68 -15.67 84.39
N ASN I 93 -46.91 -16.11 84.60
CA ASN I 93 -47.73 -16.74 83.57
C ASN I 93 -49.10 -16.09 83.45
N SER I 94 -49.52 -15.32 84.43
CA SER I 94 -50.86 -14.79 84.59
C SER I 94 -50.75 -13.68 85.62
N LEU I 95 -51.77 -12.84 85.67
CA LEU I 95 -51.74 -11.65 86.53
C LEU I 95 -52.51 -11.88 87.82
N THR I 96 -51.86 -11.56 88.94
CA THR I 96 -52.49 -11.57 90.25
C THR I 96 -51.98 -10.37 91.04
N PHE I 97 -52.89 -9.67 91.70
CA PHE I 97 -52.53 -8.61 92.62
C PHE I 97 -52.64 -9.12 94.06
N GLY I 98 -51.86 -8.53 94.95
CA GLY I 98 -52.10 -8.69 96.36
C GLY I 98 -53.23 -7.80 96.84
N ALA I 99 -53.62 -7.98 98.09
CA ALA I 99 -54.70 -7.19 98.67
C ALA I 99 -54.21 -5.88 99.29
N GLY I 100 -52.90 -5.69 99.40
CA GLY I 100 -52.36 -4.40 99.75
C GLY I 100 -51.86 -4.33 101.18
N THR I 101 -50.85 -3.49 101.39
CA THR I 101 -50.34 -3.15 102.71
C THR I 101 -50.44 -1.65 102.89
N THR I 102 -50.89 -1.22 104.07
CA THR I 102 -51.18 0.17 104.36
C THR I 102 -50.16 0.68 105.38
N LEU I 103 -49.40 1.71 104.99
CA LEU I 103 -48.29 2.20 105.79
C LEU I 103 -48.79 3.32 106.70
N GLU I 104 -48.71 3.10 108.02
CA GLU I 104 -49.23 4.02 109.00
C GLU I 104 -48.10 4.66 109.80
N LEU I 105 -48.43 5.75 110.49
CA LEU I 105 -47.51 6.37 111.42
C LEU I 105 -47.59 5.65 112.76
N SER I 106 -46.43 5.37 113.34
CA SER I 106 -46.38 4.72 114.65
C SER I 106 -46.50 5.77 115.75
N ARG I 107 -47.19 5.40 116.83
CA ARG I 107 -47.30 6.25 118.00
C ARG I 107 -47.45 5.37 119.23
N ALA I 108 -47.33 5.99 120.40
CA ALA I 108 -47.44 5.24 121.64
C ALA I 108 -48.83 4.61 121.75
N ASP I 109 -48.90 3.47 122.45
CA ASP I 109 -50.16 2.77 122.62
C ASP I 109 -51.24 3.72 123.13
N ALA I 110 -52.48 3.47 122.69
CA ALA I 110 -53.61 4.29 123.07
C ALA I 110 -54.83 3.39 123.21
N ALA I 111 -55.57 3.56 124.32
CA ALA I 111 -56.78 2.77 124.56
C ALA I 111 -58.02 3.55 124.15
N PRO I 112 -59.03 2.88 123.61
CA PRO I 112 -60.20 3.60 123.11
C PRO I 112 -61.12 4.10 124.22
N THR I 113 -61.80 5.20 123.91
CA THR I 113 -62.95 5.65 124.68
C THR I 113 -64.19 5.02 124.05
N VAL I 114 -65.04 4.41 124.87
CA VAL I 114 -66.15 3.59 124.40
C VAL I 114 -67.46 4.15 124.92
N SER I 115 -68.46 4.20 124.05
CA SER I 115 -69.81 4.61 124.40
C SER I 115 -70.79 3.61 123.81
N ILE I 116 -71.98 3.54 124.41
CA ILE I 116 -73.03 2.64 123.97
C ILE I 116 -74.36 3.39 123.98
N PHE I 117 -75.17 3.17 122.95
CA PHE I 117 -76.43 3.90 122.78
C PHE I 117 -77.52 2.93 122.35
N PRO I 118 -78.70 3.00 122.99
CA PRO I 118 -79.82 2.15 122.55
C PRO I 118 -80.48 2.73 121.31
N PRO I 119 -81.38 1.98 120.67
CA PRO I 119 -82.14 2.54 119.56
C PRO I 119 -83.01 3.71 120.02
N SER I 120 -83.27 4.63 119.10
CA SER I 120 -84.08 5.80 119.41
C SER I 120 -85.55 5.43 119.46
N SER I 121 -86.32 6.21 120.23
CA SER I 121 -87.76 6.00 120.28
C SER I 121 -88.39 6.14 118.89
N GLU I 122 -87.82 7.02 118.05
CA GLU I 122 -88.32 7.17 116.69
C GLU I 122 -88.12 5.90 115.88
N GLN I 123 -86.90 5.35 115.89
CA GLN I 123 -86.63 4.13 115.15
C GLN I 123 -87.53 2.99 115.62
N LEU I 124 -87.82 2.94 116.92
CA LEU I 124 -88.61 1.87 117.49
C LEU I 124 -90.09 1.97 117.17
N THR I 125 -90.53 3.05 116.53
CA THR I 125 -91.88 3.09 115.96
C THR I 125 -91.90 2.64 114.51
N SER I 126 -90.79 2.78 113.80
CA SER I 126 -90.70 2.29 112.43
C SER I 126 -90.55 0.78 112.34
N GLY I 127 -90.13 0.13 113.43
CA GLY I 127 -90.07 -1.31 113.52
C GLY I 127 -88.67 -1.88 113.63
N GLY I 128 -87.63 -1.08 113.34
CA GLY I 128 -86.26 -1.52 113.46
C GLY I 128 -85.64 -1.10 114.78
N ALA I 129 -84.40 -1.53 114.98
CA ALA I 129 -83.67 -1.20 116.20
C ALA I 129 -82.18 -1.31 115.92
N SER I 130 -81.43 -0.25 116.27
CA SER I 130 -79.98 -0.21 116.08
C SER I 130 -79.34 0.15 117.42
N VAL I 131 -78.61 -0.81 118.00
CA VAL I 131 -77.77 -0.55 119.16
C VAL I 131 -76.39 -0.13 118.65
N VAL I 132 -75.89 1.00 119.12
CA VAL I 132 -74.68 1.61 118.58
C VAL I 132 -73.61 1.68 119.66
N CYS I 133 -72.38 1.33 119.29
CA CYS I 133 -71.22 1.38 120.16
C CYS I 133 -70.09 2.03 119.38
N PHE I 134 -69.55 3.12 119.90
CA PHE I 134 -68.38 3.77 119.32
C PHE I 134 -67.14 3.38 120.11
N LEU I 135 -66.02 3.21 119.41
CA LEU I 135 -64.72 2.98 120.03
C LEU I 135 -63.74 3.93 119.34
N ASN I 136 -63.35 5.00 120.04
CA ASN I 136 -62.67 6.12 119.42
C ASN I 136 -61.27 6.31 120.00
N ASN I 137 -60.36 6.76 119.15
CA ASN I 137 -59.02 7.20 119.54
C ASN I 137 -58.23 6.08 120.21
N PHE I 138 -57.98 5.01 119.44
CA PHE I 138 -57.17 3.90 119.89
C PHE I 138 -56.05 3.62 118.89
N TYR I 139 -55.00 2.97 119.38
CA TYR I 139 -53.87 2.54 118.58
C TYR I 139 -53.26 1.34 119.27
N PRO I 140 -52.83 0.31 118.52
CA PRO I 140 -52.90 0.15 117.07
C PRO I 140 -54.28 -0.27 116.56
N LYS I 141 -54.44 -0.38 115.24
CA LYS I 141 -55.75 -0.69 114.66
C LYS I 141 -56.22 -2.10 115.00
N ASP I 142 -55.36 -2.94 115.55
CA ASP I 142 -55.78 -4.29 115.90
C ASP I 142 -56.68 -4.30 117.12
N ILE I 143 -57.99 -4.22 116.90
CA ILE I 143 -58.99 -4.24 117.97
C ILE I 143 -60.08 -5.23 117.59
N ASN I 144 -60.62 -5.93 118.59
CA ASN I 144 -61.62 -6.95 118.37
C ASN I 144 -62.83 -6.63 119.24
N VAL I 145 -64.00 -6.54 118.61
CA VAL I 145 -65.24 -6.17 119.29
C VAL I 145 -66.24 -7.31 119.17
N LYS I 146 -66.92 -7.61 120.27
CA LYS I 146 -67.97 -8.61 120.29
C LYS I 146 -69.18 -8.05 121.01
N TRP I 147 -70.37 -8.38 120.51
CA TRP I 147 -71.63 -7.92 121.09
C TRP I 147 -72.22 -9.02 121.96
N LYS I 148 -72.75 -8.62 123.12
CA LYS I 148 -73.41 -9.53 124.06
C LYS I 148 -74.83 -9.03 124.30
N ILE I 149 -75.79 -9.94 124.19
CA ILE I 149 -77.18 -9.66 124.48
C ILE I 149 -77.57 -10.54 125.66
N ASP I 150 -77.77 -9.93 126.83
CA ASP I 150 -78.04 -10.65 128.06
C ASP I 150 -76.99 -11.74 128.31
N GLY I 151 -75.73 -11.35 128.19
CA GLY I 151 -74.62 -12.26 128.40
C GLY I 151 -74.24 -13.06 127.17
N SER I 152 -75.24 -13.57 126.45
CA SER I 152 -74.98 -14.40 125.28
C SER I 152 -74.37 -13.57 124.16
N GLU I 153 -73.47 -14.21 123.41
CA GLU I 153 -72.72 -13.52 122.37
C GLU I 153 -73.59 -13.30 121.13
N ARG I 154 -73.17 -12.35 120.30
CA ARG I 154 -73.87 -12.03 119.07
C ARG I 154 -72.85 -11.79 117.95
N GLN I 155 -73.17 -12.31 116.76
CA GLN I 155 -72.35 -12.08 115.58
C GLN I 155 -73.14 -11.52 114.39
N ASN I 156 -74.35 -12.00 114.17
CA ASN I 156 -75.11 -11.64 112.97
C ASN I 156 -75.98 -10.41 113.22
N GLY I 157 -76.21 -9.65 112.16
CA GLY I 157 -76.87 -8.37 112.28
C GLY I 157 -75.97 -7.24 112.70
N VAL I 158 -74.65 -7.41 112.55
CA VAL I 158 -73.66 -6.47 113.06
C VAL I 158 -72.88 -5.91 111.89
N LEU I 159 -72.83 -4.58 111.78
CA LEU I 159 -72.11 -3.88 110.73
C LEU I 159 -71.06 -2.98 111.38
N ASN I 160 -69.84 -3.05 110.88
CA ASN I 160 -68.73 -2.29 111.43
C ASN I 160 -68.19 -1.31 110.39
N SER I 161 -67.66 -0.19 110.87
CA SER I 161 -67.04 0.81 110.02
C SER I 161 -65.83 1.39 110.75
N TRP I 162 -64.83 1.79 109.97
CA TRP I 162 -63.54 2.21 110.51
C TRP I 162 -63.11 3.52 109.86
N THR I 163 -62.41 4.34 110.65
CA THR I 163 -61.74 5.51 110.11
C THR I 163 -60.30 5.17 109.77
N ASP I 164 -59.63 6.09 109.08
CA ASP I 164 -58.21 5.99 108.83
C ASP I 164 -57.43 6.75 109.90
N GLN I 165 -56.12 6.56 109.92
CA GLN I 165 -55.29 7.16 110.96
C GLN I 165 -55.51 8.66 110.99
N ASP I 166 -55.97 9.16 112.14
CA ASP I 166 -56.28 10.57 112.28
C ASP I 166 -55.01 11.40 112.11
N SER I 167 -55.13 12.50 111.35
CA SER I 167 -53.98 13.34 111.03
C SER I 167 -53.54 14.19 112.22
N LYS I 168 -54.43 14.41 113.19
CA LYS I 168 -54.13 15.24 114.36
C LYS I 168 -53.44 14.42 115.44
N ASP I 169 -54.08 13.34 115.89
CA ASP I 169 -53.52 12.39 116.84
C ASP I 169 -53.55 11.02 116.17
N SER I 170 -52.39 10.43 115.96
CA SER I 170 -52.28 9.31 115.03
C SER I 170 -52.96 8.06 115.57
N THR I 171 -54.28 8.11 115.70
CA THR I 171 -55.07 7.02 116.24
C THR I 171 -56.13 6.58 115.23
N TYR I 172 -56.91 5.57 115.61
CA TYR I 172 -58.01 5.06 114.81
C TYR I 172 -59.27 5.04 115.66
N SER I 173 -60.41 5.05 114.98
CA SER I 173 -61.72 4.96 115.62
C SER I 173 -62.59 3.96 114.88
N MET I 174 -63.55 3.38 115.59
CA MET I 174 -64.39 2.33 115.05
C MET I 174 -65.82 2.54 115.50
N SER I 175 -66.76 2.20 114.63
CA SER I 175 -68.19 2.23 114.94
C SER I 175 -68.78 0.86 114.63
N SER I 176 -69.67 0.39 115.51
CA SER I 176 -70.30 -0.90 115.36
C SER I 176 -71.78 -0.75 115.70
N THR I 177 -72.65 -1.14 114.76
CA THR I 177 -74.09 -1.07 114.96
C THR I 177 -74.66 -2.48 114.99
N LEU I 178 -75.46 -2.76 116.03
CA LEU I 178 -76.17 -4.02 116.17
C LEU I 178 -77.60 -3.76 115.69
N THR I 179 -77.90 -4.18 114.47
CA THR I 179 -79.18 -3.87 113.81
C THR I 179 -80.10 -5.08 113.98
N LEU I 180 -81.14 -4.90 114.79
CA LEU I 180 -82.09 -5.95 115.09
C LEU I 180 -83.50 -5.48 114.77
N THR I 181 -84.44 -6.41 114.77
CA THR I 181 -85.85 -6.05 114.68
C THR I 181 -86.33 -5.51 116.01
N LYS I 182 -87.44 -4.75 115.97
CA LYS I 182 -88.03 -4.24 117.19
C LYS I 182 -88.42 -5.38 118.12
N ASP I 183 -88.99 -6.45 117.57
CA ASP I 183 -89.38 -7.60 118.38
C ASP I 183 -88.17 -8.17 119.12
N GLU I 184 -87.09 -8.45 118.39
CA GLU I 184 -85.89 -9.00 119.04
C GLU I 184 -85.41 -8.08 120.15
N TYR I 185 -85.38 -6.77 119.89
CA TYR I 185 -84.86 -5.84 120.87
C TYR I 185 -85.73 -5.83 122.13
N GLU I 186 -87.05 -5.83 121.96
CA GLU I 186 -87.94 -5.68 123.11
C GLU I 186 -88.02 -6.94 123.97
N ARG I 187 -87.67 -8.11 123.41
CA ARG I 187 -87.71 -9.34 124.19
C ARG I 187 -86.46 -9.55 125.03
N HIS I 188 -85.49 -8.64 124.97
CA HIS I 188 -84.28 -8.73 125.79
C HIS I 188 -84.16 -7.45 126.62
N ASN I 189 -83.31 -7.53 127.65
CA ASN I 189 -83.17 -6.45 128.62
C ASN I 189 -81.81 -5.78 128.59
N SER I 190 -80.73 -6.55 128.63
CA SER I 190 -79.38 -6.00 128.83
C SER I 190 -78.58 -6.10 127.54
N TYR I 191 -77.94 -4.99 127.17
CA TYR I 191 -77.14 -4.90 125.95
C TYR I 191 -75.76 -4.39 126.31
N ALA I 192 -74.74 -4.96 125.69
CA ALA I 192 -73.36 -4.67 126.09
C ALA I 192 -72.41 -4.81 124.90
N CYS I 193 -71.37 -3.99 124.91
CA CYS I 193 -70.35 -3.92 123.87
C CYS I 193 -69.00 -4.18 124.51
N GLU I 194 -68.29 -5.21 124.02
CA GLU I 194 -67.00 -5.59 124.57
C GLU I 194 -65.91 -5.40 123.51
N ALA I 195 -64.69 -5.18 123.97
CA ALA I 195 -63.56 -5.03 123.06
C ALA I 195 -62.27 -5.52 123.71
N THR I 196 -61.47 -6.24 122.92
CA THR I 196 -60.16 -6.73 123.33
C THR I 196 -59.10 -5.88 122.65
N HIS I 197 -58.10 -5.44 123.41
CA HIS I 197 -57.07 -4.57 122.87
C HIS I 197 -55.80 -4.73 123.69
N LYS I 198 -54.67 -4.38 123.04
CA LYS I 198 -53.37 -4.56 123.67
C LYS I 198 -53.20 -3.75 124.95
N THR I 199 -53.99 -2.68 125.13
CA THR I 199 -53.76 -1.78 126.25
C THR I 199 -54.26 -2.32 127.58
N SER I 200 -55.05 -3.41 127.58
CA SER I 200 -55.59 -3.91 128.84
C SER I 200 -55.97 -5.36 128.69
N THR I 201 -55.52 -6.19 129.65
CA THR I 201 -55.98 -7.57 129.70
C THR I 201 -57.50 -7.63 129.83
N SER I 202 -58.04 -6.89 130.79
CA SER I 202 -59.48 -6.77 130.91
C SER I 202 -60.03 -6.09 129.66
N PRO I 203 -61.01 -6.68 128.97
CA PRO I 203 -61.64 -5.98 127.85
C PRO I 203 -62.36 -4.74 128.36
N ILE I 204 -62.55 -3.79 127.46
CA ILE I 204 -63.40 -2.63 127.76
C ILE I 204 -64.83 -3.02 127.44
N VAL I 205 -65.74 -2.80 128.39
CA VAL I 205 -67.12 -3.21 128.28
C VAL I 205 -68.00 -2.17 128.93
N LYS I 206 -69.06 -1.77 128.24
CA LYS I 206 -70.01 -0.80 128.76
C LYS I 206 -71.43 -1.27 128.43
N SER I 207 -72.33 -1.05 129.38
CA SER I 207 -73.62 -1.72 129.39
C SER I 207 -74.76 -0.73 129.16
N PHE I 208 -75.89 -1.28 128.70
CA PHE I 208 -77.17 -0.59 128.71
C PHE I 208 -78.23 -1.57 129.18
N ASN I 209 -79.15 -1.09 130.01
CA ASN I 209 -80.24 -1.89 130.52
C ASN I 209 -81.55 -1.14 130.34
N ARG I 210 -82.56 -1.83 129.84
CA ARG I 210 -83.88 -1.24 129.63
C ARG I 210 -84.61 -1.09 130.96
N ASP J 1 -8.74 4.11 26.38
CA ASP J 1 -8.15 5.28 27.11
C ASP J 1 -7.22 4.75 28.19
N ILE J 2 -6.94 3.44 28.13
CA ILE J 2 -6.00 2.76 29.02
C ILE J 2 -5.44 1.58 28.24
N VAL J 3 -4.12 1.40 28.26
CA VAL J 3 -3.46 0.40 27.44
C VAL J 3 -3.03 -0.78 28.31
N MET J 4 -3.30 -1.99 27.84
CA MET J 4 -2.75 -3.21 28.40
C MET J 4 -1.84 -3.81 27.32
N THR J 5 -0.53 -3.71 27.53
CA THR J 5 0.45 -4.13 26.56
C THR J 5 1.10 -5.42 27.04
N GLN J 6 1.01 -6.48 26.23
CA GLN J 6 1.73 -7.72 26.45
C GLN J 6 2.98 -7.64 25.59
N SER J 7 4.13 -7.43 26.23
CA SER J 7 5.35 -7.09 25.52
C SER J 7 5.65 -8.10 24.41
N HIS J 8 5.39 -9.37 24.65
CA HIS J 8 5.85 -10.45 23.78
C HIS J 8 4.67 -11.06 23.03
N LYS J 9 4.70 -10.90 21.71
CA LYS J 9 3.75 -11.62 20.87
C LYS J 9 3.85 -13.11 21.09
N PHE J 10 5.06 -13.61 21.34
CA PHE J 10 5.33 -15.03 21.49
C PHE J 10 6.25 -15.24 22.67
N MET J 11 6.08 -16.38 23.34
CA MET J 11 7.00 -16.84 24.38
C MET J 11 7.41 -18.27 24.07
N SER J 12 8.69 -18.57 24.22
CA SER J 12 9.22 -19.90 23.95
C SER J 12 9.21 -20.73 25.22
N THR J 13 8.95 -22.03 25.05
CA THR J 13 8.95 -22.95 26.18
C THR J 13 9.06 -24.38 25.65
N SER J 14 9.36 -25.30 26.56
CA SER J 14 9.33 -26.73 26.29
C SER J 14 8.40 -27.39 27.29
N VAL J 15 7.91 -28.58 26.94
CA VAL J 15 7.01 -29.29 27.83
C VAL J 15 7.76 -29.71 29.08
N GLY J 16 7.14 -29.47 30.24
CA GLY J 16 7.77 -29.72 31.51
C GLY J 16 8.51 -28.54 32.11
N ASP J 17 8.69 -27.47 31.35
CA ASP J 17 9.46 -26.33 31.82
C ASP J 17 8.54 -25.25 32.42
N ARG J 18 9.18 -24.23 32.97
CA ARG J 18 8.53 -23.09 33.59
C ARG J 18 8.48 -21.94 32.58
N VAL J 19 7.41 -21.14 32.65
CA VAL J 19 7.25 -20.03 31.73
C VAL J 19 6.38 -18.95 32.36
N ASN J 20 6.67 -17.71 31.97
CA ASN J 20 5.91 -16.54 32.39
C ASN J 20 5.27 -15.89 31.17
N ILE J 21 4.13 -15.24 31.39
CA ILE J 21 3.49 -14.38 30.39
C ILE J 21 3.23 -13.04 31.06
N THR J 22 3.80 -11.97 30.51
CA THR J 22 3.80 -10.67 31.16
C THR J 22 2.73 -9.76 30.57
N CYS J 23 2.38 -8.73 31.33
CA CYS J 23 1.39 -7.74 30.93
C CYS J 23 1.75 -6.42 31.61
N LYS J 24 1.53 -5.32 30.90
CA LYS J 24 1.94 -3.99 31.38
C LYS J 24 0.78 -3.04 31.18
N ALA J 25 0.34 -2.40 32.25
CA ALA J 25 -0.73 -1.41 32.20
C ALA J 25 -0.13 -0.01 32.10
N SER J 26 -0.76 0.84 31.30
CA SER J 26 -0.24 2.18 31.07
C SER J 26 -0.41 3.09 32.29
N GLN J 27 -1.28 2.71 33.23
CA GLN J 27 -1.47 3.47 34.46
C GLN J 27 -1.97 2.51 35.52
N ASP J 28 -1.99 2.97 36.76
CA ASP J 28 -2.31 2.08 37.87
C ASP J 28 -3.68 1.45 37.66
N VAL J 29 -3.73 0.12 37.69
CA VAL J 29 -4.96 -0.63 37.55
C VAL J 29 -5.21 -1.54 38.76
N GLY J 30 -4.59 -1.22 39.90
CA GLY J 30 -4.83 -1.98 41.11
C GLY J 30 -4.50 -3.44 40.92
N ILE J 31 -5.40 -4.30 41.41
CA ILE J 31 -5.30 -5.74 41.21
C ILE J 31 -6.37 -6.25 40.26
N ALA J 32 -7.02 -5.36 39.53
CA ALA J 32 -8.16 -5.71 38.69
C ALA J 32 -7.71 -6.18 37.31
N VAL J 33 -6.99 -7.31 37.30
CA VAL J 33 -6.49 -7.89 36.07
C VAL J 33 -6.92 -9.36 35.99
N ALA J 34 -7.37 -9.77 34.81
CA ALA J 34 -7.79 -11.15 34.56
C ALA J 34 -7.02 -11.70 33.37
N TRP J 35 -6.76 -13.01 33.41
CA TRP J 35 -6.04 -13.70 32.37
C TRP J 35 -6.95 -14.75 31.73
N TYR J 36 -6.89 -14.84 30.40
CA TYR J 36 -7.70 -15.80 29.66
C TYR J 36 -6.80 -16.64 28.75
N GLN J 37 -7.24 -17.88 28.52
CA GLN J 37 -6.60 -18.78 27.58
C GLN J 37 -7.54 -18.99 26.40
N GLN J 38 -6.98 -19.06 25.20
CA GLN J 38 -7.75 -19.35 24.00
C GLN J 38 -6.91 -20.24 23.09
N ARG J 39 -7.28 -21.51 23.00
CA ARG J 39 -6.65 -22.38 22.02
C ARG J 39 -7.29 -22.16 20.65
N PRO J 40 -6.57 -22.41 19.57
CA PRO J 40 -7.18 -22.26 18.24
C PRO J 40 -8.44 -23.11 18.13
N GLY J 41 -9.50 -22.51 17.61
CA GLY J 41 -10.78 -23.18 17.58
C GLY J 41 -11.43 -23.31 18.95
N GLN J 42 -11.28 -22.30 19.79
CA GLN J 42 -11.89 -22.30 21.12
C GLN J 42 -12.28 -20.87 21.47
N SER J 43 -13.40 -20.74 22.19
CA SER J 43 -13.69 -19.47 22.83
C SER J 43 -12.78 -19.29 24.04
N PRO J 44 -12.50 -18.04 24.43
CA PRO J 44 -11.62 -17.83 25.59
C PRO J 44 -12.21 -18.44 26.85
N LYS J 45 -11.32 -18.79 27.79
CA LYS J 45 -11.75 -19.25 29.10
C LYS J 45 -10.87 -18.64 30.17
N LEU J 46 -11.46 -18.44 31.35
CA LEU J 46 -10.83 -17.67 32.41
C LEU J 46 -9.84 -18.52 33.19
N LEU J 47 -8.65 -17.97 33.40
CA LEU J 47 -7.64 -18.57 34.26
C LEU J 47 -7.51 -17.86 35.60
N ILE J 48 -7.30 -16.54 35.56
CA ILE J 48 -7.06 -15.74 36.75
C ILE J 48 -7.95 -14.51 36.69
N TYR J 49 -8.47 -14.09 37.84
CA TYR J 49 -9.17 -12.83 37.97
C TYR J 49 -8.83 -12.21 39.31
N TRP J 50 -8.97 -10.88 39.39
CA TRP J 50 -8.42 -10.08 40.48
C TRP J 50 -6.90 -10.23 40.57
N ALA J 51 -6.29 -10.67 39.46
CA ALA J 51 -4.85 -10.71 39.26
C ALA J 51 -4.12 -11.80 40.03
N SER J 52 -4.77 -12.46 40.98
CA SER J 52 -4.14 -13.60 41.60
C SER J 52 -5.08 -14.72 42.03
N LYS J 53 -6.39 -14.52 41.91
CA LYS J 53 -7.34 -15.54 42.33
C LYS J 53 -7.54 -16.54 41.20
N ARG J 54 -7.45 -17.82 41.53
CA ARG J 54 -7.62 -18.88 40.55
C ARG J 54 -9.11 -19.21 40.43
N HIS J 55 -9.59 -19.29 39.19
CA HIS J 55 -11.00 -19.58 38.96
C HIS J 55 -11.28 -21.07 39.10
N THR J 56 -12.55 -21.39 39.30
CA THR J 56 -12.99 -22.76 39.48
C THR J 56 -12.46 -23.66 38.35
N GLY J 57 -11.89 -24.80 38.75
CA GLY J 57 -11.47 -25.81 37.80
C GLY J 57 -10.11 -25.61 37.18
N VAL J 58 -9.51 -24.43 37.34
CA VAL J 58 -8.19 -24.17 36.78
C VAL J 58 -7.14 -24.84 37.65
N HIS J 59 -6.21 -25.55 37.02
CA HIS J 59 -5.23 -26.33 37.75
C HIS J 59 -4.24 -25.41 38.48
N ASP J 60 -3.65 -25.93 39.56
CA ASP J 60 -2.79 -25.12 40.40
C ASP J 60 -1.56 -24.60 39.66
N ARG J 61 -1.19 -25.21 38.54
CA ARG J 61 0.00 -24.75 37.81
C ARG J 61 -0.17 -23.33 37.29
N PHE J 62 -1.40 -22.82 37.22
CA PHE J 62 -1.67 -21.48 36.71
C PHE J 62 -1.63 -20.49 37.87
N THR J 63 -0.42 -20.14 38.29
CA THR J 63 -0.19 -19.13 39.31
C THR J 63 -0.37 -17.74 38.69
N GLY J 64 -0.76 -16.78 39.53
CA GLY J 64 -0.98 -15.42 39.08
C GLY J 64 -0.37 -14.43 40.05
N THR J 65 0.35 -13.44 39.52
CA THR J 65 1.33 -12.67 40.30
C THR J 65 1.18 -11.20 39.92
N GLY J 66 0.34 -10.47 40.67
CA GLY J 66 -0.11 -9.18 40.17
C GLY J 66 -0.45 -8.07 41.16
N SER J 67 0.03 -6.87 40.85
CA SER J 67 -0.58 -5.62 41.30
C SER J 67 0.05 -4.46 40.52
N GLY J 68 -0.72 -3.39 40.39
CA GLY J 68 -0.17 -2.12 39.93
C GLY J 68 -0.22 -2.02 38.41
N THR J 69 0.92 -1.64 37.83
CA THR J 69 1.08 -1.58 36.38
C THR J 69 1.83 -2.77 35.82
N ASP J 70 2.16 -3.77 36.64
CA ASP J 70 2.98 -4.90 36.23
C ASP J 70 2.33 -6.17 36.76
N PHE J 71 2.00 -7.08 35.85
CA PHE J 71 1.30 -8.31 36.18
C PHE J 71 1.98 -9.46 35.45
N THR J 72 1.85 -10.66 35.99
CA THR J 72 2.49 -11.82 35.40
C THR J 72 1.66 -13.07 35.63
N LEU J 73 1.50 -13.87 34.57
CA LEU J 73 0.89 -15.19 34.64
C LEU J 73 2.00 -16.21 34.50
N THR J 74 2.14 -17.08 35.50
CA THR J 74 3.19 -18.10 35.51
C THR J 74 2.55 -19.47 35.43
N ILE J 75 3.06 -20.30 34.52
CA ILE J 75 2.63 -21.69 34.39
C ILE J 75 3.72 -22.55 35.01
N SER J 76 3.38 -23.23 36.11
CA SER J 76 4.38 -24.01 36.83
C SER J 76 5.03 -25.05 35.93
N THR J 77 4.21 -25.85 35.25
CA THR J 77 4.69 -26.86 34.32
C THR J 77 3.86 -26.81 33.05
N VAL J 78 4.53 -26.66 31.92
CA VAL J 78 3.85 -26.52 30.63
C VAL J 78 3.60 -27.91 30.05
N GLN J 79 2.41 -28.10 29.49
CA GLN J 79 2.06 -29.32 28.77
C GLN J 79 1.24 -28.95 27.55
N SER J 80 0.77 -29.98 26.83
CA SER J 80 0.12 -29.76 25.55
C SER J 80 -1.06 -28.80 25.67
N GLU J 81 -1.83 -28.90 26.75
CA GLU J 81 -2.99 -28.04 26.93
C GLU J 81 -2.60 -26.57 26.91
N ASP J 82 -1.36 -26.24 27.29
CA ASP J 82 -0.94 -24.86 27.50
C ASP J 82 -0.41 -24.19 26.25
N LEU J 83 -0.31 -24.91 25.13
CA LEU J 83 0.13 -24.32 23.86
C LEU J 83 -1.07 -23.59 23.26
N ALA J 84 -1.23 -22.35 23.71
CA ALA J 84 -2.45 -21.59 23.45
C ALA J 84 -2.10 -20.11 23.46
N ASP J 85 -3.09 -19.28 23.14
CA ASP J 85 -2.95 -17.84 23.24
C ASP J 85 -3.44 -17.37 24.61
N TYR J 86 -2.82 -16.30 25.10
CA TYR J 86 -3.11 -15.78 26.43
C TYR J 86 -3.32 -14.28 26.36
N PHE J 87 -4.38 -13.81 27.02
CA PHE J 87 -4.73 -12.40 27.06
C PHE J 87 -4.82 -11.94 28.50
N CYS J 88 -4.31 -10.75 28.78
CA CYS J 88 -4.55 -10.08 30.05
C CYS J 88 -5.64 -9.02 29.85
N GLN J 89 -6.31 -8.67 30.94
CA GLN J 89 -7.46 -7.79 30.88
C GLN J 89 -7.50 -6.90 32.10
N GLN J 90 -7.73 -5.60 31.88
CA GLN J 90 -7.94 -4.64 32.94
C GLN J 90 -9.42 -4.29 33.03
N TYR J 91 -9.94 -4.21 34.26
CA TYR J 91 -11.33 -3.83 34.47
C TYR J 91 -11.48 -2.88 35.66
N SER J 92 -10.46 -2.06 35.92
CA SER J 92 -10.53 -1.12 37.03
C SER J 92 -11.50 0.02 36.76
N ASN J 93 -11.56 0.48 35.50
CA ASN J 93 -12.39 1.61 35.13
C ASN J 93 -13.25 1.25 33.93
N SER J 94 -12.74 0.36 33.10
CA SER J 94 -13.20 0.11 31.74
C SER J 94 -12.46 -1.14 31.30
N LEU J 95 -12.91 -1.72 30.18
CA LEU J 95 -12.32 -2.97 29.71
C LEU J 95 -11.29 -2.69 28.63
N THR J 96 -10.03 -3.01 28.94
CA THR J 96 -8.96 -3.09 27.96
C THR J 96 -8.38 -4.49 28.03
N PHE J 97 -8.40 -5.21 26.91
CA PHE J 97 -7.74 -6.49 26.81
C PHE J 97 -6.32 -6.30 26.29
N GLY J 98 -5.43 -7.21 26.69
CA GLY J 98 -4.06 -7.14 26.25
C GLY J 98 -3.91 -7.52 24.79
N ALA J 99 -2.72 -7.25 24.27
CA ALA J 99 -2.45 -7.53 22.86
C ALA J 99 -2.50 -9.03 22.58
N GLY J 100 -2.24 -9.86 23.58
CA GLY J 100 -2.25 -11.29 23.42
C GLY J 100 -0.88 -11.89 23.22
N THR J 101 -0.64 -13.04 23.83
CA THR J 101 0.63 -13.76 23.71
C THR J 101 0.36 -15.19 23.27
N THR J 102 1.19 -15.69 22.36
CA THR J 102 1.09 -17.04 21.84
C THR J 102 2.26 -17.86 22.39
N LEU J 103 1.94 -18.93 23.11
CA LEU J 103 2.97 -19.77 23.72
C LEU J 103 3.37 -20.86 22.73
N GLU J 104 4.63 -20.85 22.33
CA GLU J 104 5.17 -21.75 21.32
C GLU J 104 6.13 -22.75 21.96
N LEU J 105 6.53 -23.74 21.16
CA LEU J 105 7.52 -24.73 21.58
C LEU J 105 8.88 -24.34 21.03
N SER J 106 9.88 -24.32 21.90
CA SER J 106 11.24 -23.98 21.49
C SER J 106 11.88 -25.14 20.74
N ARG J 107 12.70 -24.80 19.76
CA ARG J 107 13.48 -25.78 19.03
C ARG J 107 14.76 -25.10 18.54
N ALA J 108 15.69 -25.93 18.07
CA ALA J 108 16.97 -25.42 17.60
C ALA J 108 16.78 -24.53 16.37
N ASP J 109 17.71 -23.59 16.20
CA ASP J 109 17.61 -22.63 15.10
C ASP J 109 17.45 -23.35 13.78
N ALA J 110 16.72 -22.71 12.86
CA ALA J 110 16.49 -23.27 11.54
C ALA J 110 16.35 -22.12 10.54
N ALA J 111 17.11 -22.22 9.42
CA ALA J 111 17.01 -21.21 8.38
C ALA J 111 15.87 -21.55 7.42
N PRO J 112 15.22 -20.55 6.84
CA PRO J 112 14.15 -20.84 5.89
C PRO J 112 14.66 -21.28 4.53
N THR J 113 13.90 -22.16 3.90
CA THR J 113 14.09 -22.49 2.50
C THR J 113 13.24 -21.53 1.68
N VAL J 114 13.88 -20.78 0.78
CA VAL J 114 13.24 -19.67 0.08
C VAL J 114 13.12 -20.01 -1.40
N SER J 115 11.94 -19.76 -1.95
CA SER J 115 11.69 -19.89 -3.38
C SER J 115 11.03 -18.61 -3.87
N ILE J 116 11.20 -18.33 -5.15
CA ILE J 116 10.66 -17.12 -5.79
C ILE J 116 10.09 -17.52 -7.13
N PHE J 117 8.91 -17.00 -7.46
CA PHE J 117 8.24 -17.39 -8.69
C PHE J 117 7.77 -16.16 -9.47
N PRO J 118 7.87 -16.19 -10.80
CA PRO J 118 7.34 -15.10 -11.61
C PRO J 118 5.82 -15.14 -11.67
N PRO J 119 5.18 -14.08 -12.15
CA PRO J 119 3.76 -14.17 -12.49
C PRO J 119 3.55 -15.14 -13.64
N SER J 120 2.37 -15.75 -13.66
CA SER J 120 2.04 -16.73 -14.69
C SER J 120 1.53 -16.06 -15.95
N SER J 121 1.71 -16.75 -17.08
CA SER J 121 1.16 -16.26 -18.34
C SER J 121 -0.32 -15.99 -18.20
N GLU J 122 -1.06 -16.93 -17.59
CA GLU J 122 -2.50 -16.79 -17.45
C GLU J 122 -2.84 -15.49 -16.72
N GLN J 123 -2.16 -15.21 -15.61
CA GLN J 123 -2.40 -13.96 -14.90
C GLN J 123 -2.01 -12.76 -15.75
N LEU J 124 -0.93 -12.88 -16.51
CA LEU J 124 -0.46 -11.75 -17.31
C LEU J 124 -1.40 -11.41 -18.46
N THR J 125 -2.25 -12.34 -18.90
CA THR J 125 -3.25 -12.02 -19.91
C THR J 125 -4.49 -11.38 -19.30
N SER J 126 -4.68 -11.49 -17.98
CA SER J 126 -5.79 -10.83 -17.30
C SER J 126 -5.43 -9.41 -16.87
N GLY J 127 -4.20 -8.98 -17.07
CA GLY J 127 -3.75 -7.68 -16.66
C GLY J 127 -3.07 -7.63 -15.31
N GLY J 128 -3.21 -8.68 -14.50
CA GLY J 128 -2.57 -8.75 -13.20
C GLY J 128 -1.19 -9.36 -13.28
N ALA J 129 -0.51 -9.35 -12.14
CA ALA J 129 0.83 -9.94 -12.02
C ALA J 129 1.19 -10.10 -10.56
N SER J 130 1.55 -11.31 -10.15
CA SER J 130 1.89 -11.60 -8.76
C SER J 130 3.25 -12.29 -8.71
N VAL J 131 4.18 -11.70 -7.97
CA VAL J 131 5.49 -12.27 -7.72
C VAL J 131 5.43 -12.93 -6.34
N VAL J 132 5.63 -14.25 -6.29
CA VAL J 132 5.39 -15.03 -5.10
C VAL J 132 6.71 -15.55 -4.55
N CYS J 133 6.91 -15.37 -3.24
CA CYS J 133 8.10 -15.86 -2.53
C CYS J 133 7.64 -16.60 -1.30
N PHE J 134 8.02 -17.87 -1.19
CA PHE J 134 7.78 -18.65 0.02
C PHE J 134 9.05 -18.69 0.87
N LEU J 135 8.86 -18.72 2.18
CA LEU J 135 9.97 -18.84 3.14
C LEU J 135 9.50 -19.85 4.18
N ASN J 136 9.93 -21.10 4.03
CA ASN J 136 9.34 -22.22 4.75
C ASN J 136 10.33 -22.87 5.72
N ASN J 137 9.78 -23.42 6.80
CA ASN J 137 10.51 -24.25 7.73
C ASN J 137 11.67 -23.50 8.39
N PHE J 138 11.32 -22.43 9.10
CA PHE J 138 12.31 -21.63 9.82
C PHE J 138 11.88 -21.43 11.26
N TYR J 139 12.87 -21.16 12.11
CA TYR J 139 12.68 -20.85 13.53
C TYR J 139 13.88 -20.03 13.95
N PRO J 140 13.72 -19.00 14.80
CA PRO J 140 12.48 -18.50 15.41
C PRO J 140 11.58 -17.74 14.43
N LYS J 141 10.37 -17.37 14.85
CA LYS J 141 9.45 -16.67 13.97
C LYS J 141 9.92 -15.26 13.61
N ASP J 142 11.03 -14.80 14.17
CA ASP J 142 11.55 -13.46 13.87
C ASP J 142 12.19 -13.49 12.49
N ILE J 143 11.40 -13.16 11.48
CA ILE J 143 11.86 -13.09 10.10
C ILE J 143 11.35 -11.78 9.48
N ASN J 144 12.17 -11.21 8.60
CA ASN J 144 11.86 -9.93 7.98
C ASN J 144 12.21 -10.02 6.50
N VAL J 145 11.20 -9.87 5.64
CA VAL J 145 11.33 -10.06 4.21
C VAL J 145 11.26 -8.70 3.51
N LYS J 146 12.17 -8.48 2.58
CA LYS J 146 12.22 -7.26 1.78
C LYS J 146 12.10 -7.63 0.31
N TRP J 147 11.32 -6.85 -0.43
CA TRP J 147 11.17 -7.04 -1.87
C TRP J 147 11.99 -6.00 -2.62
N LYS J 148 12.60 -6.42 -3.73
CA LYS J 148 13.36 -5.53 -4.58
C LYS J 148 12.90 -5.69 -6.02
N ILE J 149 12.81 -4.57 -6.73
CA ILE J 149 12.53 -4.54 -8.15
C ILE J 149 13.70 -3.83 -8.81
N ASP J 150 14.45 -4.54 -9.64
CA ASP J 150 15.69 -4.03 -10.24
C ASP J 150 16.63 -3.49 -9.17
N GLY J 151 16.78 -4.26 -8.10
CA GLY J 151 17.69 -3.90 -7.03
C GLY J 151 17.24 -2.76 -6.15
N SER J 152 16.04 -2.23 -6.37
CA SER J 152 15.52 -1.09 -5.61
C SER J 152 14.36 -1.57 -4.73
N GLU J 153 14.26 -0.98 -3.55
CA GLU J 153 13.32 -1.47 -2.55
C GLU J 153 11.88 -1.35 -3.03
N ARG J 154 11.06 -2.33 -2.62
CA ARG J 154 9.63 -2.32 -2.85
C ARG J 154 8.94 -2.58 -1.52
N GLN J 155 8.04 -1.69 -1.14
CA GLN J 155 7.28 -1.81 0.11
C GLN J 155 5.81 -2.12 -0.12
N ASN J 156 5.15 -1.38 -1.01
CA ASN J 156 3.71 -1.49 -1.19
C ASN J 156 3.36 -2.50 -2.27
N GLY J 157 2.13 -2.99 -2.21
CA GLY J 157 1.71 -4.09 -3.05
C GLY J 157 2.09 -5.45 -2.51
N VAL J 158 2.58 -5.52 -1.27
CA VAL J 158 3.08 -6.75 -0.67
C VAL J 158 2.11 -7.18 0.41
N LEU J 159 1.61 -8.41 0.29
CA LEU J 159 0.74 -9.02 1.28
C LEU J 159 1.37 -10.31 1.76
N ASN J 160 1.36 -10.53 3.07
CA ASN J 160 2.07 -11.64 3.69
C ASN J 160 1.11 -12.49 4.54
N SER J 161 1.50 -13.75 4.73
CA SER J 161 0.70 -14.70 5.48
C SER J 161 1.62 -15.74 6.09
N TRP J 162 1.29 -16.18 7.30
CA TRP J 162 2.09 -17.15 8.02
C TRP J 162 1.22 -18.32 8.48
N THR J 163 1.84 -19.50 8.53
CA THR J 163 1.26 -20.64 9.21
C THR J 163 1.70 -20.63 10.67
N ASP J 164 0.89 -21.23 11.54
CA ASP J 164 1.32 -21.40 12.92
C ASP J 164 2.38 -22.49 13.00
N GLN J 165 2.93 -22.67 14.20
CA GLN J 165 4.04 -23.61 14.37
C GLN J 165 3.64 -24.99 13.90
N ASP J 166 4.43 -25.55 12.99
CA ASP J 166 4.15 -26.88 12.47
C ASP J 166 4.14 -27.90 13.60
N SER J 167 3.16 -28.81 13.57
CA SER J 167 3.01 -29.78 14.63
C SER J 167 4.00 -30.93 14.55
N LYS J 168 4.60 -31.16 13.39
CA LYS J 168 5.57 -32.25 13.23
C LYS J 168 6.98 -31.80 13.58
N ASP J 169 7.50 -30.82 12.85
CA ASP J 169 8.79 -30.20 13.12
C ASP J 169 8.52 -28.74 13.46
N SER J 170 8.82 -28.35 14.69
CA SER J 170 8.25 -27.12 15.25
C SER J 170 8.81 -25.88 14.57
N THR J 171 8.46 -25.69 13.31
CA THR J 171 8.95 -24.59 12.50
C THR J 171 7.78 -23.74 12.02
N TYR J 172 8.09 -22.54 11.56
CA TYR J 172 7.13 -21.62 10.97
C TYR J 172 7.43 -21.45 9.49
N SER J 173 6.38 -21.17 8.71
CA SER J 173 6.50 -20.93 7.29
C SER J 173 5.79 -19.64 6.92
N MET J 174 6.31 -18.95 5.92
CA MET J 174 5.80 -17.66 5.50
C MET J 174 5.65 -17.61 3.99
N SER J 175 4.59 -16.95 3.53
CA SER J 175 4.37 -16.68 2.12
C SER J 175 4.28 -15.17 1.93
N SER J 176 4.86 -14.68 0.84
CA SER J 176 4.86 -13.26 0.53
C SER J 176 4.57 -13.09 -0.95
N THR J 177 3.48 -12.39 -1.26
CA THR J 177 3.08 -12.12 -2.63
C THR J 177 3.22 -10.63 -2.92
N LEU J 178 4.00 -10.30 -3.94
CA LEU J 178 4.08 -8.94 -4.46
C LEU J 178 3.20 -8.89 -5.71
N THR J 179 2.14 -8.10 -5.66
CA THR J 179 1.19 -7.98 -6.76
C THR J 179 1.38 -6.64 -7.46
N LEU J 180 1.47 -6.69 -8.78
CA LEU J 180 1.64 -5.50 -9.61
C LEU J 180 0.69 -5.59 -10.79
N THR J 181 0.61 -4.51 -11.55
CA THR J 181 -0.10 -4.54 -12.82
C THR J 181 0.80 -5.14 -13.89
N LYS J 182 0.17 -5.61 -14.97
CA LYS J 182 0.95 -6.01 -16.14
C LYS J 182 1.78 -4.83 -16.65
N ASP J 183 1.20 -3.63 -16.62
CA ASP J 183 1.91 -2.44 -17.09
C ASP J 183 3.23 -2.26 -16.35
N GLU J 184 3.17 -2.25 -15.01
CA GLU J 184 4.40 -1.98 -14.26
C GLU J 184 5.34 -3.18 -14.24
N TYR J 185 4.80 -4.38 -14.06
CA TYR J 185 5.66 -5.57 -14.00
C TYR J 185 6.55 -5.65 -15.22
N GLU J 186 6.00 -5.37 -16.41
CA GLU J 186 6.76 -5.48 -17.64
C GLU J 186 7.76 -4.34 -17.82
N ARG J 187 7.73 -3.32 -16.95
CA ARG J 187 8.68 -2.23 -17.02
C ARG J 187 9.96 -2.49 -16.24
N HIS J 188 10.13 -3.68 -15.66
CA HIS J 188 11.30 -4.00 -14.85
C HIS J 188 11.79 -5.39 -15.20
N ASN J 189 13.06 -5.66 -14.88
CA ASN J 189 13.73 -6.87 -15.27
C ASN J 189 14.04 -7.80 -14.10
N SER J 190 14.73 -7.30 -13.07
CA SER J 190 15.12 -8.14 -11.94
C SER J 190 14.06 -8.12 -10.86
N TYR J 191 13.81 -9.29 -10.27
CA TYR J 191 12.88 -9.42 -9.14
C TYR J 191 13.53 -10.35 -8.13
N ALA J 192 13.57 -9.91 -6.88
CA ALA J 192 14.26 -10.65 -5.83
C ALA J 192 13.44 -10.63 -4.54
N CYS J 193 13.66 -11.66 -3.73
CA CYS J 193 13.05 -11.78 -2.40
C CYS J 193 14.18 -11.98 -1.41
N GLU J 194 14.24 -11.11 -0.40
CA GLU J 194 15.40 -10.99 0.48
C GLU J 194 14.95 -11.09 1.92
N ALA J 195 15.47 -12.09 2.63
CA ALA J 195 15.02 -12.41 3.98
C ALA J 195 16.13 -12.13 4.98
N THR J 196 15.81 -11.36 6.01
CA THR J 196 16.70 -11.12 7.13
C THR J 196 16.31 -12.07 8.27
N HIS J 197 17.30 -12.78 8.80
CA HIS J 197 17.04 -13.78 9.82
C HIS J 197 18.31 -14.02 10.62
N LYS J 198 18.15 -14.70 11.76
CA LYS J 198 19.25 -14.92 12.70
C LYS J 198 20.16 -16.07 12.31
N THR J 199 19.84 -16.82 11.25
CA THR J 199 20.61 -18.00 10.87
C THR J 199 21.65 -17.72 9.80
N SER J 200 21.83 -16.46 9.40
CA SER J 200 22.82 -16.12 8.40
C SER J 200 23.03 -14.62 8.44
N THR J 201 24.29 -14.19 8.59
CA THR J 201 24.60 -12.76 8.52
C THR J 201 24.11 -12.18 7.19
N SER J 202 24.38 -12.88 6.10
CA SER J 202 23.87 -12.47 4.81
C SER J 202 22.37 -12.74 4.74
N PRO J 203 21.56 -11.76 4.34
CA PRO J 203 20.15 -12.07 4.06
C PRO J 203 20.04 -13.09 2.95
N ILE J 204 19.05 -13.98 3.05
CA ILE J 204 18.83 -14.97 2.01
C ILE J 204 18.22 -14.28 0.80
N VAL J 205 18.96 -14.28 -0.32
CA VAL J 205 18.55 -13.60 -1.54
C VAL J 205 18.41 -14.64 -2.65
N LYS J 206 17.27 -14.65 -3.31
CA LYS J 206 17.04 -15.47 -4.49
C LYS J 206 16.22 -14.65 -5.47
N SER J 207 16.53 -14.79 -6.76
CA SER J 207 16.14 -13.80 -7.75
C SER J 207 15.76 -14.46 -9.07
N PHE J 208 15.08 -13.68 -9.91
CA PHE J 208 14.82 -14.08 -11.28
C PHE J 208 14.79 -12.83 -12.16
N ASN J 209 14.92 -13.04 -13.47
CA ASN J 209 14.92 -11.97 -14.45
C ASN J 209 14.02 -12.32 -15.62
N ARG J 210 14.08 -11.55 -16.70
CA ARG J 210 13.23 -11.80 -17.85
C ARG J 210 14.06 -12.01 -19.12
N ASP K 1 11.82 -7.40 -23.03
CA ASP K 1 12.51 -6.31 -23.79
C ASP K 1 13.74 -5.88 -23.01
N ILE K 2 14.47 -4.90 -23.51
CA ILE K 2 15.60 -4.34 -22.78
C ILE K 2 15.06 -3.28 -21.81
N VAL K 3 15.44 -3.40 -20.54
CA VAL K 3 15.07 -2.45 -19.52
C VAL K 3 16.28 -1.60 -19.17
N MET K 4 16.07 -0.29 -19.05
CA MET K 4 17.09 0.63 -18.55
C MET K 4 16.64 1.12 -17.19
N THR K 5 17.44 0.86 -16.18
CA THR K 5 17.06 1.08 -14.79
C THR K 5 17.92 2.18 -14.19
N GLN K 6 17.26 3.21 -13.65
CA GLN K 6 17.91 4.22 -12.83
C GLN K 6 17.38 4.01 -11.41
N SER K 7 18.19 3.37 -10.57
CA SER K 7 17.74 2.90 -9.28
C SER K 7 17.49 4.02 -8.28
N HIS K 8 17.90 5.25 -8.60
CA HIS K 8 17.69 6.40 -7.73
C HIS K 8 16.78 7.38 -8.48
N LYS K 9 15.51 7.48 -8.07
CA LYS K 9 14.68 8.55 -8.61
C LYS K 9 15.22 9.91 -8.22
N PHE K 10 15.88 10.01 -7.06
CA PHE K 10 16.43 11.25 -6.56
C PHE K 10 17.88 11.05 -6.14
N MET K 11 18.74 11.97 -6.57
CA MET K 11 20.11 12.08 -6.07
C MET K 11 20.21 13.44 -5.38
N SER K 12 20.58 13.44 -4.11
CA SER K 12 20.74 14.67 -3.35
C SER K 12 22.16 15.18 -3.49
N THR K 13 22.29 16.49 -3.71
CA THR K 13 23.59 17.08 -4.01
C THR K 13 23.63 18.48 -3.42
N SER K 14 24.59 19.28 -3.87
CA SER K 14 24.77 20.65 -3.42
C SER K 14 25.62 21.36 -4.47
N VAL K 15 25.36 22.65 -4.66
CA VAL K 15 26.09 23.42 -5.66
C VAL K 15 27.58 23.39 -5.32
N GLY K 16 28.41 23.10 -6.31
CA GLY K 16 29.82 22.92 -6.12
C GLY K 16 30.25 21.50 -5.82
N ASP K 17 29.30 20.57 -5.66
CA ASP K 17 29.60 19.19 -5.33
C ASP K 17 29.81 18.38 -6.61
N ARG K 18 29.98 17.07 -6.46
CA ARG K 18 30.13 16.15 -7.58
C ARG K 18 29.09 15.04 -7.41
N VAL K 19 28.38 14.73 -8.49
CA VAL K 19 27.27 13.79 -8.43
C VAL K 19 27.47 12.69 -9.48
N ASN K 20 27.05 11.48 -9.14
CA ASN K 20 27.10 10.33 -10.03
C ASN K 20 25.69 9.77 -10.14
N ILE K 21 25.05 9.98 -11.29
CA ILE K 21 23.80 9.30 -11.61
C ILE K 21 24.13 8.04 -12.39
N THR K 22 23.45 6.94 -12.07
CA THR K 22 23.74 5.65 -12.68
C THR K 22 22.56 5.18 -13.54
N CYS K 23 22.84 4.18 -14.37
CA CYS K 23 21.84 3.57 -15.22
C CYS K 23 22.33 2.17 -15.56
N LYS K 24 21.50 1.16 -15.29
CA LYS K 24 21.88 -0.23 -15.44
C LYS K 24 21.03 -0.86 -16.53
N ALA K 25 21.68 -1.44 -17.54
CA ALA K 25 20.97 -2.14 -18.59
C ALA K 25 20.69 -3.58 -18.18
N SER K 26 19.64 -4.15 -18.76
CA SER K 26 19.25 -5.51 -18.45
C SER K 26 20.00 -6.55 -19.25
N GLN K 27 20.64 -6.16 -20.35
CA GLN K 27 21.48 -7.05 -21.14
C GLN K 27 22.48 -6.16 -21.89
N ASP K 28 23.56 -6.78 -22.36
CA ASP K 28 24.64 -6.02 -22.98
C ASP K 28 24.10 -5.08 -24.05
N VAL K 29 24.38 -3.79 -23.87
CA VAL K 29 24.04 -2.77 -24.86
C VAL K 29 25.28 -2.11 -25.46
N GLY K 30 26.45 -2.70 -25.26
CA GLY K 30 27.67 -2.10 -25.79
C GLY K 30 27.86 -0.71 -25.25
N ILE K 31 27.91 0.27 -26.16
CA ILE K 31 28.00 1.67 -25.80
C ILE K 31 26.81 2.47 -26.34
N ALA K 32 25.75 1.78 -26.75
CA ALA K 32 24.57 2.42 -27.34
C ALA K 32 23.71 3.02 -26.23
N VAL K 33 24.25 4.05 -25.58
CA VAL K 33 23.60 4.70 -24.45
C VAL K 33 23.73 6.21 -24.60
N ALA K 34 22.68 6.92 -24.19
CA ALA K 34 22.63 8.38 -24.27
C ALA K 34 22.02 8.93 -22.99
N TRP K 35 22.33 10.19 -22.69
CA TRP K 35 21.83 10.86 -21.51
C TRP K 35 21.17 12.19 -21.91
N TYR K 36 20.18 12.60 -21.12
CA TYR K 36 19.42 13.82 -21.38
C TYR K 36 19.17 14.56 -20.07
N GLN K 37 18.69 15.80 -20.19
CA GLN K 37 18.40 16.66 -19.04
C GLN K 37 17.09 17.38 -19.33
N GLN K 38 16.01 16.99 -18.66
CA GLN K 38 14.70 17.62 -18.82
C GLN K 38 14.44 18.52 -17.60
N ARG K 39 14.55 19.83 -17.82
CA ARG K 39 14.30 20.82 -16.78
C ARG K 39 12.82 20.79 -16.42
N PRO K 40 12.42 21.48 -15.35
CA PRO K 40 11.01 21.41 -14.93
C PRO K 40 10.12 22.06 -15.99
N GLY K 41 9.12 21.30 -16.43
CA GLY K 41 8.20 21.80 -17.45
C GLY K 41 8.92 22.29 -18.69
N GLN K 42 9.85 21.48 -19.20
CA GLN K 42 10.61 21.89 -20.38
C GLN K 42 11.08 20.64 -21.14
N SER K 43 11.51 20.86 -22.37
CA SER K 43 11.89 19.78 -23.27
C SER K 43 13.29 19.26 -22.94
N PRO K 44 13.56 17.99 -23.22
CA PRO K 44 14.88 17.43 -22.90
C PRO K 44 15.99 18.01 -23.78
N LYS K 45 17.21 17.93 -23.25
CA LYS K 45 18.43 18.33 -23.94
C LYS K 45 19.39 17.15 -23.97
N LEU K 46 20.01 16.91 -25.13
CA LEU K 46 20.94 15.80 -25.28
C LEU K 46 22.28 16.18 -24.65
N LEU K 47 22.80 15.31 -23.78
CA LEU K 47 24.06 15.55 -23.09
C LEU K 47 25.17 14.60 -23.54
N ILE K 48 24.92 13.29 -23.52
CA ILE K 48 25.92 12.28 -23.83
C ILE K 48 25.29 11.27 -24.78
N TYR K 49 26.07 10.78 -25.74
CA TYR K 49 25.68 9.65 -26.57
C TYR K 49 26.91 8.80 -26.87
N TRP K 50 26.67 7.57 -27.33
CA TRP K 50 27.70 6.54 -27.40
C TRP K 50 28.37 6.35 -26.04
N ALA K 51 27.64 6.71 -24.98
CA ALA K 51 27.98 6.48 -23.59
C ALA K 51 29.09 7.39 -23.07
N SER K 52 29.82 8.06 -23.95
CA SER K 52 30.78 9.05 -23.47
C SER K 52 30.99 10.24 -24.40
N LYS K 53 30.29 10.36 -25.52
CA LYS K 53 30.52 11.46 -26.44
C LYS K 53 29.70 12.67 -26.00
N ARG K 54 30.38 13.79 -25.77
CA ARG K 54 29.76 15.02 -25.32
C ARG K 54 29.14 15.73 -26.52
N HIS K 55 27.82 15.90 -26.49
CA HIS K 55 27.18 16.59 -27.61
C HIS K 55 27.68 18.02 -27.68
N THR K 56 27.68 18.57 -28.89
CA THR K 56 28.20 19.91 -29.12
C THR K 56 27.54 20.91 -28.19
N GLY K 57 28.36 21.74 -27.54
CA GLY K 57 27.89 22.80 -26.69
C GLY K 57 27.80 22.45 -25.23
N VAL K 58 27.71 21.16 -24.88
CA VAL K 58 27.57 20.77 -23.49
C VAL K 58 28.82 21.18 -22.71
N HIS K 59 28.61 21.77 -21.54
CA HIS K 59 29.72 22.24 -20.72
C HIS K 59 30.58 21.06 -20.29
N ASP K 60 31.88 21.31 -20.14
CA ASP K 60 32.85 20.24 -19.93
C ASP K 60 32.75 19.58 -18.57
N ARG K 61 31.85 20.02 -17.69
CA ARG K 61 31.65 19.34 -16.42
C ARG K 61 30.87 18.04 -16.56
N PHE K 62 30.10 17.89 -17.64
CA PHE K 62 29.37 16.66 -17.88
C PHE K 62 30.31 15.61 -18.47
N THR K 63 30.33 14.43 -17.87
CA THR K 63 31.24 13.36 -18.25
C THR K 63 30.46 12.05 -18.30
N GLY K 64 30.94 11.11 -19.10
CA GLY K 64 30.26 9.84 -19.30
C GLY K 64 31.22 8.67 -19.22
N THR K 65 30.77 7.61 -18.56
CA THR K 65 31.64 6.44 -18.31
C THR K 65 30.79 5.18 -18.35
N GLY K 66 31.07 4.28 -19.29
CA GLY K 66 30.35 3.03 -19.35
C GLY K 66 30.46 2.22 -20.63
N SER K 67 30.48 0.90 -20.47
CA SER K 67 30.13 -0.04 -21.52
C SER K 67 29.37 -1.19 -20.88
N GLY K 68 28.70 -1.98 -21.73
CA GLY K 68 28.03 -3.18 -21.26
C GLY K 68 26.68 -2.92 -20.63
N THR K 69 26.54 -3.25 -19.36
CA THR K 69 25.29 -3.08 -18.63
C THR K 69 25.34 -1.99 -17.57
N ASP K 70 26.45 -1.27 -17.45
CA ASP K 70 26.64 -0.30 -16.37
C ASP K 70 27.13 1.01 -16.96
N PHE K 71 26.36 2.07 -16.71
CA PHE K 71 26.64 3.39 -17.26
C PHE K 71 26.40 4.44 -16.19
N THR K 72 27.10 5.57 -16.32
CA THR K 72 27.10 6.58 -15.28
C THR K 72 27.29 7.96 -15.90
N LEU K 73 26.47 8.91 -15.48
CA LEU K 73 26.63 10.32 -15.81
C LEU K 73 27.20 11.03 -14.60
N THR K 74 28.24 11.83 -14.80
CA THR K 74 28.95 12.50 -13.72
C THR K 74 28.98 14.00 -13.98
N ILE K 75 28.47 14.78 -13.02
CA ILE K 75 28.46 16.23 -13.09
C ILE K 75 29.48 16.72 -12.06
N SER K 76 30.58 17.30 -12.55
CA SER K 76 31.73 17.58 -11.69
C SER K 76 31.46 18.72 -10.72
N THR K 77 30.90 19.82 -11.22
CA THR K 77 30.67 21.03 -10.41
C THR K 77 29.21 21.43 -10.62
N VAL K 78 28.33 20.89 -9.79
CA VAL K 78 26.91 21.16 -9.94
C VAL K 78 26.65 22.64 -9.69
N GLN K 79 25.94 23.26 -10.62
CA GLN K 79 25.46 24.63 -10.48
C GLN K 79 23.95 24.58 -10.19
N SER K 80 23.39 25.75 -9.87
CA SER K 80 21.94 25.83 -9.70
C SER K 80 21.23 25.45 -10.99
N GLU K 81 21.89 25.68 -12.13
CA GLU K 81 21.32 25.40 -13.44
C GLU K 81 21.07 23.91 -13.65
N ASP K 82 21.72 23.03 -12.88
CA ASP K 82 21.67 21.60 -13.13
C ASP K 82 20.66 20.86 -12.26
N LEU K 83 19.85 21.58 -11.50
CA LEU K 83 18.82 20.94 -10.66
C LEU K 83 17.63 20.61 -11.57
N ALA K 84 17.61 19.39 -12.08
CA ALA K 84 16.66 18.99 -13.12
C ALA K 84 16.58 17.48 -13.15
N ASP K 85 15.87 16.95 -14.15
CA ASP K 85 15.74 15.52 -14.35
C ASP K 85 16.82 15.02 -15.31
N TYR K 86 17.05 13.70 -15.29
CA TYR K 86 18.04 13.09 -16.16
C TYR K 86 17.58 11.69 -16.55
N PHE K 87 17.72 11.37 -17.84
CA PHE K 87 17.27 10.11 -18.38
C PHE K 87 18.39 9.46 -19.18
N CYS K 88 18.52 8.15 -19.03
CA CYS K 88 19.42 7.35 -19.86
C CYS K 88 18.62 6.61 -20.92
N GLN K 89 19.30 6.27 -22.02
CA GLN K 89 18.67 5.63 -23.17
C GLN K 89 19.51 4.44 -23.61
N GLN K 90 18.91 3.58 -24.43
CA GLN K 90 19.60 2.43 -25.02
C GLN K 90 19.19 2.36 -26.49
N TYR K 91 20.16 2.34 -27.39
CA TYR K 91 19.89 2.27 -28.83
C TYR K 91 20.68 1.14 -29.49
N SER K 92 20.59 -0.07 -28.91
CA SER K 92 21.18 -1.26 -29.51
C SER K 92 20.15 -2.10 -30.26
N ASN K 93 19.16 -2.64 -29.55
CA ASN K 93 18.09 -3.42 -30.17
C ASN K 93 16.97 -2.50 -30.66
N SER K 94 16.33 -1.83 -29.71
CA SER K 94 15.25 -0.90 -29.95
C SER K 94 15.61 0.37 -29.18
N LEU K 95 14.67 1.30 -29.03
CA LEU K 95 14.90 2.50 -28.24
C LEU K 95 14.19 2.34 -26.90
N THR K 96 14.98 2.08 -25.86
CA THR K 96 14.49 2.01 -24.49
C THR K 96 15.09 3.17 -23.72
N PHE K 97 14.25 3.88 -22.97
CA PHE K 97 14.70 4.89 -22.03
C PHE K 97 14.59 4.34 -20.61
N GLY K 98 15.29 5.00 -19.69
CA GLY K 98 15.13 4.74 -18.28
C GLY K 98 13.98 5.53 -17.70
N ALA K 99 13.72 5.31 -16.40
CA ALA K 99 12.62 5.96 -15.72
C ALA K 99 12.99 7.33 -15.14
N GLY K 100 14.27 7.68 -15.14
CA GLY K 100 14.68 9.04 -14.84
C GLY K 100 15.19 9.20 -13.41
N THR K 101 16.00 10.24 -13.23
CA THR K 101 16.54 10.62 -11.92
C THR K 101 16.51 12.14 -11.83
N THR K 102 16.13 12.65 -10.67
CA THR K 102 16.01 14.08 -10.44
C THR K 102 17.12 14.53 -9.50
N LEU K 103 17.61 15.74 -9.71
CA LEU K 103 18.74 16.26 -8.95
C LEU K 103 18.22 17.35 -8.01
N GLU K 104 18.20 17.05 -6.72
CA GLU K 104 17.70 17.93 -5.67
C GLU K 104 18.87 18.39 -4.81
N LEU K 105 18.66 19.47 -4.05
CA LEU K 105 19.68 19.98 -3.15
C LEU K 105 19.45 19.42 -1.75
N SER K 106 20.54 18.98 -1.12
CA SER K 106 20.45 18.46 0.24
C SER K 106 20.23 19.59 1.24
N ARG K 107 19.56 19.25 2.33
CA ARG K 107 19.42 20.15 3.47
C ARG K 107 19.28 19.30 4.73
N ALA K 108 19.21 19.95 5.87
CA ALA K 108 19.05 19.23 7.12
C ALA K 108 17.73 18.46 7.12
N ASP K 109 17.74 17.30 7.78
CA ASP K 109 16.52 16.54 7.95
C ASP K 109 15.48 17.39 8.69
N ALA K 110 14.22 17.22 8.31
CA ALA K 110 13.14 18.01 8.91
C ALA K 110 11.89 17.16 9.04
N ALA K 111 11.14 17.38 10.13
CA ALA K 111 9.91 16.66 10.39
C ALA K 111 8.75 17.31 9.64
N PRO K 112 7.78 16.50 9.20
CA PRO K 112 6.59 17.08 8.56
C PRO K 112 5.61 17.61 9.58
N THR K 113 4.99 18.74 9.26
CA THR K 113 3.89 19.28 10.04
C THR K 113 2.59 18.72 9.45
N VAL K 114 1.91 17.86 10.22
CA VAL K 114 0.83 17.04 9.73
C VAL K 114 -0.51 17.58 10.24
N SER K 115 -1.49 17.64 9.36
CA SER K 115 -2.82 18.10 9.71
C SER K 115 -3.86 17.24 8.99
N ILE K 116 -4.88 16.80 9.72
CA ILE K 116 -5.97 16.00 9.18
C ILE K 116 -7.25 16.80 9.28
N PHE K 117 -8.09 16.68 8.26
CA PHE K 117 -9.36 17.41 8.21
C PHE K 117 -10.50 16.46 7.88
N PRO K 118 -11.70 16.73 8.38
CA PRO K 118 -12.85 15.90 8.03
C PRO K 118 -13.46 16.34 6.71
N PRO K 119 -14.40 15.56 6.17
CA PRO K 119 -15.18 16.05 5.03
C PRO K 119 -15.98 17.29 5.43
N SER K 120 -16.13 18.21 4.49
CA SER K 120 -16.97 19.38 4.71
C SER K 120 -18.44 19.00 4.58
N SER K 121 -19.29 19.74 5.28
CA SER K 121 -20.73 19.49 5.18
C SER K 121 -21.20 19.62 3.74
N GLU K 122 -20.69 20.63 3.03
CA GLU K 122 -21.06 20.85 1.64
C GLU K 122 -20.93 19.57 0.82
N GLN K 123 -19.72 18.99 0.80
CA GLN K 123 -19.52 17.74 0.09
C GLN K 123 -20.45 16.66 0.61
N LEU K 124 -20.70 16.66 1.93
CA LEU K 124 -21.52 15.60 2.51
C LEU K 124 -22.97 15.65 2.02
N THR K 125 -23.50 16.84 1.77
CA THR K 125 -24.85 16.94 1.23
C THR K 125 -24.92 16.58 -0.26
N SER K 126 -23.77 16.39 -0.92
CA SER K 126 -23.73 15.93 -2.29
C SER K 126 -23.46 14.44 -2.42
N GLY K 127 -23.27 13.73 -1.32
CA GLY K 127 -23.11 12.29 -1.32
C GLY K 127 -21.69 11.79 -1.20
N GLY K 128 -20.69 12.66 -1.29
CA GLY K 128 -19.31 12.27 -1.16
C GLY K 128 -18.72 12.63 0.19
N ALA K 129 -17.50 12.14 0.43
CA ALA K 129 -16.81 12.39 1.68
C ALA K 129 -15.32 12.26 1.42
N SER K 130 -14.56 13.33 1.64
CA SER K 130 -13.11 13.35 1.44
C SER K 130 -12.45 13.73 2.75
N VAL K 131 -11.62 12.83 3.27
CA VAL K 131 -10.76 13.09 4.42
C VAL K 131 -9.39 13.48 3.90
N VAL K 132 -8.90 14.64 4.30
CA VAL K 132 -7.69 15.23 3.75
C VAL K 132 -6.65 15.37 4.84
N CYS K 133 -5.41 14.98 4.53
CA CYS K 133 -4.29 15.08 5.46
C CYS K 133 -3.13 15.75 4.75
N PHE K 134 -2.77 16.95 5.21
CA PHE K 134 -1.59 17.64 4.71
C PHE K 134 -0.38 17.26 5.55
N LEU K 135 0.75 17.04 4.89
CA LEU K 135 2.02 16.70 5.54
C LEU K 135 3.08 17.58 4.89
N ASN K 136 3.50 18.63 5.59
CA ASN K 136 4.18 19.75 4.97
C ASN K 136 5.59 19.95 5.51
N ASN K 137 6.45 20.48 4.64
CA ASN K 137 7.79 20.96 5.00
C ASN K 137 8.58 19.88 5.74
N PHE K 138 8.86 18.79 5.03
CA PHE K 138 9.73 17.73 5.52
C PHE K 138 10.83 17.46 4.51
N TYR K 139 11.90 16.84 5.00
CA TYR K 139 12.99 16.35 4.18
C TYR K 139 13.54 15.12 4.88
N PRO K 140 13.95 14.08 4.15
CA PRO K 140 13.87 13.90 2.69
C PRO K 140 12.48 13.57 2.16
N LYS K 141 12.33 13.54 0.84
CA LYS K 141 11.04 13.30 0.19
C LYS K 141 10.52 11.90 0.43
N ASP K 142 11.33 11.00 0.99
CA ASP K 142 10.90 9.63 1.26
C ASP K 142 10.01 9.64 2.49
N ILE K 143 8.71 9.40 2.28
CA ILE K 143 7.72 9.44 3.35
C ILE K 143 6.66 8.38 3.08
N ASN K 144 6.24 7.69 4.12
CA ASN K 144 5.15 6.71 4.03
C ASN K 144 3.96 7.22 4.83
N VAL K 145 2.79 7.16 4.23
CA VAL K 145 1.55 7.64 4.83
C VAL K 145 0.49 6.57 4.66
N LYS K 146 -0.14 6.17 5.77
CA LYS K 146 -1.18 5.15 5.75
C LYS K 146 -2.44 5.68 6.42
N TRP K 147 -3.58 5.34 5.81
CA TRP K 147 -4.89 5.72 6.34
C TRP K 147 -5.47 4.55 7.13
N LYS K 148 -5.97 4.86 8.32
CA LYS K 148 -6.54 3.84 9.22
C LYS K 148 -7.88 4.34 9.72
N ILE K 149 -8.93 3.55 9.50
CA ILE K 149 -10.28 3.86 9.93
C ILE K 149 -10.64 2.93 11.07
N ASP K 150 -11.08 3.49 12.19
CA ASP K 150 -11.43 2.70 13.36
C ASP K 150 -10.30 1.73 13.73
N GLY K 151 -9.06 2.18 13.54
CA GLY K 151 -7.89 1.36 13.78
C GLY K 151 -7.56 0.38 12.68
N SER K 152 -8.31 0.38 11.58
CA SER K 152 -8.13 -0.57 10.50
C SER K 152 -7.58 0.13 9.27
N GLU K 153 -6.50 -0.42 8.71
CA GLU K 153 -5.86 0.21 7.56
C GLU K 153 -6.81 0.27 6.37
N ARG K 154 -6.76 1.39 5.65
CA ARG K 154 -7.58 1.62 4.48
C ARG K 154 -6.67 2.11 3.36
N GLN K 155 -6.43 1.26 2.36
CA GLN K 155 -5.64 1.61 1.19
C GLN K 155 -6.50 2.07 0.03
N ASN K 156 -7.52 1.28 -0.33
CA ASN K 156 -8.39 1.62 -1.44
C ASN K 156 -9.10 2.92 -1.16
N GLY K 157 -8.96 3.88 -2.08
CA GLY K 157 -9.59 5.19 -1.95
C GLY K 157 -8.63 6.33 -1.68
N VAL K 158 -7.35 6.05 -1.48
CA VAL K 158 -6.36 7.08 -1.16
C VAL K 158 -5.78 7.65 -2.44
N LEU K 159 -5.66 8.98 -2.50
CA LEU K 159 -5.03 9.68 -3.62
C LEU K 159 -4.03 10.67 -3.05
N ASN K 160 -2.82 10.68 -3.60
CA ASN K 160 -1.71 11.46 -3.07
C ASN K 160 -1.15 12.40 -4.14
N SER K 161 -0.37 13.36 -3.69
CA SER K 161 0.23 14.36 -4.58
C SER K 161 1.32 15.10 -3.83
N TRP K 162 2.44 15.36 -4.52
CA TRP K 162 3.57 16.07 -3.93
C TRP K 162 3.82 17.37 -4.66
N THR K 163 4.39 18.33 -3.95
CA THR K 163 4.95 19.53 -4.56
C THR K 163 6.41 19.25 -4.94
N ASP K 164 6.96 20.14 -5.76
CA ASP K 164 8.39 20.09 -6.04
C ASP K 164 9.16 20.53 -4.79
N GLN K 165 10.49 20.43 -4.86
CA GLN K 165 11.30 20.89 -3.75
C GLN K 165 11.16 22.40 -3.64
N ASP K 166 10.71 22.88 -2.47
CA ASP K 166 10.50 24.31 -2.28
C ASP K 166 11.79 25.06 -2.59
N SER K 167 11.67 26.09 -3.43
CA SER K 167 12.85 26.76 -3.97
C SER K 167 13.54 27.68 -2.97
N LYS K 168 12.94 27.91 -1.81
CA LYS K 168 13.48 28.82 -0.80
C LYS K 168 13.70 28.14 0.53
N ASP K 169 13.06 27.01 0.78
CA ASP K 169 13.19 26.22 2.01
C ASP K 169 13.18 24.78 1.49
N SER K 170 14.38 24.24 1.21
CA SER K 170 14.47 23.10 0.31
C SER K 170 13.85 21.86 0.93
N THR K 171 12.54 21.89 1.11
CA THR K 171 11.76 20.81 1.70
C THR K 171 10.68 20.35 0.72
N TYR K 172 9.91 19.36 1.15
CA TYR K 172 8.83 18.79 0.36
C TYR K 172 7.56 18.76 1.20
N SER K 173 6.42 18.90 0.53
CA SER K 173 5.12 18.79 1.17
C SER K 173 4.26 17.82 0.37
N MET K 174 3.27 17.25 1.04
CA MET K 174 2.47 16.19 0.47
C MET K 174 1.02 16.33 0.90
N SER K 175 0.11 16.06 -0.02
CA SER K 175 -1.32 15.97 0.25
C SER K 175 -1.76 14.51 0.09
N SER K 176 -2.55 14.03 1.04
CA SER K 176 -3.14 12.70 0.97
C SER K 176 -4.63 12.82 1.22
N THR K 177 -5.42 12.28 0.29
CA THR K 177 -6.88 12.35 0.37
C THR K 177 -7.46 10.95 0.34
N LEU K 178 -8.33 10.65 1.30
CA LEU K 178 -9.12 9.43 1.32
C LEU K 178 -10.55 9.83 1.01
N THR K 179 -11.08 9.34 -0.11
CA THR K 179 -12.42 9.69 -0.55
C THR K 179 -13.34 8.50 -0.43
N LEU K 180 -14.51 8.72 0.17
CA LEU K 180 -15.53 7.70 0.37
C LEU K 180 -16.87 8.28 -0.08
N THR K 181 -17.91 7.45 -0.02
CA THR K 181 -19.25 7.98 -0.11
C THR K 181 -19.68 8.54 1.25
N LYS K 182 -20.67 9.41 1.22
CA LYS K 182 -21.25 9.92 2.46
C LYS K 182 -21.70 8.77 3.35
N ASP K 183 -22.43 7.82 2.76
CA ASP K 183 -22.98 6.72 3.55
C ASP K 183 -21.89 5.88 4.19
N GLU K 184 -20.71 5.79 3.55
CA GLU K 184 -19.60 5.11 4.19
C GLU K 184 -19.06 5.93 5.37
N TYR K 185 -18.74 7.20 5.12
CA TYR K 185 -18.11 8.02 6.15
C TYR K 185 -18.98 8.10 7.40
N GLU K 186 -20.27 8.29 7.23
CA GLU K 186 -21.18 8.49 8.35
C GLU K 186 -21.45 7.23 9.15
N ARG K 187 -20.79 6.11 8.85
CA ARG K 187 -20.89 4.89 9.65
C ARG K 187 -19.52 4.39 10.10
N HIS K 188 -18.58 5.32 10.27
CA HIS K 188 -17.31 5.06 10.94
C HIS K 188 -17.10 6.18 11.96
N ASN K 189 -16.31 5.89 13.00
CA ASN K 189 -16.07 6.87 14.06
C ASN K 189 -14.71 7.57 13.92
N SER K 190 -13.62 6.80 13.92
CA SER K 190 -12.28 7.35 14.03
C SER K 190 -11.59 7.35 12.67
N TYR K 191 -11.06 8.50 12.28
CA TYR K 191 -10.33 8.67 11.02
C TYR K 191 -8.95 9.20 11.36
N ALA K 192 -7.92 8.48 10.95
CA ALA K 192 -6.55 8.77 11.35
C ALA K 192 -5.64 8.84 10.14
N CYS K 193 -4.70 9.79 10.18
CA CYS K 193 -3.63 9.92 9.21
C CYS K 193 -2.33 9.58 9.91
N GLU K 194 -1.64 8.54 9.43
CA GLU K 194 -0.47 7.99 10.08
C GLU K 194 0.73 8.19 9.18
N ALA K 195 1.77 8.85 9.70
CA ALA K 195 2.94 9.21 8.92
C ALA K 195 4.19 8.68 9.59
N THR K 196 4.98 7.92 8.83
CA THR K 196 6.27 7.42 9.27
C THR K 196 7.36 8.07 8.40
N HIS K 197 8.46 8.43 9.05
CA HIS K 197 9.52 9.21 8.40
C HIS K 197 10.86 8.82 9.00
N LYS K 198 11.93 9.13 8.25
CA LYS K 198 13.26 8.71 8.67
C LYS K 198 13.66 9.29 10.02
N THR K 199 13.20 10.51 10.32
CA THR K 199 13.67 11.26 11.47
C THR K 199 12.79 11.08 12.71
N SER K 200 12.01 10.01 12.76
CA SER K 200 11.21 9.71 13.95
C SER K 200 11.10 8.19 14.08
N THR K 201 11.42 7.67 15.26
CA THR K 201 11.25 6.25 15.50
C THR K 201 9.79 5.85 15.34
N SER K 202 8.89 6.66 15.87
CA SER K 202 7.45 6.44 15.87
C SER K 202 6.79 7.28 14.79
N PRO K 203 5.57 6.94 14.40
CA PRO K 203 4.86 7.75 13.42
C PRO K 203 4.26 9.00 14.03
N ILE K 204 4.11 10.02 13.19
CA ILE K 204 3.28 11.17 13.55
C ILE K 204 1.84 10.83 13.22
N VAL K 205 0.95 10.98 14.20
CA VAL K 205 -0.44 10.57 14.06
C VAL K 205 -1.34 11.75 14.44
N LYS K 206 -2.23 12.12 13.53
CA LYS K 206 -3.25 13.14 13.76
C LYS K 206 -4.60 12.53 13.45
N SER K 207 -5.56 12.67 14.35
CA SER K 207 -6.83 11.98 14.22
C SER K 207 -7.96 12.88 14.72
N PHE K 208 -9.18 12.52 14.29
CA PHE K 208 -10.40 13.18 14.75
C PHE K 208 -11.50 12.13 14.81
N ASN K 209 -12.47 12.35 15.71
CA ASN K 209 -13.64 11.50 15.84
C ASN K 209 -14.86 12.23 15.30
N ARG K 210 -15.85 11.45 14.88
CA ARG K 210 -17.08 12.01 14.34
C ARG K 210 -18.16 12.05 15.42
N ASP L 1 59.59 19.93 -87.77
CA ASP L 1 59.01 18.97 -86.78
C ASP L 1 60.16 18.26 -86.07
N ILE L 2 59.87 17.12 -85.44
CA ILE L 2 60.90 16.29 -84.82
C ILE L 2 61.32 15.23 -85.82
N VAL L 3 62.64 15.11 -86.03
CA VAL L 3 63.20 14.14 -86.96
C VAL L 3 63.73 12.95 -86.19
N MET L 4 63.39 11.75 -86.65
CA MET L 4 63.95 10.51 -86.11
C MET L 4 64.90 9.95 -87.16
N THR L 5 66.18 9.88 -86.79
CA THR L 5 67.25 9.57 -87.74
C THR L 5 67.90 8.25 -87.38
N GLN L 6 67.95 7.34 -88.34
CA GLN L 6 68.63 6.05 -88.21
C GLN L 6 69.82 6.10 -89.15
N SER L 7 71.00 6.42 -88.60
CA SER L 7 72.15 6.77 -89.43
C SER L 7 72.60 5.60 -90.30
N HIS L 8 72.42 4.37 -89.83
CA HIS L 8 72.86 3.19 -90.55
C HIS L 8 71.64 2.54 -91.20
N LYS L 9 71.48 2.73 -92.51
CA LYS L 9 70.43 2.01 -93.21
C LYS L 9 70.68 0.50 -93.19
N PHE L 10 71.94 0.09 -93.07
CA PHE L 10 72.32 -1.32 -93.06
C PHE L 10 73.27 -1.58 -91.89
N MET L 11 72.93 -2.59 -91.09
CA MET L 11 73.80 -3.11 -90.05
C MET L 11 74.14 -4.55 -90.41
N SER L 12 75.42 -4.88 -90.41
CA SER L 12 75.89 -6.21 -90.78
C SER L 12 76.17 -7.02 -89.51
N THR L 13 75.81 -8.29 -89.55
CA THR L 13 75.83 -9.15 -88.38
C THR L 13 75.82 -10.60 -88.86
N SER L 14 75.59 -11.53 -87.94
CA SER L 14 75.45 -12.94 -88.29
C SER L 14 74.76 -13.66 -87.14
N VAL L 15 74.23 -14.84 -87.45
CA VAL L 15 73.46 -15.60 -86.46
C VAL L 15 74.32 -15.89 -85.26
N GLY L 16 73.79 -15.60 -84.07
CA GLY L 16 74.52 -15.75 -82.84
C GLY L 16 75.27 -14.51 -82.37
N ASP L 17 75.32 -13.46 -83.19
CA ASP L 17 76.05 -12.25 -82.86
C ASP L 17 75.13 -11.29 -82.11
N ARG L 18 75.63 -10.09 -81.83
CA ARG L 18 74.90 -9.05 -81.10
C ARG L 18 74.99 -7.75 -81.90
N VAL L 19 73.89 -7.01 -81.97
CA VAL L 19 73.78 -5.87 -82.87
C VAL L 19 73.27 -4.66 -82.12
N ASN L 20 73.79 -3.48 -82.47
CA ASN L 20 73.28 -2.20 -82.02
C ASN L 20 72.63 -1.49 -83.20
N ILE L 21 71.30 -1.40 -83.22
CA ILE L 21 70.59 -0.49 -84.11
C ILE L 21 70.29 0.77 -83.32
N THR L 22 70.71 1.92 -83.84
CA THR L 22 70.60 3.19 -83.14
C THR L 22 69.53 4.06 -83.78
N CYS L 23 69.11 5.09 -83.03
CA CYS L 23 68.14 6.05 -83.50
C CYS L 23 68.37 7.35 -82.73
N LYS L 24 68.43 8.46 -83.45
CA LYS L 24 68.72 9.76 -82.85
C LYS L 24 67.59 10.72 -83.20
N ALA L 25 67.12 11.47 -82.21
CA ALA L 25 66.03 12.42 -82.39
C ALA L 25 66.58 13.84 -82.26
N SER L 26 65.95 14.77 -82.99
CA SER L 26 66.42 16.14 -83.07
C SER L 26 65.96 17.02 -81.91
N GLN L 27 65.05 16.53 -81.09
CA GLN L 27 64.58 17.25 -79.91
C GLN L 27 64.45 16.25 -78.78
N ASP L 28 64.38 16.75 -77.55
CA ASP L 28 64.07 15.88 -76.42
C ASP L 28 62.69 15.26 -76.63
N VAL L 29 62.62 13.93 -76.56
CA VAL L 29 61.35 13.22 -76.71
C VAL L 29 61.10 12.38 -75.46
N GLY L 30 61.67 12.79 -74.35
CA GLY L 30 61.50 12.06 -73.10
C GLY L 30 61.94 10.62 -73.30
N ILE L 31 61.08 9.69 -72.91
CA ILE L 31 61.29 8.27 -73.20
C ILE L 31 60.18 7.79 -74.12
N ALA L 32 59.67 8.69 -74.96
CA ALA L 32 58.58 8.37 -75.89
C ALA L 32 59.18 7.90 -77.20
N VAL L 33 59.66 6.66 -77.20
CA VAL L 33 60.20 6.02 -78.40
C VAL L 33 59.71 4.57 -78.44
N ALA L 34 59.58 4.05 -79.67
CA ALA L 34 59.07 2.70 -79.87
C ALA L 34 59.73 2.10 -81.10
N TRP L 35 59.90 0.78 -81.08
CA TRP L 35 60.60 0.06 -82.14
C TRP L 35 59.64 -0.96 -82.77
N TYR L 36 59.76 -1.10 -84.09
CA TYR L 36 58.97 -2.07 -84.85
C TYR L 36 59.88 -2.89 -85.75
N GLN L 37 59.54 -4.17 -85.92
CA GLN L 37 60.16 -5.03 -86.91
C GLN L 37 59.19 -5.18 -88.07
N GLN L 38 59.72 -5.05 -89.30
CA GLN L 38 58.93 -5.27 -90.50
C GLN L 38 59.67 -6.26 -91.39
N ARG L 39 59.18 -7.48 -91.44
CA ARG L 39 59.76 -8.53 -92.28
C ARG L 39 59.38 -8.31 -93.74
N PRO L 40 60.21 -8.75 -94.68
CA PRO L 40 59.98 -8.41 -96.08
C PRO L 40 58.58 -8.79 -96.55
N GLY L 41 57.89 -7.84 -97.17
CA GLY L 41 56.54 -8.03 -97.64
C GLY L 41 55.48 -8.07 -96.56
N GLN L 42 55.86 -8.19 -95.30
CA GLN L 42 54.92 -8.34 -94.20
C GLN L 42 54.73 -7.03 -93.46
N SER L 43 53.75 -7.03 -92.57
CA SER L 43 53.41 -5.85 -91.79
C SER L 43 54.33 -5.71 -90.59
N PRO L 44 54.44 -4.51 -90.02
CA PRO L 44 55.29 -4.33 -88.83
C PRO L 44 54.77 -5.09 -87.60
N LYS L 45 55.71 -5.39 -86.71
CA LYS L 45 55.46 -6.02 -85.42
C LYS L 45 55.99 -5.07 -84.35
N LEU L 46 55.17 -4.78 -83.32
CA LEU L 46 55.64 -3.95 -82.23
C LEU L 46 56.64 -4.71 -81.39
N LEU L 47 57.79 -4.09 -81.10
CA LEU L 47 58.85 -4.70 -80.31
C LEU L 47 59.04 -4.00 -78.97
N ILE L 48 59.30 -2.69 -79.00
CA ILE L 48 59.63 -1.90 -77.82
C ILE L 48 58.79 -0.64 -77.84
N TYR L 49 58.36 -0.19 -76.66
CA TYR L 49 57.72 1.12 -76.53
C TYR L 49 58.00 1.66 -75.13
N TRP L 50 57.79 2.97 -74.98
CA TRP L 50 58.33 3.72 -73.85
C TRP L 50 59.84 3.53 -73.74
N ALA L 51 60.45 3.16 -74.87
CA ALA L 51 61.88 3.05 -75.08
C ALA L 51 62.53 1.85 -74.41
N SER L 52 61.81 1.17 -73.51
CA SER L 52 62.40 -0.04 -72.93
C SER L 52 61.42 -1.13 -72.52
N LYS L 53 60.12 -1.00 -72.71
CA LYS L 53 59.18 -2.05 -72.33
C LYS L 53 59.03 -3.02 -73.50
N ARG L 54 59.26 -4.30 -73.25
CA ARG L 54 59.00 -5.31 -74.26
C ARG L 54 57.50 -5.50 -74.39
N HIS L 55 56.98 -5.36 -75.61
CA HIS L 55 55.59 -5.67 -75.84
C HIS L 55 55.35 -7.16 -75.62
N THR L 56 54.11 -7.50 -75.27
CA THR L 56 53.77 -8.89 -74.97
C THR L 56 54.19 -9.80 -76.11
N GLY L 57 54.82 -10.93 -75.75
CA GLY L 57 55.21 -11.94 -76.71
C GLY L 57 56.60 -11.78 -77.28
N VAL L 58 57.24 -10.62 -77.10
CA VAL L 58 58.57 -10.39 -77.65
C VAL L 58 59.58 -11.20 -76.87
N HIS L 59 60.46 -11.89 -77.58
CA HIS L 59 61.50 -12.68 -76.93
C HIS L 59 62.48 -11.77 -76.20
N ASP L 60 63.11 -12.31 -75.16
CA ASP L 60 63.94 -11.51 -74.26
C ASP L 60 65.22 -11.01 -74.91
N ARG L 61 65.57 -11.48 -76.12
CA ARG L 61 66.77 -11.00 -76.78
C ARG L 61 66.62 -9.56 -77.25
N PHE L 62 65.40 -9.02 -77.30
CA PHE L 62 65.16 -7.65 -77.75
C PHE L 62 65.16 -6.73 -76.54
N THR L 63 66.27 -6.03 -76.33
CA THR L 63 66.42 -5.05 -75.26
C THR L 63 66.22 -3.65 -75.81
N GLY L 64 66.08 -2.68 -74.91
CA GLY L 64 65.91 -1.29 -75.30
C GLY L 64 66.56 -0.38 -74.29
N THR L 65 67.00 0.79 -74.75
CA THR L 65 67.85 1.67 -73.94
C THR L 65 67.82 3.07 -74.53
N GLY L 66 67.39 4.04 -73.75
CA GLY L 66 67.58 5.42 -74.13
C GLY L 66 66.61 6.36 -73.45
N SER L 67 66.97 7.64 -73.47
CA SER L 67 66.07 8.75 -73.15
C SER L 67 66.57 9.96 -73.95
N GLY L 68 65.75 11.00 -73.98
CA GLY L 68 66.14 12.25 -74.60
C GLY L 68 66.25 12.20 -76.11
N THR L 69 67.47 12.29 -76.63
CA THR L 69 67.72 12.29 -78.06
C THR L 69 68.40 11.02 -78.55
N ASP L 70 68.74 10.10 -77.67
CA ASP L 70 69.60 8.97 -78.02
C ASP L 70 68.93 7.67 -77.58
N PHE L 71 68.68 6.79 -78.55
CA PHE L 71 67.95 5.55 -78.30
C PHE L 71 68.57 4.44 -79.12
N THR L 72 68.41 3.20 -78.62
CA THR L 72 69.07 2.06 -79.23
C THR L 72 68.23 0.81 -79.03
N LEU L 73 68.20 -0.05 -80.04
CA LEU L 73 67.62 -1.38 -79.95
C LEU L 73 68.75 -2.39 -80.04
N THR L 74 68.74 -3.37 -79.12
CA THR L 74 69.82 -4.34 -79.01
C THR L 74 69.26 -5.75 -79.09
N ILE L 75 69.81 -6.53 -80.02
CA ILE L 75 69.43 -7.94 -80.20
C ILE L 75 70.61 -8.78 -79.75
N SER L 76 70.37 -9.70 -78.82
CA SER L 76 71.46 -10.42 -78.16
C SER L 76 71.96 -11.58 -79.00
N THR L 77 71.09 -12.55 -79.28
CA THR L 77 71.46 -13.73 -80.07
C THR L 77 70.60 -13.68 -81.33
N VAL L 78 71.08 -12.95 -82.33
CA VAL L 78 70.26 -12.67 -83.51
C VAL L 78 69.94 -13.96 -84.23
N GLN L 79 68.68 -14.14 -84.60
CA GLN L 79 68.21 -15.31 -85.31
C GLN L 79 68.13 -15.05 -86.81
N SER L 80 68.01 -16.14 -87.57
CA SER L 80 67.74 -16.02 -89.00
C SER L 80 66.51 -15.17 -89.24
N GLU L 81 65.48 -15.40 -88.43
CA GLU L 81 64.18 -14.75 -88.58
C GLU L 81 64.19 -13.28 -88.17
N ASP L 82 65.29 -12.79 -87.60
CA ASP L 82 65.42 -11.37 -87.27
C ASP L 82 65.98 -10.54 -88.41
N LEU L 83 66.39 -11.17 -89.50
CA LEU L 83 66.96 -10.45 -90.65
C LEU L 83 65.82 -9.73 -91.35
N ALA L 84 65.63 -8.46 -91.00
CA ALA L 84 64.43 -7.72 -91.37
C ALA L 84 64.72 -6.24 -91.20
N ASP L 85 63.67 -5.43 -91.27
CA ASP L 85 63.78 -3.99 -91.12
C ASP L 85 63.42 -3.58 -89.69
N TYR L 86 63.84 -2.37 -89.32
CA TYR L 86 63.65 -1.88 -87.96
C TYR L 86 63.45 -0.38 -88.00
N PHE L 87 62.35 0.09 -87.40
CA PHE L 87 61.97 1.49 -87.42
C PHE L 87 61.79 1.97 -85.99
N CYS L 88 62.44 3.09 -85.65
CA CYS L 88 62.19 3.77 -84.39
C CYS L 88 61.12 4.83 -84.60
N GLN L 89 60.36 5.10 -83.53
CA GLN L 89 59.21 5.98 -83.63
C GLN L 89 59.14 6.88 -82.40
N GLN L 90 58.95 8.18 -82.65
CA GLN L 90 58.81 9.18 -81.60
C GLN L 90 57.34 9.56 -81.48
N TYR L 91 56.82 9.51 -80.26
CA TYR L 91 55.44 9.92 -79.96
C TYR L 91 55.41 10.87 -78.78
N SER L 92 56.32 11.86 -78.79
CA SER L 92 56.35 12.90 -77.76
C SER L 92 55.46 14.07 -78.13
N ASN L 93 55.74 14.72 -79.26
CA ASN L 93 54.99 15.89 -79.71
C ASN L 93 53.87 15.50 -80.65
N SER L 94 54.23 14.91 -81.79
CA SER L 94 53.32 14.26 -82.71
C SER L 94 54.01 12.94 -83.05
N LEU L 95 53.53 12.22 -84.06
CA LEU L 95 54.11 10.94 -84.41
C LEU L 95 55.02 11.10 -85.63
N THR L 96 56.33 11.05 -85.39
CA THR L 96 57.33 10.95 -86.44
C THR L 96 58.00 9.59 -86.35
N PHE L 97 58.25 8.98 -87.51
CA PHE L 97 58.95 7.72 -87.60
C PHE L 97 60.37 7.95 -88.11
N GLY L 98 61.22 6.95 -87.89
CA GLY L 98 62.51 6.93 -88.54
C GLY L 98 62.40 6.42 -89.97
N ALA L 99 63.49 6.56 -90.71
CA ALA L 99 63.54 6.12 -92.09
C ALA L 99 63.96 4.66 -92.24
N GLY L 100 64.20 3.97 -91.13
CA GLY L 100 64.36 2.53 -91.15
C GLY L 100 65.82 2.10 -91.16
N THR L 101 66.05 0.88 -90.69
CA THR L 101 67.36 0.23 -90.73
C THR L 101 67.14 -1.24 -91.04
N THR L 102 67.91 -1.76 -91.99
CA THR L 102 67.82 -3.15 -92.42
C THR L 102 68.97 -3.94 -91.82
N LEU L 103 68.67 -5.17 -91.38
CA LEU L 103 69.67 -6.03 -90.75
C LEU L 103 70.07 -7.11 -91.75
N GLU L 104 71.28 -7.00 -92.30
CA GLU L 104 71.79 -7.95 -93.26
C GLU L 104 72.62 -9.04 -92.55
N LEU L 105 73.19 -9.93 -93.35
CA LEU L 105 74.13 -10.94 -92.87
C LEU L 105 75.52 -10.59 -93.39
N SER L 106 76.54 -10.78 -92.55
CA SER L 106 77.89 -10.43 -92.94
C SER L 106 78.44 -11.45 -93.93
N ARG L 107 79.37 -10.99 -94.77
CA ARG L 107 79.97 -11.84 -95.79
C ARG L 107 81.35 -11.28 -96.11
N ALA L 108 82.20 -12.13 -96.67
CA ALA L 108 83.48 -11.66 -97.19
C ALA L 108 83.25 -10.64 -98.29
N ASP L 109 84.17 -9.67 -98.38
CA ASP L 109 84.08 -8.66 -99.43
C ASP L 109 84.10 -9.34 -100.79
N ALA L 110 83.32 -8.81 -101.72
CA ALA L 110 83.20 -9.38 -103.05
C ALA L 110 83.05 -8.26 -104.07
N ALA L 111 83.77 -8.39 -105.22
CA ALA L 111 83.67 -7.40 -106.27
C ALA L 111 82.62 -7.82 -107.29
N PRO L 112 81.95 -6.86 -107.92
CA PRO L 112 80.88 -7.21 -108.87
C PRO L 112 81.41 -7.61 -110.23
N THR L 113 80.76 -8.63 -110.81
CA THR L 113 80.88 -8.86 -112.24
C THR L 113 80.04 -7.82 -112.95
N VAL L 114 80.65 -7.13 -113.93
CA VAL L 114 80.04 -5.96 -114.55
C VAL L 114 79.97 -6.14 -116.05
N SER L 115 78.81 -5.87 -116.62
CA SER L 115 78.58 -5.93 -118.06
C SER L 115 77.81 -4.70 -118.48
N ILE L 116 78.16 -4.13 -119.63
CA ILE L 116 77.44 -3.01 -120.22
C ILE L 116 76.87 -3.45 -121.55
N PHE L 117 75.65 -3.03 -121.85
CA PHE L 117 74.93 -3.47 -123.03
C PHE L 117 74.45 -2.27 -123.84
N PRO L 118 74.57 -2.31 -125.16
CA PRO L 118 74.04 -1.22 -125.99
C PRO L 118 72.54 -1.35 -126.15
N PRO L 119 71.86 -0.28 -126.58
CA PRO L 119 70.42 -0.41 -126.87
C PRO L 119 70.18 -1.34 -128.04
N SER L 120 69.09 -2.10 -127.95
CA SER L 120 68.76 -3.05 -129.00
C SER L 120 68.22 -2.32 -130.23
N SER L 121 68.31 -2.99 -131.38
CA SER L 121 67.77 -2.43 -132.61
C SER L 121 66.27 -2.19 -132.49
N GLU L 122 65.57 -3.08 -131.79
CA GLU L 122 64.12 -2.95 -131.65
C GLU L 122 63.76 -1.62 -131.00
N GLN L 123 64.35 -1.33 -129.84
CA GLN L 123 64.05 -0.08 -129.15
C GLN L 123 64.43 1.12 -130.03
N LEU L 124 65.55 1.03 -130.74
CA LEU L 124 65.98 2.13 -131.59
C LEU L 124 64.98 2.37 -132.71
N THR L 125 64.41 1.31 -133.28
CA THR L 125 63.37 1.49 -134.29
C THR L 125 62.17 2.25 -133.73
N SER L 126 61.90 2.11 -132.43
CA SER L 126 60.76 2.75 -131.79
C SER L 126 61.07 4.15 -131.26
N GLY L 127 62.31 4.61 -131.39
CA GLY L 127 62.66 5.98 -131.05
C GLY L 127 63.42 6.17 -129.77
N GLY L 128 63.53 5.14 -128.94
CA GLY L 128 64.26 5.23 -127.68
C GLY L 128 65.58 4.48 -127.72
N ALA L 129 66.32 4.62 -126.61
CA ALA L 129 67.62 3.96 -126.48
C ALA L 129 67.94 3.84 -125.01
N SER L 130 68.07 2.60 -124.52
CA SER L 130 68.46 2.33 -123.15
C SER L 130 69.81 1.63 -123.15
N VAL L 131 70.79 2.21 -122.47
CA VAL L 131 72.09 1.60 -122.26
C VAL L 131 72.07 0.96 -120.87
N VAL L 132 72.25 -0.34 -120.81
CA VAL L 132 72.03 -1.12 -119.59
C VAL L 132 73.35 -1.70 -119.11
N CYS L 133 73.62 -1.52 -117.82
CA CYS L 133 74.81 -2.07 -117.16
C CYS L 133 74.36 -2.90 -115.97
N PHE L 134 74.83 -4.15 -115.90
CA PHE L 134 74.58 -5.01 -114.76
C PHE L 134 75.83 -5.06 -113.89
N LEU L 135 75.62 -5.11 -112.57
CA LEU L 135 76.71 -5.20 -111.60
C LEU L 135 76.24 -6.22 -110.56
N ASN L 136 76.78 -7.44 -110.64
CA ASN L 136 76.18 -8.58 -109.96
C ASN L 136 77.13 -9.22 -108.96
N ASN L 137 76.55 -9.72 -107.86
CA ASN L 137 77.23 -10.53 -106.87
C ASN L 137 78.44 -9.80 -106.27
N PHE L 138 78.13 -8.73 -105.54
CA PHE L 138 79.13 -7.97 -104.81
C PHE L 138 78.68 -7.74 -103.39
N TYR L 139 79.65 -7.50 -102.50
CA TYR L 139 79.41 -7.14 -101.11
C TYR L 139 80.56 -6.25 -100.70
N PRO L 140 80.33 -5.22 -99.86
CA PRO L 140 79.05 -4.76 -99.29
C PRO L 140 78.14 -4.02 -100.27
N LYS L 141 76.92 -3.70 -99.83
CA LYS L 141 75.94 -3.10 -100.73
C LYS L 141 76.35 -1.70 -101.17
N ASP L 142 77.13 -0.99 -100.37
CA ASP L 142 77.54 0.36 -100.74
C ASP L 142 78.32 0.31 -102.05
N ILE L 143 77.79 0.95 -103.09
CA ILE L 143 78.42 0.98 -104.39
C ILE L 143 78.07 2.31 -105.07
N ASN L 144 79.04 2.87 -105.79
CA ASN L 144 78.83 4.08 -106.56
C ASN L 144 78.98 3.75 -108.04
N VAL L 145 77.96 4.11 -108.83
CA VAL L 145 77.97 3.93 -110.27
C VAL L 145 77.76 5.31 -110.91
N LYS L 146 78.50 5.56 -111.98
CA LYS L 146 78.43 6.84 -112.66
C LYS L 146 78.60 6.62 -114.16
N TRP L 147 77.68 7.17 -114.94
CA TRP L 147 77.66 6.97 -116.38
C TRP L 147 78.45 8.06 -117.08
N LYS L 148 79.21 7.66 -118.10
CA LYS L 148 79.99 8.58 -118.91
C LYS L 148 79.64 8.39 -120.38
N ILE L 149 79.51 9.50 -121.09
CA ILE L 149 79.32 9.49 -122.54
C ILE L 149 80.49 10.24 -123.16
N ASP L 150 81.26 9.55 -123.99
CA ASP L 150 82.47 10.11 -124.59
C ASP L 150 83.40 10.66 -123.52
N GLY L 151 83.44 9.98 -122.37
CA GLY L 151 84.28 10.38 -121.26
C GLY L 151 83.68 11.46 -120.38
N SER L 152 82.49 11.95 -120.68
CA SER L 152 81.84 13.01 -119.91
C SER L 152 80.71 12.41 -119.10
N GLU L 153 80.74 12.64 -117.79
CA GLU L 153 79.78 12.02 -116.89
C GLU L 153 78.36 12.45 -117.23
N ARG L 154 77.44 11.49 -117.17
CA ARG L 154 76.04 11.69 -117.53
C ARG L 154 75.19 11.32 -116.33
N GLN L 155 74.44 12.29 -115.80
CA GLN L 155 73.60 12.06 -114.62
C GLN L 155 72.13 11.88 -114.99
N ASN L 156 71.53 12.87 -115.64
CA ASN L 156 70.11 12.78 -115.96
C ASN L 156 69.85 11.60 -116.89
N GLY L 157 68.82 10.81 -116.55
CA GLY L 157 68.47 9.63 -117.30
C GLY L 157 68.91 8.31 -116.71
N VAL L 158 69.64 8.34 -115.59
CA VAL L 158 70.15 7.11 -114.98
C VAL L 158 69.14 6.61 -113.96
N LEU L 159 68.66 5.39 -114.17
CA LEU L 159 67.74 4.73 -113.24
C LEU L 159 68.44 3.50 -112.68
N ASN L 160 68.33 3.31 -111.36
CA ASN L 160 69.01 2.23 -110.66
C ASN L 160 68.00 1.33 -109.97
N SER L 161 68.44 0.12 -109.63
CA SER L 161 67.61 -0.84 -108.91
C SER L 161 68.46 -1.95 -108.32
N TRP L 162 68.21 -2.30 -107.06
CA TRP L 162 68.94 -3.36 -106.38
C TRP L 162 68.02 -4.53 -106.06
N THR L 163 68.63 -5.70 -105.93
CA THR L 163 67.97 -6.84 -105.31
C THR L 163 68.29 -6.85 -103.82
N ASP L 164 67.58 -7.68 -103.08
CA ASP L 164 67.93 -7.92 -101.69
C ASP L 164 69.13 -8.86 -101.62
N GLN L 165 69.65 -9.05 -100.40
CA GLN L 165 70.78 -9.95 -100.24
C GLN L 165 70.39 -11.36 -100.66
N ASP L 166 71.34 -12.07 -101.25
CA ASP L 166 71.07 -13.41 -101.75
C ASP L 166 70.91 -14.40 -100.59
N SER L 167 70.25 -15.52 -100.87
CA SER L 167 70.02 -16.55 -99.88
C SER L 167 71.08 -17.65 -99.90
N LYS L 168 72.01 -17.63 -100.84
CA LYS L 168 73.13 -18.55 -100.83
C LYS L 168 74.47 -17.87 -101.03
N ASP L 169 74.54 -16.88 -101.92
CA ASP L 169 75.76 -16.11 -102.11
C ASP L 169 75.83 -14.94 -101.14
N SER L 170 74.71 -14.56 -100.52
CA SER L 170 74.62 -13.43 -99.62
C SER L 170 75.35 -12.21 -100.20
N THR L 171 75.20 -11.99 -101.51
CA THR L 171 75.75 -10.84 -102.21
C THR L 171 74.62 -9.97 -102.74
N TYR L 172 74.98 -8.75 -103.13
CA TYR L 172 74.04 -7.80 -103.71
C TYR L 172 74.36 -7.62 -105.19
N SER L 173 73.32 -7.39 -105.98
CA SER L 173 73.45 -7.13 -107.40
C SER L 173 72.67 -5.86 -107.71
N MET L 174 73.09 -5.16 -108.77
CA MET L 174 72.55 -3.85 -109.06
C MET L 174 72.45 -3.66 -110.56
N SER L 175 71.29 -3.17 -111.02
CA SER L 175 71.09 -2.77 -112.40
C SER L 175 71.11 -1.25 -112.50
N SER L 176 71.78 -0.75 -113.53
CA SER L 176 71.84 0.69 -113.79
C SER L 176 71.56 0.91 -115.27
N THR L 177 70.49 1.65 -115.57
CA THR L 177 70.07 1.90 -116.94
C THR L 177 70.11 3.38 -117.21
N LEU L 178 70.70 3.76 -118.35
CA LEU L 178 70.67 5.12 -118.86
C LEU L 178 69.79 5.12 -120.10
N THR L 179 68.79 6.00 -120.12
CA THR L 179 67.84 6.06 -121.22
C THR L 179 67.98 7.38 -121.96
N LEU L 180 68.10 7.30 -123.28
CA LEU L 180 68.20 8.46 -124.16
C LEU L 180 67.24 8.24 -125.33
N THR L 181 67.01 9.30 -126.09
CA THR L 181 66.31 9.14 -127.35
C THR L 181 67.24 8.48 -128.37
N LYS L 182 66.64 7.95 -129.44
CA LYS L 182 67.43 7.43 -130.54
C LYS L 182 68.41 8.48 -131.05
N ASP L 183 67.94 9.71 -131.21
CA ASP L 183 68.78 10.76 -131.77
C ASP L 183 69.97 11.07 -130.86
N GLU L 184 69.73 11.16 -129.55
CA GLU L 184 70.83 11.37 -128.62
C GLU L 184 71.87 10.25 -128.73
N TYR L 185 71.40 9.01 -128.65
CA TYR L 185 72.32 7.87 -128.62
C TYR L 185 73.21 7.86 -129.86
N GLU L 186 72.66 8.20 -131.02
CA GLU L 186 73.38 8.13 -132.28
C GLU L 186 74.23 9.37 -132.54
N ARG L 187 74.47 10.21 -131.54
CA ARG L 187 75.36 11.35 -131.66
C ARG L 187 76.66 11.20 -130.88
N HIS L 188 76.80 10.13 -130.10
CA HIS L 188 78.00 9.86 -129.33
C HIS L 188 78.59 8.51 -129.73
N ASN L 189 79.88 8.33 -129.47
CA ASN L 189 80.57 7.08 -129.80
C ASN L 189 80.77 6.19 -128.58
N SER L 190 81.44 6.68 -127.55
CA SER L 190 81.80 5.86 -126.40
C SER L 190 80.74 5.97 -125.32
N TYR L 191 80.28 4.82 -124.84
CA TYR L 191 79.33 4.71 -123.74
C TYR L 191 79.91 3.74 -122.73
N ALA L 192 79.84 4.10 -121.44
CA ALA L 192 80.51 3.28 -120.44
C ALA L 192 79.79 3.38 -119.10
N CYS L 193 79.94 2.31 -118.33
CA CYS L 193 79.42 2.17 -116.97
C CYS L 193 80.62 2.06 -116.04
N GLU L 194 80.73 2.98 -115.09
CA GLU L 194 81.91 3.10 -114.24
C GLU L 194 81.47 3.00 -112.79
N ALA L 195 82.09 2.08 -112.04
CA ALA L 195 81.72 1.83 -110.66
C ALA L 195 82.95 1.74 -109.79
N THR L 196 82.88 2.38 -108.62
CA THR L 196 83.90 2.31 -107.60
C THR L 196 83.35 1.55 -106.40
N HIS L 197 84.19 0.74 -105.77
CA HIS L 197 83.73 -0.16 -104.71
C HIS L 197 84.91 -0.45 -103.80
N LYS L 198 84.61 -0.89 -102.58
CA LYS L 198 85.64 -1.03 -101.56
C LYS L 198 86.76 -1.97 -102.02
N THR L 199 86.46 -2.91 -102.91
CA THR L 199 87.45 -3.92 -103.30
C THR L 199 88.55 -3.35 -104.19
N SER L 200 88.45 -2.11 -104.65
CA SER L 200 89.51 -1.53 -105.46
C SER L 200 89.39 -0.02 -105.57
N THR L 201 90.48 0.69 -105.24
CA THR L 201 90.54 2.12 -105.52
C THR L 201 90.57 2.41 -107.00
N SER L 202 90.90 1.40 -107.82
CA SER L 202 90.80 1.53 -109.27
C SER L 202 89.41 1.05 -109.67
N PRO L 203 88.55 1.92 -110.21
CA PRO L 203 87.18 1.50 -110.50
C PRO L 203 87.12 0.50 -111.64
N ILE L 204 85.97 -0.15 -111.75
CA ILE L 204 85.70 -1.11 -112.81
C ILE L 204 84.92 -0.39 -113.91
N VAL L 205 85.45 -0.43 -115.13
CA VAL L 205 84.86 0.27 -116.26
C VAL L 205 84.62 -0.72 -117.39
N LYS L 206 83.40 -0.74 -117.91
CA LYS L 206 83.02 -1.54 -119.07
C LYS L 206 82.46 -0.59 -120.13
N SER L 207 82.85 -0.79 -121.38
CA SER L 207 82.56 0.20 -122.41
C SER L 207 82.31 -0.48 -123.75
N PHE L 208 81.70 0.29 -124.66
CA PHE L 208 81.51 -0.10 -126.04
C PHE L 208 81.49 1.16 -126.90
N ASN L 209 81.75 0.97 -128.19
CA ASN L 209 81.75 2.06 -129.16
C ASN L 209 80.72 1.78 -130.25
N ARG L 210 80.69 2.64 -131.26
CA ARG L 210 79.78 2.49 -132.38
C ARG L 210 80.56 2.51 -133.71
#